data_8F2B
#
_entry.id   8F2B
#
_cell.length_a   1.00
_cell.length_b   1.00
_cell.length_c   1.00
_cell.angle_alpha   90.00
_cell.angle_beta   90.00
_cell.angle_gamma   90.00
#
_symmetry.space_group_name_H-M   'P 1'
#
loop_
_entity.id
_entity.type
_entity.pdbx_description
1 polymer 'Guanine nucleotide-binding protein G(s) subunit alpha isoforms short'
2 polymer 'Guanine nucleotide-binding protein G(I)/G(S)/G(T) subunit beta-1'
3 polymer 'Guanine nucleotide-binding protein G(I)/G(S)/G(O) subunit gamma-2'
4 polymer 'nanobody 35'
5 polymer 'Receptor activity-modifying protein 3'
6 polymer 'pramlintide analogue San45'
7 polymer 'Calcitonin receptor'
8 non-polymer 'N-hexadecanoyl-L-glutamic acid'
9 non-polymer 2-acetamido-2-deoxy-beta-D-glucopyranose
10 non-polymer 'PALMITIC ACID'
11 non-polymer '(2S)-2-{[(1R)-1-hydroxyhexadecyl]oxy}-3-{[(1R)-1-hydroxyoctadecyl]oxy}propyl 2-(trimethylammonio)ethyl phosphate'
12 non-polymer 'CHOLESTEROL HEMISUCCINATE'
13 water water
#
loop_
_entity_poly.entity_id
_entity_poly.type
_entity_poly.pdbx_seq_one_letter_code
_entity_poly.pdbx_strand_id
1 'polypeptide(L)'
;MGCLGNSKTEDQRNEEKAQREANKKIEKQLQKDKQVYRATHRLLLLGAGESGKNTIVKQMRILHVNGFNGEGGEEDPQAA
RSNSDGEKATKVQDIKNNLKEAIETIVAAMSNLVPPVELANPENQFRVDYILSVMNVPDFDFPPEFYEHAKALWEDEGVR
ACYERSNEYQLIDCAQYFLDKIDVIKQADYVPSDQDLLRCRVLTSGIFETKFQVDKVNFHMFDVGAQRDERRKWIQCFND
VTAIIFVVASSSYNMVIREDNQTNRLQAALKLFDSIWNNKWLRDTSVILFLNKQDLLAEKVLAGKSKIEDYFPEFARYTT
PEDATPEPGEDPRVTRAKYFIRDEFLRISTASGDGRHYCYPHFTCAVDTENIRRVFNDCRDIIQRMHLRQYELL
;
A
2 'polypeptide(L)'
;MHHHHHHGSSGSELDQLRQEAEQLKNQIRDARKACADATLSQITNNIDPVGRIQMRTRRTLRGHLAKIYAMHWGTDSRLL
VSASQDGKLIIWDSYTTNKVHAIPLRSSWVMTCAYAPSGNYVACGGLDNICSIYNLKTREGNVRVSRELAGHTGYLSCCR
FLDDNQIVTSSGDTTCALWDIETGQQTTTFTGHTGDVMSLSLAPDTRLFVSGACDASAKLWDVREGMCRQTFTGHESDIN
AICFFPNGNAFATGSDDATCRLFDLRADQELMTYSHDNIICGITSVSFSKSGRLLLAGYDDFNCNVWDALKADRAGVLAG
HDNRVSCLGVTDDGMAVATGSWDSFLKIWN
;
B
3 'polypeptide(L)' MASNNTASIAQARKLVEQLKMEANIDRIKVSKAAADLMAYCEAHAKEDPLLTPVPASENPFREKKFFCAIL G
4 'polypeptide(L)'
;QVQLQESGGGLVQPGGSLRLSCAASGFTFSNYKMNWVRQAPGKGLEWVSDISQSGASISYTGSVKGRFTISRDNAKNTLY
LQMNSLKPEDTAVYYCARCPAPFTRDCFDVTSTTYAYRGQGTQVTVSSHHHHHHEPEA
;
N
5 'polypeptide(L)'
;MKTIIALSYIFCLVFADYKDDDDKRAGGCNETGMLERLPLCGKAFADMMGKVDVWKWCNLSEFIVYYESFTNCTEMEANV
VGCYWPNPLAQGFITGIHRQFFSNCTVDRVHLEDPPDEVLIPLIVIPVVLTVAMAGLVVWRSKRTDTLL
;
E
6 'polypeptide(L)' KCNTATCATQRLANFLVHSSKNFGPILPPTNVGSNTY(NH2) P
7 'polypeptide(L)'
;MKTIIALSYIFCLVFADYKDDDDLEVLFQGPAAFSNQTYPTIEPKPFLYVVGRKKMMDAQYKCYDRMQQLPAYQGEGPYC
NRTWDGWLCWDDTPAGVLSYQFCPDYFPDFDPSEKVTKYCDEKGVWFKHPENNRTWSNYTMCNAFTPEKLKNAYVLYYLA
IVGHSLSIFTLVISLGIFVFFRSLGCQRVTLHKNMFLTYILNSMIIIIHLVEVVPNGELVRRDPVSCKILHFFHQYMMAC
NYFWMLCEGIYLHTLIVVAVFTEKQRLRWYYLLGWGFPLVPTTIHAITRAVYFNDNCWLSVETHLLYIIHGPVMAALVVN
FFFLLNIVRVLVTKMRETHEAESHMYLKAVKATMILVPLLGIQFVVFPWRPSNKMLGKIYDYVMHSLIHFQGFFVATIYC
FCNNEVQTTVKRQWAQFKIQWNQRWGRRPSNRSARAAAAAAEAGDIPIYICHQELRNEPANNQGEESAEIIPLNIIEQES
SAPAGLEVLFQGPHHHHHHHH
;
R
#
loop_
_chem_comp.id
_chem_comp.type
_chem_comp.name
_chem_comp.formula
D6M non-polymer 'N-hexadecanoyl-L-glutamic acid' 'C21 H39 N O5'
NAG D-saccharide, beta linking 2-acetamido-2-deoxy-beta-D-glucopyranose 'C8 H15 N O6'
NH2 non-polymer 'AMINO GROUP' 'H2 N'
P42 non-polymer '(2S)-2-{[(1R)-1-hydroxyhexadecyl]oxy}-3-{[(1R)-1-hydroxyoctadecyl]oxy}propyl 2-(trimethylammonio)ethyl phosphate' 'C42 H88 N O8 P'
PLM non-polymer 'PALMITIC ACID' 'C16 H32 O2'
Y01 non-polymer 'CHOLESTEROL HEMISUCCINATE' 'C31 H50 O4'
#
# COMPACT_ATOMS: atom_id res chain seq x y z
N ASP A 11 28.30 27.49 25.89
CA ASP A 11 28.62 26.08 25.63
C ASP A 11 27.36 25.27 25.34
N GLN A 12 26.25 25.98 25.10
CA GLN A 12 25.02 25.29 24.72
C GLN A 12 25.13 24.73 23.29
N ARG A 13 25.99 25.31 22.46
CA ARG A 13 26.23 24.76 21.14
C ARG A 13 27.09 23.50 21.20
N ASN A 14 27.88 23.36 22.26
CA ASN A 14 28.69 22.15 22.40
C ASN A 14 27.85 20.95 22.82
N GLU A 15 26.77 21.17 23.57
CA GLU A 15 25.88 20.08 23.94
C GLU A 15 24.93 19.74 22.80
N GLU A 16 24.46 20.75 22.07
CA GLU A 16 23.56 20.50 20.94
C GLU A 16 24.26 19.82 19.78
N LYS A 17 25.59 19.97 19.67
CA LYS A 17 26.33 19.25 18.64
C LYS A 17 26.69 17.84 19.11
N ALA A 18 26.87 17.65 20.41
CA ALA A 18 27.11 16.31 20.93
C ALA A 18 25.84 15.47 20.92
N GLN A 19 24.67 16.12 21.01
CA GLN A 19 23.42 15.38 20.94
C GLN A 19 23.07 14.98 19.52
N ARG A 20 23.42 15.82 18.54
CA ARG A 20 23.18 15.47 17.14
C ARG A 20 24.15 14.38 16.67
N GLU A 21 25.35 14.33 17.25
CA GLU A 21 26.28 13.27 16.90
C GLU A 21 25.84 11.93 17.46
N ALA A 22 25.32 11.92 18.69
CA ALA A 22 24.81 10.68 19.27
C ALA A 22 23.55 10.21 18.54
N ASN A 23 22.72 11.15 18.08
CA ASN A 23 21.52 10.77 17.34
C ASN A 23 21.87 10.19 15.98
N LYS A 24 22.94 10.67 15.36
CA LYS A 24 23.34 10.12 14.06
C LYS A 24 23.91 8.71 14.20
N LYS A 25 24.60 8.44 15.30
CA LYS A 25 25.12 7.10 15.53
C LYS A 25 24.01 6.12 15.89
N ILE A 26 22.93 6.62 16.50
CA ILE A 26 21.79 5.74 16.82
C ILE A 26 21.02 5.39 15.55
N GLU A 27 20.76 6.38 14.69
CA GLU A 27 20.03 6.10 13.46
C GLU A 27 20.82 5.24 12.49
N LYS A 28 22.15 5.20 12.62
CA LYS A 28 22.94 4.27 11.83
C LYS A 28 22.73 2.83 12.30
N GLN A 29 22.61 2.63 13.61
CA GLN A 29 22.32 1.30 14.14
C GLN A 29 20.88 0.89 13.87
N LEU A 30 19.96 1.85 13.89
CA LEU A 30 18.55 1.52 13.61
C LEU A 30 18.36 1.11 12.15
N GLN A 31 19.18 1.64 11.24
CA GLN A 31 19.09 1.21 9.85
C GLN A 31 19.55 -0.22 9.67
N LYS A 32 20.54 -0.66 10.44
CA LYS A 32 20.97 -2.05 10.39
C LYS A 32 19.95 -2.98 11.02
N ASP A 33 19.29 -2.51 12.09
CA ASP A 33 18.25 -3.32 12.73
C ASP A 33 17.02 -3.43 11.85
N LYS A 34 16.77 -2.44 11.00
CA LYS A 34 15.63 -2.51 10.09
C LYS A 34 15.82 -3.58 9.02
N GLN A 35 17.07 -3.80 8.59
CA GLN A 35 17.32 -4.85 7.60
C GLN A 35 17.06 -6.23 8.17
N VAL A 36 17.50 -6.48 9.41
CA VAL A 36 17.30 -7.79 10.03
C VAL A 36 15.83 -8.00 10.38
N TYR A 37 15.15 -6.95 10.84
CA TYR A 37 13.76 -7.08 11.25
C TYR A 37 12.85 -7.32 10.05
N ARG A 38 13.05 -6.55 8.97
CA ARG A 38 12.19 -6.68 7.79
C ARG A 38 12.45 -7.97 7.03
N ALA A 39 13.62 -8.59 7.22
CA ALA A 39 13.93 -9.84 6.54
C ALA A 39 13.41 -11.06 7.28
N THR A 40 13.37 -11.01 8.60
CA THR A 40 12.87 -12.14 9.39
C THR A 40 11.35 -12.16 9.36
N HIS A 41 10.80 -13.36 9.21
CA HIS A 41 9.35 -13.57 9.19
C HIS A 41 8.94 -14.22 10.51
N ARG A 42 8.11 -13.52 11.27
CA ARG A 42 7.70 -13.97 12.59
C ARG A 42 6.43 -14.80 12.50
N LEU A 43 6.38 -15.89 13.27
CA LEU A 43 5.25 -16.79 13.29
C LEU A 43 4.81 -17.04 14.72
N LEU A 44 3.51 -17.25 14.90
CA LEU A 44 2.93 -17.60 16.20
C LEU A 44 2.41 -19.03 16.14
N LEU A 45 2.89 -19.88 17.03
CA LEU A 45 2.47 -21.27 17.10
C LEU A 45 1.45 -21.41 18.22
N LEU A 46 0.21 -21.71 17.86
CA LEU A 46 -0.88 -21.91 18.80
C LEU A 46 -1.40 -23.33 18.69
N GLY A 47 -1.68 -23.95 19.83
CA GLY A 47 -2.21 -25.29 19.85
C GLY A 47 -3.36 -25.46 20.82
N ALA A 48 -3.76 -26.70 21.04
CA ALA A 48 -4.84 -27.01 21.97
C ALA A 48 -4.37 -28.04 22.98
N GLY A 49 -5.30 -28.59 23.76
CA GLY A 49 -4.97 -29.63 24.71
C GLY A 49 -4.51 -30.90 24.05
N GLU A 50 -3.25 -31.27 24.27
CA GLU A 50 -2.64 -32.47 23.67
C GLU A 50 -2.78 -32.46 22.15
N SER A 51 -2.29 -31.39 21.53
CA SER A 51 -2.40 -31.23 20.09
C SER A 51 -1.20 -31.77 19.32
N GLY A 52 -0.02 -31.76 19.93
CA GLY A 52 1.18 -32.20 19.27
C GLY A 52 2.11 -31.10 18.79
N LYS A 53 1.86 -29.85 19.18
CA LYS A 53 2.72 -28.76 18.76
C LYS A 53 4.12 -28.87 19.35
N ASN A 54 4.24 -29.42 20.56
CA ASN A 54 5.55 -29.55 21.19
C ASN A 54 6.46 -30.50 20.42
N THR A 55 5.87 -31.51 19.77
CA THR A 55 6.68 -32.43 18.95
C THR A 55 7.13 -31.76 17.67
N ILE A 56 6.29 -30.88 17.10
CA ILE A 56 6.68 -30.16 15.89
C ILE A 56 7.82 -29.19 16.20
N VAL A 57 7.78 -28.56 17.37
CA VAL A 57 8.89 -27.70 17.78
C VAL A 57 10.14 -28.52 18.06
N LYS A 58 9.96 -29.68 18.71
CA LYS A 58 11.09 -30.58 18.95
C LYS A 58 11.69 -31.05 17.63
N GLN A 59 10.89 -31.15 16.58
CA GLN A 59 11.39 -31.45 15.25
C GLN A 59 11.89 -30.21 14.51
N MET A 60 12.02 -29.09 15.22
CA MET A 60 12.51 -27.84 14.65
C MET A 60 11.67 -27.39 13.46
N THR A 204 8.09 -19.50 34.74
CA THR A 204 9.41 -19.03 34.36
C THR A 204 9.36 -18.30 33.02
N SER A 205 9.66 -19.01 31.93
CA SER A 205 9.66 -18.41 30.61
C SER A 205 8.23 -18.23 30.13
N GLY A 206 7.88 -16.99 29.79
CA GLY A 206 6.54 -16.70 29.31
C GLY A 206 6.32 -16.97 27.84
N ILE A 207 7.39 -16.97 27.04
CA ILE A 207 7.30 -17.24 25.61
C ILE A 207 8.59 -17.90 25.16
N PHE A 208 8.48 -18.81 24.21
CA PHE A 208 9.61 -19.56 23.69
C PHE A 208 9.83 -19.20 22.22
N GLU A 209 11.10 -19.06 21.84
CA GLU A 209 11.48 -18.65 20.51
C GLU A 209 12.23 -19.78 19.80
N THR A 210 11.91 -19.98 18.52
CA THR A 210 12.58 -20.96 17.69
C THR A 210 12.95 -20.30 16.37
N LYS A 211 14.23 -20.29 16.05
CA LYS A 211 14.74 -19.69 14.83
C LYS A 211 15.23 -20.77 13.87
N PHE A 212 14.80 -20.71 12.62
CA PHE A 212 15.23 -21.67 11.61
C PHE A 212 15.24 -20.99 10.25
N GLN A 213 15.98 -21.58 9.32
CA GLN A 213 16.14 -21.06 7.97
C GLN A 213 15.61 -22.06 6.96
N VAL A 214 14.92 -21.56 5.95
CA VAL A 214 14.44 -22.37 4.83
C VAL A 214 14.73 -21.59 3.56
N ASP A 215 15.62 -22.11 2.72
CA ASP A 215 16.01 -21.45 1.47
C ASP A 215 16.55 -20.06 1.73
N LYS A 216 17.44 -19.95 2.73
CA LYS A 216 18.10 -18.71 3.16
C LYS A 216 17.12 -17.67 3.69
N VAL A 217 15.85 -18.03 3.88
CA VAL A 217 14.86 -17.13 4.46
C VAL A 217 14.81 -17.37 5.97
N ASN A 218 14.90 -16.29 6.75
CA ASN A 218 14.91 -16.38 8.20
C ASN A 218 13.49 -16.42 8.73
N PHE A 219 13.23 -17.40 9.60
CA PHE A 219 11.93 -17.55 10.26
C PHE A 219 12.12 -17.51 11.76
N HIS A 220 11.19 -16.87 12.46
CA HIS A 220 11.24 -16.73 13.91
C HIS A 220 9.86 -17.13 14.47
N MET A 221 9.76 -18.37 14.91
CA MET A 221 8.50 -18.91 15.43
C MET A 221 8.46 -18.76 16.94
N PHE A 222 7.32 -18.30 17.46
CA PHE A 222 7.14 -18.06 18.88
C PHE A 222 6.06 -18.97 19.42
N ASP A 223 6.32 -19.54 20.60
CA ASP A 223 5.39 -20.43 21.27
C ASP A 223 5.12 -19.91 22.66
N VAL A 224 3.85 -19.85 23.04
CA VAL A 224 3.46 -19.32 24.33
C VAL A 224 3.76 -20.36 25.42
N GLY A 225 4.38 -19.90 26.50
CA GLY A 225 4.72 -20.78 27.60
C GLY A 225 3.84 -20.58 28.82
N ALA A 226 4.34 -19.86 29.82
CA ALA A 226 3.63 -19.68 31.08
C ALA A 226 2.64 -18.51 30.96
N GLN A 227 1.52 -18.80 30.31
CA GLN A 227 0.41 -17.86 30.20
C GLN A 227 -0.89 -18.59 30.53
N ARG A 228 -1.80 -17.88 31.19
CA ARG A 228 -3.08 -18.46 31.55
C ARG A 228 -3.90 -18.76 30.30
N ASP A 229 -4.98 -19.53 30.49
CA ASP A 229 -5.83 -19.93 29.38
C ASP A 229 -6.63 -18.78 28.78
N GLU A 230 -6.62 -17.60 29.42
CA GLU A 230 -7.27 -16.43 28.85
C GLU A 230 -6.34 -15.78 27.83
N ARG A 231 -6.80 -15.71 26.57
CA ARG A 231 -5.97 -15.26 25.48
C ARG A 231 -6.39 -13.91 24.90
N ARG A 232 -7.53 -13.36 25.31
CA ARG A 232 -8.09 -12.20 24.61
C ARG A 232 -7.22 -10.96 24.74
N LYS A 233 -6.21 -10.96 25.61
CA LYS A 233 -5.36 -9.81 25.80
C LYS A 233 -3.98 -9.97 25.16
N TRP A 234 -3.28 -11.06 25.45
CA TRP A 234 -1.93 -11.22 24.92
C TRP A 234 -1.91 -11.66 23.46
N ILE A 235 -3.03 -12.15 22.93
CA ILE A 235 -3.06 -12.56 21.53
C ILE A 235 -3.05 -11.36 20.61
N GLN A 236 -3.35 -10.16 21.12
CA GLN A 236 -3.30 -8.96 20.30
C GLN A 236 -1.87 -8.56 19.96
N CYS A 237 -0.88 -9.09 20.68
CA CYS A 237 0.51 -8.78 20.38
C CYS A 237 0.95 -9.36 19.04
N PHE A 238 0.25 -10.36 18.53
CA PHE A 238 0.65 -11.09 17.33
C PHE A 238 -0.21 -10.72 16.13
N ASN A 239 -0.58 -9.45 16.03
CA ASN A 239 -1.39 -8.98 14.91
C ASN A 239 -0.58 -8.70 13.66
N ASP A 240 0.76 -8.66 13.77
CA ASP A 240 1.62 -8.34 12.64
C ASP A 240 2.50 -9.51 12.23
N VAL A 241 2.27 -10.70 12.76
CA VAL A 241 3.04 -11.87 12.34
C VAL A 241 2.63 -12.26 10.93
N THR A 242 3.50 -13.03 10.26
CA THR A 242 3.21 -13.48 8.91
C THR A 242 2.05 -14.46 8.90
N ALA A 243 2.01 -15.40 9.83
CA ALA A 243 0.95 -16.39 9.91
C ALA A 243 0.86 -16.95 11.31
N ILE A 244 -0.31 -17.46 11.66
CA ILE A 244 -0.53 -18.16 12.92
C ILE A 244 -0.65 -19.64 12.61
N ILE A 245 0.25 -20.44 13.19
CA ILE A 245 0.23 -21.89 13.00
C ILE A 245 -0.69 -22.48 14.08
N PHE A 246 -1.87 -22.91 13.67
CA PHE A 246 -2.88 -23.45 14.58
C PHE A 246 -2.88 -24.97 14.45
N VAL A 247 -2.35 -25.64 15.47
CA VAL A 247 -2.24 -27.10 15.48
C VAL A 247 -3.46 -27.68 16.18
N VAL A 248 -4.14 -28.60 15.51
CA VAL A 248 -5.34 -29.25 16.03
C VAL A 248 -5.14 -30.76 15.98
N ALA A 249 -5.49 -31.43 17.06
CA ALA A 249 -5.43 -32.89 17.13
C ALA A 249 -6.74 -33.46 16.61
N SER A 250 -6.71 -33.99 15.38
CA SER A 250 -7.90 -34.57 14.78
C SER A 250 -8.18 -35.96 15.34
N ASN A 264 -15.01 -33.24 24.14
CA ASN A 264 -14.86 -32.90 22.73
C ASN A 264 -13.79 -31.82 22.55
N ARG A 265 -12.53 -32.27 22.42
CA ARG A 265 -11.45 -31.31 22.21
C ARG A 265 -11.50 -30.71 20.81
N LEU A 266 -12.11 -31.42 19.85
CA LEU A 266 -12.20 -30.90 18.50
C LEU A 266 -13.15 -29.71 18.42
N GLN A 267 -14.29 -29.78 19.13
CA GLN A 267 -15.21 -28.66 19.14
C GLN A 267 -14.59 -27.45 19.83
N ALA A 268 -13.73 -27.69 20.83
CA ALA A 268 -13.04 -26.58 21.48
C ALA A 268 -12.08 -25.89 20.54
N ALA A 269 -11.40 -26.65 19.67
CA ALA A 269 -10.50 -26.06 18.71
C ALA A 269 -11.26 -25.27 17.65
N LEU A 270 -12.45 -25.72 17.29
CA LEU A 270 -13.28 -24.98 16.33
C LEU A 270 -13.72 -23.65 16.92
N LYS A 271 -14.05 -23.62 18.21
CA LYS A 271 -14.43 -22.36 18.84
C LYS A 271 -13.24 -21.43 18.97
N LEU A 272 -12.06 -21.98 19.25
CA LEU A 272 -10.86 -21.15 19.32
C LEU A 272 -10.47 -20.62 17.95
N PHE A 273 -10.63 -21.45 16.90
CA PHE A 273 -10.33 -20.99 15.55
C PHE A 273 -11.29 -19.89 15.12
N ASP A 274 -12.55 -19.97 15.53
CA ASP A 274 -13.52 -18.92 15.21
C ASP A 274 -13.14 -17.60 15.88
N SER A 275 -12.69 -17.66 17.13
CA SER A 275 -12.32 -16.44 17.84
C SER A 275 -11.08 -15.79 17.22
N ILE A 276 -10.12 -16.61 16.77
CA ILE A 276 -8.92 -16.06 16.14
C ILE A 276 -9.26 -15.48 14.77
N TRP A 277 -10.15 -16.16 14.03
CA TRP A 277 -10.46 -15.73 12.68
C TRP A 277 -11.29 -14.45 12.67
N ASN A 278 -12.14 -14.25 13.68
CA ASN A 278 -13.06 -13.12 13.70
C ASN A 278 -12.62 -12.00 14.63
N ASN A 279 -11.45 -12.12 15.26
CA ASN A 279 -10.94 -11.04 16.10
C ASN A 279 -10.61 -9.83 15.24
N LYS A 280 -10.93 -8.64 15.75
CA LYS A 280 -10.78 -7.42 14.95
C LYS A 280 -9.31 -7.10 14.69
N TRP A 281 -8.40 -7.54 15.57
CA TRP A 281 -6.99 -7.25 15.38
C TRP A 281 -6.26 -8.34 14.61
N LEU A 282 -6.84 -9.53 14.49
CA LEU A 282 -6.27 -10.62 13.73
C LEU A 282 -6.96 -10.81 12.37
N ARG A 283 -7.71 -9.80 11.92
CA ARG A 283 -8.46 -9.92 10.68
C ARG A 283 -7.56 -9.94 9.45
N ASP A 284 -6.34 -9.42 9.55
CA ASP A 284 -5.39 -9.40 8.45
C ASP A 284 -4.31 -10.46 8.59
N THR A 285 -4.44 -11.36 9.55
CA THR A 285 -3.44 -12.40 9.82
C THR A 285 -3.94 -13.74 9.28
N SER A 286 -3.12 -14.39 8.46
CA SER A 286 -3.48 -15.69 7.93
C SER A 286 -3.19 -16.78 8.96
N VAL A 287 -3.80 -17.93 8.74
CA VAL A 287 -3.69 -19.06 9.66
C VAL A 287 -3.25 -20.28 8.87
N ILE A 288 -2.14 -20.89 9.29
CA ILE A 288 -1.70 -22.16 8.74
C ILE A 288 -2.23 -23.26 9.66
N LEU A 289 -3.24 -23.98 9.19
CA LEU A 289 -3.95 -24.96 10.00
C LEU A 289 -3.30 -26.32 9.82
N PHE A 290 -2.75 -26.86 10.89
CA PHE A 290 -2.14 -28.20 10.90
C PHE A 290 -3.11 -29.16 11.56
N LEU A 291 -3.85 -29.91 10.74
CA LEU A 291 -4.71 -30.96 11.27
C LEU A 291 -3.84 -32.15 11.65
N ASN A 292 -3.38 -32.16 12.90
CA ASN A 292 -2.36 -33.09 13.35
C ASN A 292 -2.97 -34.43 13.75
N LYS A 293 -2.10 -35.39 14.04
CA LYS A 293 -2.49 -36.73 14.50
C LYS A 293 -3.42 -37.41 13.50
N GLN A 294 -3.04 -37.34 12.22
CA GLN A 294 -3.81 -38.02 11.19
C GLN A 294 -3.66 -39.53 11.27
N ASP A 295 -2.53 -40.00 11.80
CA ASP A 295 -2.34 -41.45 11.96
C ASP A 295 -3.24 -42.00 13.05
N LEU A 296 -3.40 -41.26 14.16
CA LEU A 296 -4.29 -41.71 15.22
C LEU A 296 -5.76 -41.64 14.79
N LEU A 297 -6.10 -40.70 13.90
CA LEU A 297 -7.47 -40.63 13.40
C LEU A 297 -7.81 -41.86 12.57
N ALA A 298 -6.84 -42.38 11.83
CA ALA A 298 -7.09 -43.56 11.00
C ALA A 298 -7.38 -44.79 11.85
N GLU A 299 -6.57 -45.02 12.89
CA GLU A 299 -6.76 -46.19 13.74
C GLU A 299 -8.10 -46.16 14.45
N LYS A 300 -8.60 -44.97 14.80
CA LYS A 300 -9.87 -44.88 15.50
C LYS A 300 -11.04 -45.14 14.55
N VAL A 301 -10.98 -44.60 13.34
CA VAL A 301 -12.05 -44.83 12.37
C VAL A 301 -12.05 -46.27 11.90
N LEU A 302 -10.86 -46.84 11.67
CA LEU A 302 -10.78 -48.23 11.22
C LEU A 302 -11.35 -49.19 12.27
N ALA A 303 -11.10 -48.89 13.55
CA ALA A 303 -11.63 -49.73 14.62
C ALA A 303 -13.15 -49.60 14.71
N GLY A 304 -13.64 -48.36 14.86
CA GLY A 304 -15.07 -48.13 14.91
C GLY A 304 -15.68 -48.16 16.29
N LYS A 305 -14.91 -47.88 17.34
CA LYS A 305 -15.45 -47.94 18.69
C LYS A 305 -16.34 -46.75 18.98
N SER A 306 -15.86 -45.54 18.70
CA SER A 306 -16.60 -44.31 18.94
C SER A 306 -16.84 -43.61 17.61
N LYS A 307 -18.11 -43.39 17.28
CA LYS A 307 -18.49 -42.80 16.00
C LYS A 307 -18.48 -41.28 16.08
N ILE A 308 -17.99 -40.64 15.01
CA ILE A 308 -18.00 -39.19 14.93
C ILE A 308 -19.42 -38.67 14.84
N GLU A 309 -20.35 -39.48 14.32
CA GLU A 309 -21.74 -39.05 14.19
C GLU A 309 -22.36 -38.75 15.55
N ASP A 310 -21.86 -39.36 16.62
CA ASP A 310 -22.38 -39.07 17.95
C ASP A 310 -21.97 -37.68 18.43
N TYR A 311 -20.88 -37.14 17.91
CA TYR A 311 -20.43 -35.80 18.25
C TYR A 311 -20.58 -34.81 17.10
N PHE A 312 -20.80 -35.31 15.88
CA PHE A 312 -21.05 -34.45 14.72
C PHE A 312 -22.15 -35.10 13.90
N PRO A 313 -23.41 -34.75 14.18
CA PRO A 313 -24.53 -35.41 13.47
C PRO A 313 -24.52 -35.20 11.97
N GLU A 314 -23.90 -34.11 11.48
CA GLU A 314 -23.84 -33.88 10.05
C GLU A 314 -22.83 -34.77 9.34
N PHE A 315 -22.10 -35.61 10.08
CA PHE A 315 -21.15 -36.52 9.44
C PHE A 315 -21.85 -37.65 8.70
N ALA A 316 -23.04 -38.05 9.17
CA ALA A 316 -23.79 -39.10 8.49
C ALA A 316 -24.31 -38.66 7.13
N ARG A 317 -24.50 -37.35 6.92
CA ARG A 317 -24.93 -36.81 5.65
C ARG A 317 -23.78 -36.28 4.82
N TYR A 318 -22.54 -36.45 5.27
CA TYR A 318 -21.38 -35.89 4.60
C TYR A 318 -20.84 -36.86 3.54
N THR A 319 -20.37 -36.30 2.44
CA THR A 319 -19.74 -37.06 1.37
C THR A 319 -18.37 -36.48 1.09
N THR A 320 -17.42 -37.34 0.75
CA THR A 320 -16.08 -36.87 0.44
C THR A 320 -16.11 -35.99 -0.80
N PRO A 321 -15.50 -34.81 -0.76
CA PRO A 321 -15.54 -33.92 -1.93
C PRO A 321 -14.80 -34.53 -3.11
N GLU A 322 -15.22 -34.13 -4.31
CA GLU A 322 -14.58 -34.63 -5.53
C GLU A 322 -13.19 -34.05 -5.72
N ASP A 323 -12.88 -32.91 -5.10
CA ASP A 323 -11.56 -32.30 -5.18
C ASP A 323 -10.58 -32.87 -4.17
N ALA A 324 -10.89 -34.02 -3.58
CA ALA A 324 -10.03 -34.61 -2.57
C ALA A 324 -8.84 -35.32 -3.21
N THR A 325 -7.75 -35.41 -2.45
CA THR A 325 -6.52 -36.09 -2.89
C THR A 325 -6.12 -37.10 -1.83
N PRO A 326 -6.78 -38.25 -1.80
CA PRO A 326 -6.45 -39.27 -0.79
C PRO A 326 -5.23 -40.08 -1.20
N GLU A 327 -4.38 -40.36 -0.22
CA GLU A 327 -3.25 -41.24 -0.46
C GLU A 327 -3.77 -42.64 -0.77
N PRO A 328 -3.28 -43.29 -1.84
CA PRO A 328 -3.86 -44.58 -2.26
C PRO A 328 -3.77 -45.68 -1.22
N GLY A 329 -3.14 -45.45 -0.07
CA GLY A 329 -3.09 -46.45 0.97
C GLY A 329 -4.31 -46.46 1.87
N GLU A 330 -4.84 -45.29 2.19
CA GLU A 330 -5.94 -45.19 3.13
C GLU A 330 -7.27 -45.54 2.44
N ASP A 331 -8.22 -46.01 3.24
CA ASP A 331 -9.54 -46.39 2.77
C ASP A 331 -10.49 -45.19 2.81
N PRO A 332 -11.61 -45.25 2.08
CA PRO A 332 -12.52 -44.09 2.03
C PRO A 332 -13.09 -43.70 3.38
N ARG A 333 -13.10 -44.59 4.37
CA ARG A 333 -13.60 -44.21 5.68
C ARG A 333 -12.70 -43.18 6.35
N VAL A 334 -11.38 -43.33 6.20
CA VAL A 334 -10.46 -42.36 6.78
C VAL A 334 -10.48 -41.05 5.99
N THR A 335 -10.57 -41.15 4.66
CA THR A 335 -10.61 -39.95 3.84
C THR A 335 -11.87 -39.14 4.10
N ARG A 336 -13.01 -39.81 4.30
CA ARG A 336 -14.25 -39.11 4.59
C ARG A 336 -14.19 -38.44 5.96
N ALA A 337 -13.50 -39.06 6.92
CA ALA A 337 -13.44 -38.51 8.26
C ALA A 337 -12.50 -37.31 8.34
N LYS A 338 -11.34 -37.39 7.71
CA LYS A 338 -10.37 -36.31 7.81
C LYS A 338 -10.75 -35.11 6.95
N TYR A 339 -11.50 -35.32 5.86
CA TYR A 339 -11.96 -34.21 5.05
C TYR A 339 -13.20 -33.54 5.64
N PHE A 340 -13.99 -34.27 6.44
CA PHE A 340 -15.08 -33.65 7.17
C PHE A 340 -14.57 -32.69 8.24
N ILE A 341 -13.51 -33.09 8.96
CA ILE A 341 -12.93 -32.23 9.98
C ILE A 341 -12.34 -30.98 9.33
N ARG A 342 -11.72 -31.13 8.16
CA ARG A 342 -11.18 -29.97 7.45
C ARG A 342 -12.30 -29.04 7.00
N ASP A 343 -13.43 -29.60 6.57
CA ASP A 343 -14.55 -28.77 6.14
C ASP A 343 -15.19 -28.03 7.31
N GLU A 344 -15.05 -28.56 8.52
CA GLU A 344 -15.54 -27.85 9.70
C GLU A 344 -14.78 -26.55 9.91
N PHE A 345 -13.46 -26.58 9.72
CA PHE A 345 -12.66 -25.36 9.85
C PHE A 345 -12.83 -24.46 8.64
N LEU A 346 -13.00 -25.02 7.44
CA LEU A 346 -13.13 -24.20 6.25
C LEU A 346 -14.47 -23.48 6.20
N ARG A 347 -15.51 -24.02 6.85
CA ARG A 347 -16.78 -23.32 6.92
C ARG A 347 -16.65 -22.03 7.72
N ILE A 348 -15.80 -22.04 8.74
CA ILE A 348 -15.54 -20.82 9.50
C ILE A 348 -14.74 -19.83 8.66
N SER A 349 -13.75 -20.32 7.92
CA SER A 349 -12.87 -19.43 7.17
C SER A 349 -13.57 -18.83 5.95
N THR A 350 -14.37 -19.63 5.25
CA THR A 350 -15.07 -19.13 4.08
C THR A 350 -16.28 -18.26 4.41
N ALA A 351 -16.70 -18.23 5.68
CA ALA A 351 -17.84 -17.41 6.07
C ALA A 351 -17.43 -15.95 6.27
N SER A 352 -16.17 -15.70 6.63
CA SER A 352 -15.68 -14.35 6.88
C SER A 352 -14.43 -14.03 6.07
N GLY A 353 -14.15 -14.78 5.01
CA GLY A 353 -12.99 -14.49 4.19
C GLY A 353 -13.29 -13.51 3.07
N ASP A 354 -12.95 -12.25 3.30
CA ASP A 354 -13.19 -11.18 2.33
C ASP A 354 -11.95 -10.80 1.55
N GLY A 355 -10.84 -11.52 1.72
CA GLY A 355 -9.59 -11.20 1.05
C GLY A 355 -8.51 -10.65 1.95
N ARG A 356 -8.82 -10.39 3.22
CA ARG A 356 -7.80 -9.90 4.15
C ARG A 356 -6.81 -11.01 4.50
N HIS A 357 -7.31 -12.22 4.75
CA HIS A 357 -6.49 -13.33 5.20
C HIS A 357 -7.08 -14.63 4.69
N TYR A 358 -6.25 -15.65 4.61
CA TYR A 358 -6.66 -16.95 4.12
C TYR A 358 -6.23 -18.04 5.10
N CYS A 359 -6.84 -19.22 4.95
CA CYS A 359 -6.54 -20.37 5.77
C CYS A 359 -5.89 -21.45 4.91
N TYR A 360 -4.80 -22.02 5.40
CA TYR A 360 -4.03 -23.03 4.69
C TYR A 360 -4.07 -24.33 5.48
N PRO A 361 -5.02 -25.21 5.20
CA PRO A 361 -5.13 -26.46 5.96
C PRO A 361 -4.21 -27.53 5.43
N HIS A 362 -3.64 -28.31 6.35
CA HIS A 362 -2.74 -29.40 6.01
C HIS A 362 -3.01 -30.59 6.93
N PHE A 363 -3.01 -31.79 6.34
CA PHE A 363 -3.07 -33.03 7.12
C PHE A 363 -1.65 -33.40 7.51
N THR A 364 -1.33 -33.24 8.79
CA THR A 364 0.04 -33.37 9.27
C THR A 364 0.15 -34.45 10.32
N CYS A 365 1.34 -35.03 10.43
CA CYS A 365 1.75 -35.83 11.57
C CYS A 365 2.85 -35.09 12.32
N ALA A 366 2.92 -35.33 13.62
CA ALA A 366 3.83 -34.55 14.46
C ALA A 366 5.29 -34.79 14.10
N VAL A 367 5.60 -35.94 13.52
CA VAL A 367 6.98 -36.30 13.19
C VAL A 367 7.29 -36.12 11.71
N ASP A 368 6.40 -35.48 10.96
CA ASP A 368 6.62 -35.29 9.53
C ASP A 368 7.73 -34.27 9.30
N THR A 369 8.56 -34.54 8.29
CA THR A 369 9.59 -33.62 7.86
C THR A 369 9.09 -32.60 6.85
N GLU A 370 7.83 -32.70 6.44
CA GLU A 370 7.24 -31.78 5.46
C GLU A 370 6.60 -30.56 6.12
N ASN A 371 6.59 -30.50 7.45
CA ASN A 371 5.90 -29.40 8.12
C ASN A 371 6.62 -28.07 7.93
N ILE A 372 7.96 -28.10 7.99
CA ILE A 372 8.72 -26.87 7.78
C ILE A 372 8.58 -26.38 6.35
N ARG A 373 8.56 -27.29 5.38
CA ARG A 373 8.36 -26.90 3.99
C ARG A 373 6.94 -26.40 3.75
N ARG A 374 5.96 -26.93 4.50
CA ARG A 374 4.59 -26.45 4.36
C ARG A 374 4.46 -25.01 4.82
N VAL A 375 5.11 -24.65 5.92
CA VAL A 375 5.05 -23.29 6.43
C VAL A 375 5.76 -22.34 5.46
N PHE A 376 6.86 -22.79 4.86
CA PHE A 376 7.58 -21.96 3.90
C PHE A 376 6.73 -21.69 2.67
N ASN A 377 6.06 -22.72 2.14
CA ASN A 377 5.25 -22.55 0.95
C ASN A 377 4.03 -21.69 1.21
N ASP A 378 3.43 -21.80 2.41
CA ASP A 378 2.27 -20.98 2.74
C ASP A 378 2.68 -19.53 2.97
N CYS A 379 3.85 -19.31 3.59
CA CYS A 379 4.32 -17.94 3.82
C CYS A 379 4.67 -17.25 2.51
N ARG A 380 5.20 -17.99 1.54
CA ARG A 380 5.45 -17.41 0.23
C ARG A 380 4.15 -17.02 -0.47
N ASP A 381 3.09 -17.80 -0.25
CA ASP A 381 1.79 -17.47 -0.82
C ASP A 381 1.19 -16.25 -0.13
N ILE A 382 1.40 -16.10 1.18
CA ILE A 382 0.87 -14.96 1.91
C ILE A 382 1.56 -13.68 1.46
N ILE A 383 2.89 -13.70 1.35
CA ILE A 383 3.62 -12.52 0.92
C ILE A 383 3.28 -12.18 -0.53
N GLN A 384 3.03 -13.19 -1.36
CA GLN A 384 2.63 -12.94 -2.73
C GLN A 384 1.28 -12.23 -2.80
N ARG A 385 0.31 -12.71 -2.01
CA ARG A 385 -1.01 -12.07 -2.00
C ARG A 385 -0.96 -10.69 -1.38
N MET A 386 -0.04 -10.46 -0.44
CA MET A 386 0.12 -9.12 0.11
C MET A 386 0.64 -8.14 -0.93
N HIS A 387 1.59 -8.59 -1.76
CA HIS A 387 2.12 -7.74 -2.83
C HIS A 387 1.07 -7.50 -3.91
N LEU A 388 0.26 -8.52 -4.23
CA LEU A 388 -0.79 -8.35 -5.21
C LEU A 388 -1.87 -7.40 -4.71
N ARG A 389 -2.10 -7.36 -3.39
CA ARG A 389 -3.07 -6.44 -2.83
C ARG A 389 -2.55 -5.00 -2.83
N GLN A 390 -1.25 -4.81 -2.67
CA GLN A 390 -0.68 -3.47 -2.71
C GLN A 390 -0.86 -2.84 -4.09
N TYR A 391 -0.78 -3.64 -5.13
CA TYR A 391 -1.00 -3.17 -6.50
C TYR A 391 -2.46 -3.28 -6.93
N GLU A 392 -3.35 -3.70 -6.03
CA GLU A 392 -4.78 -3.87 -6.27
C GLU A 392 -5.07 -4.87 -7.38
N LEU A 393 -4.16 -5.81 -7.65
CA LEU A 393 -4.39 -6.81 -8.68
C LEU A 393 -5.35 -7.88 -8.20
N LEU A 394 -5.27 -8.26 -6.93
CA LEU A 394 -6.14 -9.30 -6.38
C LEU A 394 -7.03 -8.74 -5.29
N SER B 12 -25.21 -26.86 53.94
CA SER B 12 -23.97 -26.70 53.20
C SER B 12 -23.23 -25.44 53.65
N GLU B 13 -21.91 -25.43 53.44
CA GLU B 13 -21.07 -24.30 53.79
C GLU B 13 -20.69 -23.44 52.59
N LEU B 14 -20.59 -24.03 51.40
CA LEU B 14 -20.37 -23.23 50.20
C LEU B 14 -21.56 -22.33 49.92
N ASP B 15 -22.77 -22.88 50.02
CA ASP B 15 -23.96 -22.06 49.86
C ASP B 15 -24.16 -21.08 51.00
N GLN B 16 -23.56 -21.36 52.16
CA GLN B 16 -23.65 -20.43 53.28
C GLN B 16 -22.62 -19.32 53.15
N LEU B 17 -21.44 -19.63 52.63
CA LEU B 17 -20.43 -18.59 52.40
C LEU B 17 -20.78 -17.74 51.19
N ARG B 18 -21.47 -18.32 50.20
CA ARG B 18 -21.91 -17.54 49.06
C ARG B 18 -23.05 -16.61 49.44
N GLN B 19 -24.02 -17.11 50.24
CA GLN B 19 -25.14 -16.27 50.67
C GLN B 19 -24.68 -15.14 51.57
N GLU B 20 -23.62 -15.37 52.36
CA GLU B 20 -23.08 -14.28 53.17
C GLU B 20 -22.41 -13.22 52.30
N ALA B 21 -21.91 -13.61 51.13
CA ALA B 21 -21.35 -12.64 50.21
C ALA B 21 -22.43 -11.75 49.60
N GLU B 22 -23.59 -12.33 49.30
CA GLU B 22 -24.70 -11.52 48.80
C GLU B 22 -25.20 -10.55 49.87
N GLN B 23 -25.13 -10.95 51.13
CA GLN B 23 -25.54 -10.06 52.21
C GLN B 23 -24.57 -8.89 52.36
N LEU B 24 -23.27 -9.16 52.26
CA LEU B 24 -22.28 -8.10 52.36
C LEU B 24 -22.30 -7.21 51.13
N LYS B 25 -22.55 -7.79 49.95
CA LYS B 25 -22.65 -6.98 48.75
C LYS B 25 -23.87 -6.07 48.78
N ASN B 26 -24.99 -6.56 49.33
CA ASN B 26 -26.17 -5.72 49.48
C ASN B 26 -25.94 -4.64 50.53
N GLN B 27 -25.16 -4.94 51.57
CA GLN B 27 -24.86 -3.94 52.59
C GLN B 27 -23.99 -2.83 52.02
N ILE B 28 -23.00 -3.18 51.19
CA ILE B 28 -22.14 -2.16 50.58
C ILE B 28 -22.94 -1.35 49.56
N ARG B 29 -23.82 -2.01 48.80
CA ARG B 29 -24.62 -1.29 47.81
C ARG B 29 -25.58 -0.31 48.47
N ASP B 30 -26.05 -0.63 49.68
CA ASP B 30 -26.92 0.30 50.40
C ASP B 30 -26.12 1.42 51.05
N ALA B 31 -24.91 1.12 51.53
CA ALA B 31 -24.05 2.16 52.08
C ALA B 31 -23.61 3.13 50.99
N ARG B 32 -23.36 2.63 49.78
CA ARG B 32 -22.99 3.51 48.67
C ARG B 32 -24.17 4.33 48.19
N LYS B 33 -25.38 3.78 48.25
CA LYS B 33 -26.56 4.51 47.84
C LYS B 33 -26.98 5.56 48.86
N ALA B 34 -26.58 5.41 50.11
CA ALA B 34 -26.90 6.41 51.12
C ALA B 34 -26.11 7.69 50.90
N CYS B 35 -24.86 7.57 50.45
CA CYS B 35 -24.02 8.73 50.21
C CYS B 35 -24.29 9.41 48.87
N ALA B 36 -25.06 8.79 47.99
CA ALA B 36 -25.33 9.35 46.67
C ALA B 36 -26.47 10.36 46.77
N ASP B 37 -26.18 11.46 47.47
CA ASP B 37 -27.17 12.52 47.64
C ASP B 37 -27.29 13.39 46.39
N ALA B 38 -26.20 13.58 45.66
CA ALA B 38 -26.22 14.37 44.44
C ALA B 38 -25.30 13.72 43.42
N THR B 39 -25.31 14.28 42.22
CA THR B 39 -24.49 13.79 41.12
C THR B 39 -23.47 14.87 40.74
N LEU B 40 -22.28 14.43 40.33
CA LEU B 40 -21.25 15.36 39.89
C LEU B 40 -21.73 16.21 38.72
N SER B 41 -22.66 15.69 37.92
CA SER B 41 -23.25 16.49 36.84
C SER B 41 -24.09 17.64 37.38
N GLN B 42 -24.79 17.39 38.49
CA GLN B 42 -25.67 18.43 39.05
C GLN B 42 -24.87 19.53 39.72
N ILE B 43 -23.78 19.17 40.41
CA ILE B 43 -22.99 20.18 41.11
C ILE B 43 -22.11 20.97 40.15
N THR B 44 -21.76 20.41 39.00
CA THR B 44 -21.00 21.12 37.98
C THR B 44 -21.88 21.62 36.84
N ASN B 45 -23.19 21.66 37.04
CA ASN B 45 -24.10 22.10 35.98
C ASN B 45 -23.98 23.58 35.70
N ASN B 46 -23.45 24.37 36.63
CA ASN B 46 -23.39 25.81 36.48
C ASN B 46 -22.02 26.34 36.08
N ILE B 47 -20.97 25.51 36.17
CA ILE B 47 -19.64 25.99 35.85
C ILE B 47 -19.50 26.20 34.35
N ASP B 48 -18.57 27.07 33.98
CA ASP B 48 -18.32 27.42 32.59
C ASP B 48 -17.56 26.28 31.89
N PRO B 49 -18.07 25.77 30.78
CA PRO B 49 -17.35 24.75 30.02
C PRO B 49 -16.05 25.30 29.46
N VAL B 50 -15.17 24.37 29.08
CA VAL B 50 -13.84 24.73 28.60
C VAL B 50 -13.84 25.10 27.12
N GLY B 51 -14.99 25.05 26.45
CA GLY B 51 -15.03 25.38 25.04
C GLY B 51 -14.52 24.24 24.19
N ARG B 52 -13.70 24.57 23.20
CA ARG B 52 -13.13 23.60 22.27
C ARG B 52 -11.62 23.58 22.45
N ILE B 53 -11.07 22.41 22.74
CA ILE B 53 -9.64 22.23 22.93
C ILE B 53 -9.07 21.67 21.63
N GLN B 54 -8.41 22.52 20.85
CA GLN B 54 -7.83 22.14 19.56
C GLN B 54 -6.32 22.14 19.69
N MET B 55 -5.76 20.99 20.05
CA MET B 55 -4.31 20.83 20.12
C MET B 55 -3.75 20.50 18.75
N ARG B 56 -2.48 20.82 18.56
CA ARG B 56 -1.78 20.59 17.30
C ARG B 56 -0.57 19.70 17.55
N THR B 57 -0.23 18.92 16.53
CA THR B 57 0.95 18.05 16.61
C THR B 57 2.21 18.92 16.46
N ARG B 58 2.98 19.01 17.54
CA ARG B 58 4.21 19.78 17.55
C ARG B 58 5.43 18.95 17.16
N ARG B 59 5.48 17.69 17.58
CA ARG B 59 6.59 16.81 17.25
C ARG B 59 6.04 15.46 16.82
N THR B 60 6.73 14.83 15.87
CA THR B 60 6.42 13.47 15.43
C THR B 60 7.70 12.66 15.53
N LEU B 61 7.77 11.75 16.50
CA LEU B 61 8.98 10.98 16.78
C LEU B 61 8.95 9.70 15.96
N ARG B 62 9.88 9.59 15.01
CA ARG B 62 10.00 8.43 14.15
C ARG B 62 11.28 7.67 14.46
N GLY B 63 11.26 6.37 14.16
CA GLY B 63 12.41 5.53 14.43
C GLY B 63 12.04 4.13 14.87
N HIS B 64 10.84 3.98 15.44
CA HIS B 64 10.35 2.65 15.79
C HIS B 64 9.94 1.88 14.54
N LEU B 65 10.21 0.58 14.54
CA LEU B 65 9.91 -0.26 13.39
C LEU B 65 8.56 -0.97 13.49
N ALA B 66 8.08 -1.24 14.70
CA ALA B 66 6.82 -1.95 14.88
C ALA B 66 5.88 -1.14 15.76
N LYS B 67 4.76 -1.74 16.15
CA LYS B 67 3.77 -1.02 16.95
C LYS B 67 4.33 -0.65 18.32
N ILE B 68 4.00 0.55 18.76
CA ILE B 68 4.41 1.03 20.08
C ILE B 68 3.34 0.62 21.09
N TYR B 69 3.77 -0.02 22.18
CA TYR B 69 2.84 -0.50 23.19
C TYR B 69 2.76 0.38 24.42
N ALA B 70 3.80 1.16 24.72
CA ALA B 70 3.78 1.97 25.93
C ALA B 70 4.78 3.10 25.80
N MET B 71 4.54 4.16 26.57
CA MET B 71 5.48 5.27 26.69
C MET B 71 5.33 5.86 28.10
N HIS B 72 6.38 6.53 28.54
CA HIS B 72 6.36 7.17 29.84
C HIS B 72 7.24 8.42 29.81
N TRP B 73 6.71 9.52 30.33
CA TRP B 73 7.46 10.76 30.42
C TRP B 73 8.44 10.72 31.57
N GLY B 74 9.53 11.46 31.42
CA GLY B 74 10.44 11.69 32.53
C GLY B 74 9.93 12.80 33.43
N THR B 75 10.53 12.88 34.62
CA THR B 75 10.12 13.91 35.58
C THR B 75 10.60 15.30 35.17
N ASP B 76 11.45 15.42 34.17
CA ASP B 76 11.91 16.70 33.67
C ASP B 76 11.02 17.27 32.57
N SER B 77 9.96 16.54 32.18
CA SER B 77 9.02 16.96 31.14
C SER B 77 9.68 17.14 29.78
N ARG B 78 10.91 16.64 29.61
CA ARG B 78 11.62 16.75 28.35
C ARG B 78 11.95 15.40 27.74
N LEU B 79 12.51 14.48 28.53
CA LEU B 79 12.84 13.15 28.04
C LEU B 79 11.66 12.20 28.22
N LEU B 80 11.55 11.24 27.31
CA LEU B 80 10.50 10.24 27.40
C LEU B 80 11.02 8.93 26.80
N VAL B 81 10.57 7.83 27.37
CA VAL B 81 10.93 6.49 26.92
C VAL B 81 9.72 5.87 26.23
N SER B 82 9.97 5.08 25.19
CA SER B 82 8.90 4.43 24.45
C SER B 82 9.32 2.99 24.15
N ALA B 83 8.35 2.10 24.15
CA ALA B 83 8.57 0.67 23.94
C ALA B 83 7.80 0.21 22.72
N SER B 84 8.51 -0.43 21.78
CA SER B 84 7.90 -0.99 20.59
C SER B 84 8.20 -2.47 20.51
N GLN B 85 7.30 -3.21 19.86
CA GLN B 85 7.40 -4.65 19.79
C GLN B 85 8.45 -5.14 18.80
N ASP B 86 9.29 -4.24 18.28
CA ASP B 86 10.45 -4.65 17.50
C ASP B 86 11.64 -5.00 18.38
N GLY B 87 11.52 -4.82 19.70
CA GLY B 87 12.61 -5.11 20.61
C GLY B 87 13.50 -3.93 20.91
N LYS B 88 12.95 -2.73 21.00
CA LYS B 88 13.75 -1.52 21.19
C LYS B 88 13.11 -0.62 22.24
N LEU B 89 13.95 -0.04 23.09
CA LEU B 89 13.58 1.06 23.97
C LEU B 89 14.33 2.29 23.49
N ILE B 90 13.58 3.34 23.11
CA ILE B 90 14.16 4.57 22.60
C ILE B 90 13.84 5.69 23.56
N ILE B 91 14.87 6.38 24.05
CA ILE B 91 14.70 7.56 24.88
C ILE B 91 14.85 8.78 24.00
N TRP B 92 13.81 9.61 23.95
CA TRP B 92 13.77 10.77 23.08
C TRP B 92 13.99 12.05 23.86
N ASP B 93 14.56 13.04 23.18
CA ASP B 93 14.54 14.42 23.65
C ASP B 93 13.44 15.13 22.88
N SER B 94 12.27 15.27 23.50
CA SER B 94 11.10 15.76 22.80
C SER B 94 11.25 17.20 22.31
N TYR B 95 12.16 17.98 22.89
CA TYR B 95 12.38 19.34 22.43
C TYR B 95 13.06 19.35 21.06
N THR B 96 14.09 18.51 20.90
CA THR B 96 14.88 18.49 19.68
C THR B 96 14.61 17.28 18.80
N THR B 97 13.77 16.35 19.26
CA THR B 97 13.44 15.09 18.58
C THR B 97 14.66 14.18 18.38
N ASN B 98 15.77 14.49 19.03
CA ASN B 98 16.95 13.64 18.94
C ASN B 98 16.79 12.43 19.84
N LYS B 99 17.40 11.31 19.42
CA LYS B 99 17.37 10.08 20.19
C LYS B 99 18.58 10.06 21.13
N VAL B 100 18.31 9.88 22.42
CA VAL B 100 19.38 9.84 23.41
C VAL B 100 19.92 8.43 23.60
N HIS B 101 19.03 7.43 23.69
CA HIS B 101 19.44 6.05 23.87
C HIS B 101 18.55 5.14 23.05
N ALA B 102 19.15 4.07 22.52
CA ALA B 102 18.41 3.02 21.81
C ALA B 102 18.82 1.69 22.45
N ILE B 103 17.94 1.14 23.28
CA ILE B 103 18.24 -0.05 24.08
C ILE B 103 17.63 -1.26 23.39
N PRO B 104 18.43 -2.20 22.91
CA PRO B 104 17.87 -3.45 22.38
C PRO B 104 17.45 -4.38 23.51
N LEU B 105 16.27 -4.97 23.35
CA LEU B 105 15.69 -5.83 24.37
C LEU B 105 15.91 -7.30 24.04
N ARG B 106 15.98 -8.13 25.08
CA ARG B 106 16.14 -9.56 24.88
C ARG B 106 14.89 -10.17 24.28
N SER B 107 13.72 -9.78 24.80
CA SER B 107 12.43 -10.24 24.29
C SER B 107 11.74 -9.10 23.57
N SER B 108 11.37 -9.34 22.31
CA SER B 108 10.75 -8.32 21.49
C SER B 108 9.30 -8.06 21.82
N TRP B 109 8.69 -8.88 22.69
CA TRP B 109 7.27 -8.75 23.01
C TRP B 109 7.06 -7.93 24.28
N VAL B 110 7.54 -6.69 24.22
CA VAL B 110 7.40 -5.76 25.35
C VAL B 110 6.00 -5.16 25.31
N MET B 111 5.42 -5.00 26.50
CA MET B 111 4.08 -4.45 26.63
C MET B 111 3.99 -3.23 27.54
N THR B 112 5.06 -2.90 28.27
CA THR B 112 5.04 -1.78 29.19
C THR B 112 6.45 -1.23 29.34
N CYS B 113 6.53 0.03 29.78
CA CYS B 113 7.80 0.66 30.06
C CYS B 113 7.60 1.74 31.12
N ALA B 114 8.68 2.10 31.79
CA ALA B 114 8.61 3.07 32.87
C ALA B 114 9.91 3.86 32.93
N TYR B 115 9.80 5.11 33.37
CA TYR B 115 10.93 6.01 33.55
C TYR B 115 11.04 6.33 35.04
N ALA B 116 12.19 6.03 35.63
CA ALA B 116 12.39 6.28 37.05
C ALA B 116 12.31 7.78 37.32
N PRO B 117 11.82 8.17 38.50
CA PRO B 117 11.71 9.62 38.81
C PRO B 117 13.05 10.33 38.80
N SER B 118 14.11 9.65 39.21
CA SER B 118 15.44 10.25 39.19
C SER B 118 15.99 10.38 37.78
N GLY B 119 15.42 9.67 36.82
CA GLY B 119 15.95 9.66 35.47
C GLY B 119 17.14 8.76 35.25
N ASN B 120 17.50 7.94 36.23
CA ASN B 120 18.67 7.08 36.13
C ASN B 120 18.35 5.68 35.62
N TYR B 121 17.08 5.29 35.61
CA TYR B 121 16.71 3.94 35.24
C TYR B 121 15.44 3.96 34.40
N VAL B 122 15.33 2.97 33.50
CA VAL B 122 14.11 2.70 32.77
C VAL B 122 13.79 1.22 32.96
N ALA B 123 12.49 0.90 32.88
CA ALA B 123 12.03 -0.46 33.03
C ALA B 123 11.20 -0.87 31.81
N CYS B 124 11.05 -2.18 31.63
CA CYS B 124 10.25 -2.71 30.54
C CYS B 124 9.89 -4.14 30.85
N GLY B 125 8.89 -4.65 30.15
CA GLY B 125 8.45 -6.02 30.34
C GLY B 125 7.34 -6.34 29.37
N GLY B 126 7.00 -7.62 29.32
CA GLY B 126 5.97 -8.09 28.42
C GLY B 126 5.69 -9.58 28.51
N LEU B 127 5.59 -10.25 27.36
CA LEU B 127 5.29 -11.67 27.32
C LEU B 127 6.40 -12.53 27.91
N ASP B 128 7.56 -11.95 28.23
CA ASP B 128 8.64 -12.69 28.88
C ASP B 128 8.41 -12.88 30.37
N ASN B 129 7.35 -12.29 30.94
CA ASN B 129 7.01 -12.38 32.36
C ASN B 129 8.11 -11.81 33.25
N ILE B 130 8.97 -10.95 32.71
CA ILE B 130 10.11 -10.42 33.45
C ILE B 130 10.11 -8.90 33.31
N CYS B 131 10.30 -8.21 34.43
CA CYS B 131 10.49 -6.76 34.43
C CYS B 131 12.00 -6.49 34.49
N SER B 132 12.53 -5.89 33.43
CA SER B 132 13.95 -5.61 33.31
C SER B 132 14.24 -4.16 33.65
N ILE B 133 15.31 -3.93 34.41
CA ILE B 133 15.75 -2.60 34.81
C ILE B 133 17.03 -2.27 34.07
N TYR B 134 17.08 -1.09 33.44
CA TYR B 134 18.22 -0.66 32.66
C TYR B 134 18.81 0.60 33.29
N ASN B 135 20.10 0.53 33.62
CA ASN B 135 20.80 1.68 34.17
C ASN B 135 21.22 2.61 33.03
N LEU B 136 20.90 3.90 33.17
CA LEU B 136 21.20 4.89 32.15
C LEU B 136 22.43 5.73 32.46
N LYS B 137 22.96 5.64 33.68
CA LYS B 137 24.08 6.47 34.12
C LYS B 137 25.27 5.60 34.54
N THR B 138 25.58 4.58 33.74
CA THR B 138 26.71 3.72 34.04
C THR B 138 28.02 4.44 33.71
N ARG B 139 29.10 3.99 34.35
CA ARG B 139 30.38 4.66 34.18
C ARG B 139 30.91 4.53 32.75
N GLU B 140 30.79 3.34 32.15
CA GLU B 140 31.39 3.14 30.84
C GLU B 140 30.54 3.74 29.73
N GLY B 141 29.24 3.94 29.97
CA GLY B 141 28.40 4.69 29.06
C GLY B 141 27.50 3.87 28.16
N ASN B 142 27.49 2.55 28.29
CA ASN B 142 26.61 1.68 27.52
C ASN B 142 25.46 1.22 28.39
N VAL B 143 24.23 1.52 27.97
CA VAL B 143 23.06 1.13 28.75
C VAL B 143 22.98 -0.38 28.82
N ARG B 144 23.05 -0.91 30.04
CA ARG B 144 23.05 -2.34 30.28
C ARG B 144 21.98 -2.69 31.30
N VAL B 145 21.47 -3.92 31.21
CA VAL B 145 20.47 -4.37 32.16
C VAL B 145 21.08 -4.48 33.55
N SER B 146 20.41 -3.87 34.53
CA SER B 146 20.89 -3.87 35.91
C SER B 146 20.26 -4.96 36.75
N ARG B 147 19.02 -5.34 36.46
CA ARG B 147 18.32 -6.37 37.21
C ARG B 147 17.18 -6.92 36.38
N GLU B 148 16.93 -8.22 36.53
CA GLU B 148 15.78 -8.87 35.92
C GLU B 148 14.92 -9.43 37.04
N LEU B 149 13.69 -8.93 37.15
CA LEU B 149 12.77 -9.28 38.22
C LEU B 149 11.87 -10.41 37.73
N ALA B 150 12.16 -11.62 38.16
CA ALA B 150 11.36 -12.79 37.82
C ALA B 150 10.49 -13.20 39.00
N GLY B 151 9.39 -13.89 38.68
CA GLY B 151 8.46 -14.32 39.69
C GLY B 151 7.01 -14.28 39.25
N HIS B 152 6.69 -13.44 38.28
CA HIS B 152 5.35 -13.42 37.72
C HIS B 152 5.13 -14.64 36.84
N THR B 153 3.95 -15.24 36.93
CA THR B 153 3.56 -16.37 36.09
C THR B 153 2.69 -15.94 34.92
N GLY B 154 2.72 -14.65 34.58
CA GLY B 154 1.97 -14.13 33.45
C GLY B 154 2.70 -12.95 32.86
N TYR B 155 2.18 -12.47 31.74
CA TYR B 155 2.82 -11.37 31.02
C TYR B 155 2.78 -10.10 31.85
N LEU B 156 3.88 -9.35 31.80
CA LEU B 156 3.95 -8.04 32.46
C LEU B 156 3.11 -7.04 31.69
N SER B 157 2.16 -6.40 32.37
CA SER B 157 1.27 -5.44 31.72
C SER B 157 1.59 -3.99 32.07
N CYS B 158 2.13 -3.72 33.25
CA CYS B 158 2.44 -2.36 33.65
C CYS B 158 3.44 -2.40 34.79
N CYS B 159 4.29 -1.37 34.85
CA CYS B 159 5.27 -1.23 35.91
C CYS B 159 5.52 0.25 36.14
N ARG B 160 5.69 0.62 37.41
CA ARG B 160 5.90 2.01 37.80
C ARG B 160 6.90 2.07 38.94
N PHE B 161 7.88 2.97 38.82
CA PHE B 161 8.91 3.13 39.84
C PHE B 161 8.37 3.91 41.03
N LEU B 162 8.57 3.37 42.23
CA LEU B 162 8.38 4.17 43.43
C LEU B 162 9.61 5.03 43.71
N ASP B 163 10.79 4.44 43.57
CA ASP B 163 12.06 5.15 43.67
C ASP B 163 13.09 4.31 42.90
N ASP B 164 14.37 4.60 43.11
CA ASP B 164 15.41 3.86 42.40
C ASP B 164 15.52 2.41 42.85
N ASN B 165 14.88 2.04 43.97
CA ASN B 165 15.02 0.71 44.54
C ASN B 165 13.69 0.00 44.75
N GLN B 166 12.57 0.61 44.31
CA GLN B 166 11.26 -0.01 44.47
C GLN B 166 10.46 0.17 43.20
N ILE B 167 9.66 -0.83 42.86
CA ILE B 167 8.84 -0.80 41.65
C ILE B 167 7.63 -1.70 41.86
N VAL B 168 6.49 -1.29 41.34
CA VAL B 168 5.25 -2.05 41.40
C VAL B 168 4.94 -2.57 40.00
N THR B 169 4.59 -3.84 39.92
CA THR B 169 4.30 -4.48 38.64
C THR B 169 2.89 -5.07 38.66
N SER B 170 2.29 -5.16 37.47
CA SER B 170 1.02 -5.82 37.28
C SER B 170 1.14 -6.80 36.13
N SER B 171 0.53 -7.98 36.29
CA SER B 171 0.75 -9.05 35.34
C SER B 171 -0.56 -9.76 35.02
N GLY B 172 -0.52 -10.59 33.99
CA GLY B 172 -1.63 -11.44 33.61
C GLY B 172 -1.89 -12.60 34.53
N ASP B 173 -1.09 -12.77 35.58
CA ASP B 173 -1.35 -13.79 36.58
C ASP B 173 -2.35 -13.34 37.64
N THR B 174 -3.09 -12.27 37.35
CA THR B 174 -4.13 -11.69 38.21
C THR B 174 -3.60 -11.11 39.50
N THR B 175 -2.29 -10.83 39.58
CA THR B 175 -1.68 -10.31 40.79
C THR B 175 -0.85 -9.07 40.49
N CYS B 176 -0.55 -8.32 41.55
CA CYS B 176 0.40 -7.23 41.51
C CYS B 176 1.48 -7.49 42.56
N ALA B 177 2.65 -6.91 42.34
CA ALA B 177 3.79 -7.17 43.20
C ALA B 177 4.62 -5.90 43.40
N LEU B 178 5.21 -5.80 44.58
CA LEU B 178 6.17 -4.75 44.92
C LEU B 178 7.54 -5.39 45.05
N TRP B 179 8.54 -4.81 44.39
CA TRP B 179 9.84 -5.42 44.27
C TRP B 179 10.91 -4.60 44.96
N ASP B 180 11.95 -5.28 45.43
CA ASP B 180 13.18 -4.68 45.90
C ASP B 180 14.24 -4.91 44.83
N ILE B 181 14.61 -3.83 44.12
CA ILE B 181 15.41 -3.98 42.92
C ILE B 181 16.82 -4.50 43.24
N GLU B 182 17.38 -4.06 44.37
CA GLU B 182 18.73 -4.51 44.73
C GLU B 182 18.75 -6.02 44.97
N THR B 183 17.78 -6.53 45.73
CA THR B 183 17.74 -7.95 46.03
C THR B 183 17.04 -8.75 44.93
N GLY B 184 16.06 -8.16 44.25
CA GLY B 184 15.30 -8.86 43.25
C GLY B 184 14.14 -9.68 43.77
N GLN B 185 13.72 -9.44 45.01
CA GLN B 185 12.67 -10.23 45.64
C GLN B 185 11.36 -9.44 45.67
N GLN B 186 10.25 -10.18 45.67
CA GLN B 186 8.94 -9.57 45.86
C GLN B 186 8.75 -9.31 47.35
N THR B 187 8.71 -8.03 47.73
CA THR B 187 8.48 -7.69 49.13
C THR B 187 7.01 -7.84 49.51
N THR B 188 6.10 -7.56 48.57
CA THR B 188 4.68 -7.65 48.83
C THR B 188 3.97 -8.07 47.56
N THR B 189 3.01 -8.99 47.69
CA THR B 189 2.19 -9.45 46.57
C THR B 189 0.75 -9.05 46.81
N PHE B 190 0.14 -8.42 45.81
CA PHE B 190 -1.21 -7.90 45.90
C PHE B 190 -2.13 -8.83 45.11
N THR B 191 -2.97 -9.58 45.82
CA THR B 191 -3.86 -10.55 45.21
C THR B 191 -5.31 -10.16 45.48
N GLY B 192 -6.21 -10.69 44.64
CA GLY B 192 -7.62 -10.39 44.77
C GLY B 192 -8.35 -10.25 43.45
N HIS B 193 -7.63 -9.90 42.39
CA HIS B 193 -8.23 -9.82 41.07
C HIS B 193 -8.48 -11.22 40.50
N THR B 194 -9.58 -11.35 39.76
CA THR B 194 -9.92 -12.60 39.10
C THR B 194 -9.69 -12.54 37.59
N GLY B 195 -9.01 -11.50 37.10
CA GLY B 195 -8.72 -11.35 35.70
C GLY B 195 -7.36 -10.73 35.48
N ASP B 196 -7.00 -10.60 34.21
CA ASP B 196 -5.69 -10.05 33.85
C ASP B 196 -5.60 -8.59 34.26
N VAL B 197 -4.69 -8.28 35.18
CA VAL B 197 -4.46 -6.90 35.59
C VAL B 197 -3.74 -6.18 34.45
N MET B 198 -4.38 -5.14 33.91
CA MET B 198 -3.89 -4.49 32.70
C MET B 198 -3.14 -3.20 32.95
N SER B 199 -3.46 -2.47 34.02
CA SER B 199 -2.82 -1.19 34.26
C SER B 199 -2.82 -0.89 35.76
N LEU B 200 -1.87 -0.05 36.16
CA LEU B 200 -1.79 0.46 37.53
C LEU B 200 -1.38 1.91 37.49
N SER B 201 -1.73 2.64 38.54
CA SER B 201 -1.42 4.07 38.64
C SER B 201 -1.04 4.39 40.08
N LEU B 202 0.14 4.97 40.26
CA LEU B 202 0.61 5.35 41.59
C LEU B 202 -0.02 6.68 42.01
N ALA B 203 -0.32 6.78 43.30
CA ALA B 203 -0.81 8.03 43.86
C ALA B 203 0.32 9.05 43.92
N PRO B 204 0.00 10.35 43.96
CA PRO B 204 1.07 11.36 44.04
C PRO B 204 2.01 11.18 45.23
N ASP B 205 1.51 10.70 46.36
CA ASP B 205 2.37 10.41 47.51
C ASP B 205 3.00 9.03 47.45
N THR B 206 2.68 8.23 46.42
CA THR B 206 3.21 6.89 46.21
C THR B 206 2.94 5.95 47.39
N ARG B 207 1.95 6.25 48.22
CA ARG B 207 1.58 5.36 49.31
C ARG B 207 0.42 4.45 48.95
N LEU B 208 -0.34 4.77 47.91
CA LEU B 208 -1.42 3.94 47.42
C LEU B 208 -1.29 3.82 45.91
N PHE B 209 -1.91 2.78 45.35
CA PHE B 209 -2.00 2.65 43.91
C PHE B 209 -3.25 1.86 43.56
N VAL B 210 -3.82 2.17 42.40
CA VAL B 210 -5.03 1.52 41.91
C VAL B 210 -4.67 0.65 40.72
N SER B 211 -5.37 -0.48 40.60
CA SER B 211 -5.13 -1.43 39.52
C SER B 211 -6.44 -1.73 38.80
N GLY B 212 -6.34 -1.88 37.48
CA GLY B 212 -7.48 -2.26 36.67
C GLY B 212 -7.25 -3.59 36.01
N ALA B 213 -8.23 -4.50 36.10
CA ALA B 213 -8.07 -5.86 35.61
C ALA B 213 -9.17 -6.18 34.62
N CYS B 214 -9.12 -7.40 34.07
CA CYS B 214 -10.12 -7.88 33.13
C CYS B 214 -11.34 -8.50 33.81
N ASP B 215 -11.56 -8.19 35.08
CA ASP B 215 -12.77 -8.60 35.78
C ASP B 215 -13.77 -7.46 35.93
N ALA B 216 -13.63 -6.40 35.13
CA ALA B 216 -14.47 -5.21 35.18
C ALA B 216 -14.42 -4.53 36.54
N SER B 217 -13.35 -4.74 37.29
CA SER B 217 -13.22 -4.20 38.64
C SER B 217 -11.90 -3.46 38.79
N ALA B 218 -11.91 -2.44 39.65
CA ALA B 218 -10.72 -1.72 40.04
C ALA B 218 -10.56 -1.81 41.55
N LYS B 219 -9.31 -1.89 42.00
CA LYS B 219 -9.00 -2.06 43.41
C LYS B 219 -7.98 -1.03 43.86
N LEU B 220 -8.10 -0.62 45.10
CA LEU B 220 -7.19 0.32 45.74
C LEU B 220 -6.32 -0.43 46.74
N TRP B 221 -5.01 -0.36 46.56
CA TRP B 221 -4.06 -1.13 47.36
C TRP B 221 -3.24 -0.22 48.25
N ASP B 222 -2.88 -0.74 49.43
CA ASP B 222 -1.93 -0.07 50.31
C ASP B 222 -0.55 -0.65 50.06
N VAL B 223 0.42 0.22 49.77
CA VAL B 223 1.75 -0.25 49.39
C VAL B 223 2.47 -0.87 50.56
N ARG B 224 2.45 -0.21 51.73
CA ARG B 224 3.18 -0.72 52.88
C ARG B 224 2.47 -1.90 53.53
N GLU B 225 1.15 -1.85 53.65
CA GLU B 225 0.41 -2.91 54.32
C GLU B 225 0.07 -4.07 53.41
N GLY B 226 0.06 -3.87 52.09
CA GLY B 226 -0.21 -4.94 51.16
C GLY B 226 -1.61 -5.50 51.22
N MET B 227 -2.62 -4.64 51.33
CA MET B 227 -4.01 -5.07 51.40
C MET B 227 -4.85 -4.23 50.47
N CYS B 228 -5.97 -4.81 50.03
CA CYS B 228 -6.93 -4.11 49.20
C CYS B 228 -7.91 -3.38 50.10
N ARG B 229 -7.96 -2.05 49.97
CA ARG B 229 -8.82 -1.24 50.81
C ARG B 229 -10.22 -1.08 50.23
N GLN B 230 -10.33 -0.79 48.94
CA GLN B 230 -11.61 -0.58 48.29
C GLN B 230 -11.63 -1.27 46.94
N THR B 231 -12.78 -1.82 46.58
CA THR B 231 -13.00 -2.46 45.28
C THR B 231 -14.10 -1.71 44.55
N PHE B 232 -13.81 -1.25 43.34
CA PHE B 232 -14.72 -0.41 42.58
C PHE B 232 -15.27 -1.18 41.38
N THR B 233 -16.58 -1.06 41.19
CA THR B 233 -17.27 -1.71 40.07
C THR B 233 -18.09 -0.67 39.33
N GLY B 234 -18.67 -1.10 38.20
CA GLY B 234 -19.45 -0.21 37.38
C GLY B 234 -19.21 -0.41 35.90
N HIS B 235 -17.99 -0.82 35.56
CA HIS B 235 -17.68 -1.14 34.18
C HIS B 235 -18.31 -2.47 33.78
N GLU B 236 -18.55 -2.62 32.48
CA GLU B 236 -19.19 -3.82 31.95
C GLU B 236 -18.20 -4.79 31.32
N SER B 237 -16.98 -4.36 31.03
CA SER B 237 -16.02 -5.19 30.32
C SER B 237 -14.64 -4.95 30.94
N ASP B 238 -13.61 -5.44 30.23
CA ASP B 238 -12.24 -5.40 30.75
C ASP B 238 -11.74 -3.97 30.85
N ILE B 239 -11.19 -3.62 32.01
CA ILE B 239 -10.57 -2.32 32.20
C ILE B 239 -9.15 -2.36 31.63
N ASN B 240 -8.87 -1.46 30.69
CA ASN B 240 -7.58 -1.45 30.00
C ASN B 240 -6.63 -0.37 30.52
N ALA B 241 -7.15 0.71 31.09
CA ALA B 241 -6.32 1.83 31.51
C ALA B 241 -6.87 2.43 32.80
N ILE B 242 -5.98 3.07 33.55
CA ILE B 242 -6.33 3.68 34.82
C ILE B 242 -5.34 4.81 35.11
N CYS B 243 -5.83 5.87 35.73
CA CYS B 243 -5.01 7.03 36.03
C CYS B 243 -5.54 7.74 37.27
N PHE B 244 -4.62 8.20 38.11
CA PHE B 244 -4.99 8.89 39.33
C PHE B 244 -5.27 10.37 39.07
N PHE B 245 -6.25 10.91 39.79
CA PHE B 245 -6.48 12.34 39.76
C PHE B 245 -5.30 13.08 40.41
N PRO B 246 -5.01 14.31 39.96
CA PRO B 246 -3.86 15.03 40.53
C PRO B 246 -3.82 15.13 42.04
N ASN B 247 -4.98 15.26 42.70
CA ASN B 247 -4.98 15.39 44.15
C ASN B 247 -4.84 14.05 44.87
N GLY B 248 -5.14 12.94 44.20
CA GLY B 248 -5.04 11.63 44.80
C GLY B 248 -6.30 11.10 45.43
N ASN B 249 -7.42 11.81 45.30
CA ASN B 249 -8.69 11.40 45.89
C ASN B 249 -9.67 10.84 44.87
N ALA B 250 -9.24 10.65 43.63
CA ALA B 250 -10.09 10.11 42.58
C ALA B 250 -9.22 9.47 41.52
N PHE B 251 -9.86 8.71 40.63
CA PHE B 251 -9.15 8.09 39.53
C PHE B 251 -10.14 7.78 38.41
N ALA B 252 -9.63 7.72 37.19
CA ALA B 252 -10.43 7.45 36.01
C ALA B 252 -10.00 6.13 35.37
N THR B 253 -10.96 5.44 34.77
CA THR B 253 -10.74 4.12 34.20
C THR B 253 -11.26 4.09 32.78
N GLY B 254 -10.56 3.34 31.92
CA GLY B 254 -11.01 3.13 30.56
C GLY B 254 -11.16 1.65 30.24
N SER B 255 -12.31 1.25 29.74
CA SER B 255 -12.62 -0.16 29.55
C SER B 255 -13.05 -0.42 28.11
N ASP B 256 -13.21 -1.71 27.80
CA ASP B 256 -13.61 -2.14 26.47
C ASP B 256 -15.09 -1.92 26.19
N ASP B 257 -15.86 -1.46 27.18
CA ASP B 257 -17.26 -1.12 26.98
C ASP B 257 -17.45 0.26 26.36
N ALA B 258 -16.39 0.84 25.81
CA ALA B 258 -16.40 2.14 25.14
C ALA B 258 -16.76 3.28 26.07
N THR B 259 -16.48 3.15 27.37
CA THR B 259 -16.79 4.18 28.34
C THR B 259 -15.58 4.46 29.22
N CYS B 260 -15.48 5.71 29.69
CA CYS B 260 -14.56 6.09 30.74
C CYS B 260 -15.37 6.49 31.96
N ARG B 261 -14.95 6.04 33.13
CA ARG B 261 -15.67 6.28 34.38
C ARG B 261 -14.75 6.91 35.41
N LEU B 262 -15.27 7.86 36.16
CA LEU B 262 -14.53 8.53 37.22
C LEU B 262 -15.00 7.99 38.56
N PHE B 263 -14.05 7.53 39.38
CA PHE B 263 -14.34 6.97 40.69
C PHE B 263 -13.70 7.84 41.75
N ASP B 264 -14.37 7.96 42.91
CA ASP B 264 -13.86 8.70 44.04
C ASP B 264 -13.52 7.75 45.17
N LEU B 265 -12.38 8.00 45.82
CA LEU B 265 -11.92 7.08 46.87
C LEU B 265 -12.72 7.25 48.15
N ARG B 266 -12.95 8.49 48.57
CA ARG B 266 -13.63 8.73 49.83
C ARG B 266 -15.14 8.46 49.74
N ALA B 267 -15.75 8.74 48.59
CA ALA B 267 -17.16 8.38 48.41
C ALA B 267 -17.35 6.91 48.09
N ASP B 268 -16.29 6.22 47.62
CA ASP B 268 -16.31 4.78 47.42
C ASP B 268 -17.37 4.36 46.40
N GLN B 269 -17.46 5.11 45.31
CA GLN B 269 -18.40 4.78 44.23
C GLN B 269 -18.05 5.62 43.01
N GLU B 270 -18.76 5.37 41.93
CA GLU B 270 -18.53 6.06 40.66
C GLU B 270 -19.23 7.41 40.66
N LEU B 271 -18.60 8.38 40.00
CA LEU B 271 -19.13 9.74 39.92
C LEU B 271 -19.62 10.12 38.53
N MET B 272 -18.93 9.71 37.47
CA MET B 272 -19.24 10.21 36.14
C MET B 272 -18.89 9.15 35.10
N THR B 273 -19.68 9.13 34.02
CA THR B 273 -19.43 8.26 32.88
C THR B 273 -19.15 9.13 31.66
N TYR B 274 -18.04 8.86 30.98
CA TYR B 274 -17.67 9.59 29.77
C TYR B 274 -17.88 8.65 28.58
N SER B 275 -19.02 8.81 27.91
CA SER B 275 -19.39 7.94 26.80
C SER B 275 -20.12 8.74 25.74
N HIS B 276 -20.38 8.08 24.63
CA HIS B 276 -21.12 8.68 23.52
C HIS B 276 -21.63 7.55 22.63
N ASP B 277 -22.75 7.81 21.96
CA ASP B 277 -23.38 6.77 21.14
C ASP B 277 -22.50 6.37 19.97
N ASN B 278 -21.77 7.33 19.39
CA ASN B 278 -20.95 7.05 18.22
C ASN B 278 -19.62 6.38 18.58
N ILE B 279 -19.31 6.23 19.86
CA ILE B 279 -18.09 5.56 20.30
C ILE B 279 -18.46 4.14 20.69
N ILE B 280 -17.99 3.17 19.90
CA ILE B 280 -18.30 1.76 20.15
C ILE B 280 -17.01 0.96 20.17
N CYS B 281 -15.89 1.62 20.44
CA CYS B 281 -14.60 0.98 20.53
C CYS B 281 -14.03 1.15 21.94
N GLY B 282 -13.18 0.20 22.34
CA GLY B 282 -12.63 0.24 23.68
C GLY B 282 -11.58 1.32 23.85
N ILE B 283 -11.37 1.69 25.11
CA ILE B 283 -10.38 2.68 25.49
C ILE B 283 -9.08 1.97 25.82
N THR B 284 -7.97 2.49 25.29
CA THR B 284 -6.67 1.88 25.53
C THR B 284 -5.81 2.66 26.52
N SER B 285 -6.06 3.95 26.71
CA SER B 285 -5.24 4.76 27.59
C SER B 285 -6.07 5.92 28.13
N VAL B 286 -5.73 6.35 29.35
CA VAL B 286 -6.37 7.51 29.98
C VAL B 286 -5.30 8.32 30.70
N SER B 287 -5.51 9.63 30.76
CA SER B 287 -4.61 10.53 31.46
C SER B 287 -5.34 11.81 31.79
N PHE B 288 -4.90 12.47 32.85
CA PHE B 288 -5.45 13.74 33.29
C PHE B 288 -4.52 14.88 32.95
N SER B 289 -5.08 16.08 32.89
CA SER B 289 -4.28 17.29 32.75
C SER B 289 -3.62 17.62 34.09
N LYS B 290 -2.90 18.74 34.12
CA LYS B 290 -2.24 19.14 35.35
C LYS B 290 -3.27 19.49 36.43
N SER B 291 -4.32 20.21 36.06
CA SER B 291 -5.37 20.57 37.00
C SER B 291 -6.41 19.48 37.18
N GLY B 292 -6.43 18.48 36.31
CA GLY B 292 -7.45 17.45 36.36
C GLY B 292 -8.74 17.80 35.67
N ARG B 293 -8.80 18.95 34.98
CA ARG B 293 -10.02 19.34 34.28
C ARG B 293 -10.22 18.55 33.00
N LEU B 294 -9.15 18.18 32.32
CA LEU B 294 -9.22 17.45 31.06
C LEU B 294 -8.86 15.99 31.29
N LEU B 295 -9.70 15.08 30.81
CA LEU B 295 -9.45 13.65 30.84
C LEU B 295 -9.22 13.18 29.41
N LEU B 296 -7.96 12.95 29.05
CA LEU B 296 -7.61 12.50 27.71
C LEU B 296 -7.65 10.99 27.66
N ALA B 297 -8.32 10.45 26.63
CA ALA B 297 -8.51 9.02 26.48
C ALA B 297 -8.14 8.59 25.07
N GLY B 298 -7.36 7.51 24.97
CA GLY B 298 -7.04 6.91 23.68
C GLY B 298 -8.01 5.78 23.38
N TYR B 299 -8.40 5.69 22.11
CA TYR B 299 -9.44 4.76 21.69
C TYR B 299 -8.90 3.83 20.59
N ASP B 300 -9.66 2.76 20.34
CA ASP B 300 -9.30 1.81 19.31
C ASP B 300 -9.57 2.34 17.90
N ASP B 301 -10.38 3.39 17.77
CA ASP B 301 -10.72 3.94 16.46
C ASP B 301 -9.68 4.93 15.95
N PHE B 302 -8.46 4.86 16.46
CA PHE B 302 -7.27 5.62 16.08
C PHE B 302 -7.34 7.05 16.63
N ASN B 303 -8.35 7.39 17.42
CA ASN B 303 -8.57 8.76 17.86
C ASN B 303 -8.31 8.89 19.35
N CYS B 304 -8.03 10.12 19.77
CA CYS B 304 -7.91 10.48 21.19
C CYS B 304 -8.91 11.60 21.47
N ASN B 305 -9.79 11.37 22.45
CA ASN B 305 -10.81 12.33 22.81
C ASN B 305 -10.43 13.04 24.10
N VAL B 306 -10.62 14.36 24.11
CA VAL B 306 -10.37 15.19 25.28
C VAL B 306 -11.71 15.43 25.96
N TRP B 307 -11.90 14.80 27.11
CA TRP B 307 -13.14 14.91 27.87
C TRP B 307 -13.02 15.99 28.94
N ASP B 308 -14.12 16.71 29.16
CA ASP B 308 -14.23 17.60 30.31
C ASP B 308 -14.55 16.75 31.52
N ALA B 309 -13.58 16.62 32.43
CA ALA B 309 -13.73 15.68 33.55
C ALA B 309 -14.87 16.06 34.47
N LEU B 310 -15.18 17.36 34.57
CA LEU B 310 -16.23 17.81 35.48
C LEU B 310 -17.61 17.77 34.86
N LYS B 311 -17.70 17.91 33.53
CA LYS B 311 -18.99 18.02 32.86
C LYS B 311 -19.29 16.87 31.90
N ALA B 312 -18.34 15.95 31.67
CA ALA B 312 -18.53 14.80 30.78
C ALA B 312 -18.85 15.22 29.36
N ASP B 313 -18.34 16.37 28.94
CA ASP B 313 -18.52 16.86 27.58
C ASP B 313 -17.27 16.64 26.77
N ARG B 314 -17.43 16.31 25.49
CA ARG B 314 -16.30 16.16 24.59
C ARG B 314 -15.75 17.53 24.22
N ALA B 315 -14.50 17.79 24.62
CA ALA B 315 -13.90 19.10 24.45
C ALA B 315 -12.88 19.17 23.32
N GLY B 316 -12.46 18.04 22.78
CA GLY B 316 -11.46 18.05 21.72
C GLY B 316 -11.17 16.64 21.25
N VAL B 317 -10.57 16.56 20.07
CA VAL B 317 -10.20 15.30 19.45
C VAL B 317 -8.80 15.42 18.88
N LEU B 318 -7.98 14.39 19.12
CA LEU B 318 -6.65 14.28 18.52
C LEU B 318 -6.70 13.17 17.49
N ALA B 319 -6.66 13.54 16.21
CA ALA B 319 -6.86 12.60 15.13
C ALA B 319 -5.67 12.53 14.18
N GLY B 320 -4.47 12.42 14.73
CA GLY B 320 -3.26 12.41 13.93
C GLY B 320 -2.72 11.04 13.59
N HIS B 321 -3.16 10.01 14.30
CA HIS B 321 -2.60 8.67 14.14
C HIS B 321 -3.37 7.88 13.09
N ASP B 322 -2.67 6.94 12.46
CA ASP B 322 -3.24 6.10 11.42
C ASP B 322 -3.53 4.67 11.88
N ASN B 323 -3.25 4.36 13.15
CA ASN B 323 -3.53 3.03 13.68
C ASN B 323 -3.97 3.18 15.13
N ARG B 324 -4.18 2.04 15.79
CA ARG B 324 -4.71 2.02 17.15
C ARG B 324 -3.80 2.78 18.11
N VAL B 325 -4.36 3.76 18.80
CA VAL B 325 -3.62 4.48 19.83
C VAL B 325 -3.46 3.58 21.04
N SER B 326 -2.22 3.30 21.43
CA SER B 326 -1.95 2.35 22.50
C SER B 326 -1.57 3.00 23.82
N CYS B 327 -1.02 4.22 23.80
CA CYS B 327 -0.54 4.84 25.02
C CYS B 327 -0.55 6.35 24.84
N LEU B 328 -0.84 7.05 25.95
CA LEU B 328 -0.69 8.50 25.99
C LEU B 328 -0.25 8.91 27.38
N GLY B 329 0.44 10.05 27.44
CA GLY B 329 0.95 10.54 28.70
C GLY B 329 1.11 12.05 28.72
N VAL B 330 0.80 12.67 29.86
CA VAL B 330 0.91 14.11 30.04
C VAL B 330 2.13 14.39 30.89
N THR B 331 2.88 15.43 30.53
CA THR B 331 4.06 15.81 31.27
C THR B 331 3.69 16.24 32.69
N ASP B 332 4.68 16.23 33.57
CA ASP B 332 4.44 16.64 34.96
C ASP B 332 4.16 18.13 35.06
N ASP B 333 4.69 18.93 34.14
CA ASP B 333 4.38 20.36 34.11
C ASP B 333 3.16 20.69 33.25
N GLY B 334 2.55 19.67 32.62
CA GLY B 334 1.34 19.87 31.84
C GLY B 334 1.53 20.58 30.52
N MET B 335 2.76 20.72 30.04
CA MET B 335 3.01 21.50 28.84
C MET B 335 2.62 20.76 27.57
N ALA B 336 2.73 19.44 27.55
CA ALA B 336 2.48 18.68 26.32
C ALA B 336 1.93 17.30 26.65
N VAL B 337 1.29 16.71 25.65
CA VAL B 337 0.78 15.34 25.71
C VAL B 337 1.47 14.54 24.63
N ALA B 338 1.96 13.36 25.00
CA ALA B 338 2.57 12.42 24.05
C ALA B 338 1.62 11.27 23.80
N THR B 339 1.52 10.84 22.54
CA THR B 339 0.65 9.75 22.14
C THR B 339 1.43 8.76 21.31
N GLY B 340 1.37 7.49 21.69
CA GLY B 340 1.94 6.40 20.91
C GLY B 340 0.84 5.56 20.31
N SER B 341 1.12 4.97 19.15
CA SER B 341 0.11 4.22 18.42
C SER B 341 0.77 3.06 17.71
N TRP B 342 -0.08 2.18 17.15
CA TRP B 342 0.41 1.01 16.44
C TRP B 342 1.01 1.34 15.08
N ASP B 343 0.98 2.61 14.66
CA ASP B 343 1.57 3.03 13.40
C ASP B 343 3.05 3.37 13.53
N SER B 344 3.69 3.03 14.65
CA SER B 344 5.11 3.16 14.94
C SER B 344 5.54 4.61 15.19
N PHE B 345 4.62 5.53 15.44
CA PHE B 345 4.97 6.93 15.62
C PHE B 345 4.51 7.43 16.98
N LEU B 346 5.33 8.29 17.58
CA LEU B 346 4.97 9.06 18.76
C LEU B 346 4.74 10.50 18.37
N LYS B 347 3.66 11.09 18.89
CA LYS B 347 3.30 12.45 18.57
C LYS B 347 3.18 13.28 19.85
N ILE B 348 3.77 14.48 19.83
CA ILE B 348 3.68 15.43 20.92
C ILE B 348 2.65 16.48 20.56
N TRP B 349 1.66 16.67 21.42
CA TRP B 349 0.57 17.59 21.19
C TRP B 349 0.63 18.72 22.20
N ASN B 350 0.22 19.92 21.77
CA ASN B 350 0.13 21.07 22.66
C ASN B 350 -1.23 21.73 22.55
N SER C 8 -13.66 -23.05 45.25
CA SER C 8 -13.20 -23.71 46.47
C SER C 8 -13.79 -23.03 47.71
N ILE C 9 -13.74 -23.75 48.84
CA ILE C 9 -14.26 -23.19 50.09
C ILE C 9 -13.34 -22.08 50.59
N ALA C 10 -12.03 -22.29 50.53
CA ALA C 10 -11.08 -21.29 50.98
C ALA C 10 -11.12 -20.02 50.14
N GLN C 11 -11.57 -20.11 48.89
CA GLN C 11 -11.70 -18.92 48.06
C GLN C 11 -12.94 -18.11 48.43
N ALA C 12 -14.06 -18.80 48.72
CA ALA C 12 -15.27 -18.10 49.12
C ALA C 12 -15.13 -17.48 50.50
N ARG C 13 -14.41 -18.15 51.40
CA ARG C 13 -14.22 -17.60 52.74
C ARG C 13 -13.34 -16.35 52.71
N LYS C 14 -12.35 -16.33 51.81
CA LYS C 14 -11.50 -15.15 51.69
C LYS C 14 -12.25 -13.99 51.08
N LEU C 15 -13.20 -14.26 50.18
CA LEU C 15 -14.00 -13.20 49.60
C LEU C 15 -14.90 -12.55 50.63
N VAL C 16 -15.42 -13.34 51.58
CA VAL C 16 -16.24 -12.79 52.64
C VAL C 16 -15.40 -11.95 53.59
N GLU C 17 -14.18 -12.40 53.89
CA GLU C 17 -13.30 -11.64 54.77
C GLU C 17 -12.85 -10.33 54.13
N GLN C 18 -12.85 -10.26 52.79
CA GLN C 18 -12.51 -9.02 52.12
C GLN C 18 -13.71 -8.09 52.05
N LEU C 19 -14.92 -8.63 51.87
CA LEU C 19 -16.12 -7.81 51.83
C LEU C 19 -16.40 -7.17 53.18
N LYS C 20 -15.95 -7.79 54.28
CA LYS C 20 -16.13 -7.19 55.60
C LYS C 20 -15.19 -6.00 55.78
N MET C 21 -13.97 -6.11 55.27
CA MET C 21 -13.02 -5.00 55.38
C MET C 21 -13.44 -3.81 54.54
N GLU C 22 -14.16 -4.05 53.44
CA GLU C 22 -14.62 -2.98 52.56
C GLU C 22 -15.97 -2.41 52.97
N ALA C 23 -16.74 -3.15 53.77
CA ALA C 23 -18.02 -2.64 54.23
C ALA C 23 -17.87 -1.75 55.45
N ASN C 24 -16.85 -1.95 56.25
CA ASN C 24 -16.62 -1.17 57.47
C ASN C 24 -15.63 -0.03 57.19
N ILE C 25 -15.99 0.81 56.22
CA ILE C 25 -15.20 1.99 55.89
C ILE C 25 -16.11 3.21 56.00
N ASP C 26 -15.51 4.34 56.34
CA ASP C 26 -16.25 5.59 56.51
C ASP C 26 -16.29 6.33 55.18
N ARG C 27 -17.48 6.47 54.61
CA ARG C 27 -17.70 7.12 53.33
C ARG C 27 -18.28 8.51 53.54
N ILE C 28 -17.89 9.44 52.69
CA ILE C 28 -18.42 10.79 52.72
C ILE C 28 -19.49 10.91 51.64
N LYS C 29 -20.27 11.99 51.71
CA LYS C 29 -21.32 12.21 50.73
C LYS C 29 -20.72 12.51 49.36
N VAL C 30 -21.42 12.08 48.31
CA VAL C 30 -20.97 12.35 46.95
C VAL C 30 -20.93 13.84 46.68
N SER C 31 -21.82 14.60 47.31
CA SER C 31 -21.79 16.05 47.16
C SER C 31 -20.51 16.65 47.72
N LYS C 32 -20.04 16.12 48.86
CA LYS C 32 -18.79 16.61 49.43
C LYS C 32 -17.60 16.20 48.57
N ALA C 33 -17.63 14.99 48.01
CA ALA C 33 -16.53 14.53 47.17
C ALA C 33 -16.50 15.27 45.84
N ALA C 34 -17.67 15.51 45.25
CA ALA C 34 -17.72 16.22 43.97
C ALA C 34 -17.26 17.66 44.11
N ALA C 35 -17.54 18.30 45.24
CA ALA C 35 -17.11 19.67 45.44
C ALA C 35 -15.61 19.78 45.63
N ASP C 36 -14.98 18.74 46.18
CA ASP C 36 -13.53 18.76 46.36
C ASP C 36 -12.81 18.67 45.02
N LEU C 37 -13.32 17.86 44.10
CA LEU C 37 -12.72 17.77 42.78
C LEU C 37 -12.89 19.06 42.00
N MET C 38 -14.06 19.70 42.12
CA MET C 38 -14.30 20.95 41.43
C MET C 38 -13.44 22.07 42.01
N ALA C 39 -13.30 22.11 43.34
CA ALA C 39 -12.49 23.16 43.96
C ALA C 39 -11.01 22.99 43.62
N TYR C 40 -10.55 21.76 43.39
CA TYR C 40 -9.16 21.55 43.02
C TYR C 40 -8.88 22.08 41.62
N CYS C 41 -9.83 21.91 40.70
CA CYS C 41 -9.62 22.35 39.33
C CYS C 41 -9.59 23.87 39.23
N GLU C 42 -10.39 24.57 40.04
CA GLU C 42 -10.39 26.02 40.01
C GLU C 42 -9.11 26.60 40.58
N ALA C 43 -8.54 25.95 41.60
CA ALA C 43 -7.32 26.46 42.21
C ALA C 43 -6.09 26.24 41.33
N HIS C 44 -6.18 25.36 40.32
CA HIS C 44 -5.05 25.06 39.45
C HIS C 44 -5.37 25.27 37.98
N ALA C 45 -6.40 26.08 37.68
CA ALA C 45 -6.78 26.31 36.30
C ALA C 45 -5.76 27.17 35.57
N LYS C 46 -5.11 28.10 36.28
CA LYS C 46 -4.13 28.98 35.64
C LYS C 46 -2.85 28.22 35.29
N GLU C 47 -2.48 27.23 36.09
CA GLU C 47 -1.26 26.47 35.88
C GLU C 47 -1.43 25.30 34.92
N ASP C 48 -2.51 25.27 34.14
CA ASP C 48 -2.76 24.17 33.21
C ASP C 48 -2.51 24.65 31.78
N PRO C 49 -1.37 24.33 31.17
CA PRO C 49 -1.11 24.80 29.81
C PRO C 49 -2.06 24.21 28.78
N LEU C 50 -2.58 23.01 29.00
CA LEU C 50 -3.53 22.43 28.05
C LEU C 50 -4.89 23.11 28.18
N LEU C 51 -5.27 23.52 29.39
CA LEU C 51 -6.52 24.24 29.58
C LEU C 51 -6.37 25.71 29.21
N THR C 52 -5.32 26.36 29.74
CA THR C 52 -5.02 27.74 29.40
C THR C 52 -3.87 27.75 28.39
N PRO C 53 -4.14 28.03 27.11
CA PRO C 53 -3.07 27.96 26.10
C PRO C 53 -1.91 28.89 26.44
N VAL C 54 -0.74 28.30 26.62
CA VAL C 54 0.46 29.06 26.96
C VAL C 54 0.87 29.92 25.77
N PRO C 55 1.39 31.13 25.99
CA PRO C 55 1.88 31.93 24.86
C PRO C 55 2.97 31.19 24.08
N ALA C 56 3.02 31.45 22.77
CA ALA C 56 4.00 30.80 21.91
C ALA C 56 5.42 31.23 22.24
N SER C 57 5.60 32.31 23.00
CA SER C 57 6.95 32.77 23.33
C SER C 57 7.61 31.83 24.32
N GLU C 58 6.86 31.32 25.29
CA GLU C 58 7.41 30.41 26.30
C GLU C 58 6.96 28.97 26.10
N ASN C 59 6.46 28.62 24.92
CA ASN C 59 6.09 27.23 24.64
C ASN C 59 7.31 26.46 24.16
N PRO C 60 7.78 25.44 24.89
CA PRO C 60 8.99 24.72 24.48
C PRO C 60 8.80 23.89 23.22
N PHE C 61 7.57 23.71 22.74
CA PHE C 61 7.31 22.94 21.53
C PHE C 61 6.83 23.82 20.38
N ARG C 62 7.36 25.03 20.28
CA ARG C 62 6.98 25.96 19.24
C ARG C 62 7.48 25.50 17.88
N GLN D 1 -22.09 -3.81 38.79
CA GLN D 1 -21.40 -5.10 38.82
C GLN D 1 -22.08 -6.09 37.90
N VAL D 2 -21.28 -6.79 37.09
CA VAL D 2 -21.81 -7.80 36.19
C VAL D 2 -22.24 -9.02 37.00
N GLN D 3 -23.50 -9.42 36.85
CA GLN D 3 -24.05 -10.52 37.63
C GLN D 3 -24.85 -11.44 36.71
N LEU D 4 -24.54 -12.73 36.76
CA LEU D 4 -25.26 -13.75 36.01
C LEU D 4 -25.70 -14.83 37.00
N GLN D 5 -27.01 -15.01 37.14
CA GLN D 5 -27.58 -15.97 38.08
C GLN D 5 -28.41 -16.99 37.31
N GLU D 6 -28.00 -18.26 37.36
CA GLU D 6 -28.68 -19.32 36.63
C GLU D 6 -29.75 -19.95 37.52
N SER D 7 -30.95 -20.10 36.98
CA SER D 7 -32.06 -20.72 37.67
C SER D 7 -32.45 -22.01 36.95
N GLY D 8 -33.50 -22.65 37.44
CA GLY D 8 -33.91 -23.93 36.91
C GLY D 8 -33.11 -25.06 37.53
N GLY D 9 -32.83 -26.11 36.76
CA GLY D 9 -32.02 -27.20 37.24
C GLY D 9 -32.73 -28.09 38.23
N GLY D 10 -32.21 -29.29 38.42
CA GLY D 10 -32.78 -30.24 39.35
C GLY D 10 -32.70 -31.65 38.80
N LEU D 11 -33.35 -32.57 39.51
CA LEU D 11 -33.36 -33.97 39.10
C LEU D 11 -34.43 -34.19 38.04
N VAL D 12 -34.09 -34.97 37.02
CA VAL D 12 -35.01 -35.28 35.93
C VAL D 12 -34.74 -36.71 35.46
N GLN D 13 -35.78 -37.36 34.95
CA GLN D 13 -35.66 -38.71 34.44
C GLN D 13 -35.07 -38.68 33.03
N PRO D 14 -34.39 -39.75 32.61
CA PRO D 14 -33.89 -39.81 31.24
C PRO D 14 -35.03 -39.70 30.23
N GLY D 15 -34.90 -38.75 29.31
CA GLY D 15 -35.96 -38.44 28.38
C GLY D 15 -36.85 -37.29 28.79
N GLY D 16 -36.64 -36.73 29.99
CA GLY D 16 -37.45 -35.63 30.46
C GLY D 16 -37.02 -34.30 29.89
N SER D 17 -37.66 -33.24 30.38
CA SER D 17 -37.43 -31.89 29.90
C SER D 17 -37.12 -30.96 31.06
N LEU D 18 -36.27 -29.97 30.77
CA LEU D 18 -35.95 -28.91 31.73
C LEU D 18 -35.76 -27.61 30.98
N ARG D 19 -35.97 -26.50 31.67
CA ARG D 19 -35.75 -25.16 31.12
C ARG D 19 -34.90 -24.37 32.10
N LEU D 20 -33.75 -23.91 31.63
CA LEU D 20 -32.84 -23.10 32.43
C LEU D 20 -33.00 -21.62 32.05
N SER D 21 -32.88 -20.76 33.06
CA SER D 21 -33.02 -19.32 32.87
C SER D 21 -31.82 -18.62 33.48
N CYS D 22 -31.31 -17.61 32.78
CA CYS D 22 -30.15 -16.85 33.22
C CYS D 22 -30.56 -15.38 33.35
N ALA D 23 -30.68 -14.91 34.59
CA ALA D 23 -31.05 -13.53 34.87
C ALA D 23 -29.78 -12.69 34.90
N ALA D 24 -29.65 -11.77 33.94
CA ALA D 24 -28.46 -10.96 33.78
C ALA D 24 -28.70 -9.55 34.32
N SER D 25 -27.64 -8.95 34.84
CA SER D 25 -27.70 -7.58 35.34
C SER D 25 -26.30 -7.00 35.36
N GLY D 26 -26.23 -5.67 35.30
CA GLY D 26 -24.96 -4.97 35.35
C GLY D 26 -24.34 -4.65 34.01
N PHE D 27 -25.02 -4.94 32.91
CA PHE D 27 -24.51 -4.64 31.59
C PHE D 27 -25.67 -4.56 30.61
N THR D 28 -25.40 -3.94 29.47
CA THR D 28 -26.39 -3.86 28.39
C THR D 28 -26.53 -5.24 27.76
N PHE D 29 -27.61 -5.94 28.09
CA PHE D 29 -27.77 -7.32 27.67
C PHE D 29 -27.86 -7.45 26.15
N SER D 30 -28.38 -6.43 25.47
CA SER D 30 -28.57 -6.53 24.02
C SER D 30 -27.26 -6.41 23.25
N ASN D 31 -26.20 -5.90 23.87
CA ASN D 31 -24.94 -5.66 23.17
C ASN D 31 -23.98 -6.83 23.22
N TYR D 32 -24.29 -7.88 23.97
CA TYR D 32 -23.36 -8.97 24.22
C TYR D 32 -23.92 -10.29 23.67
N LYS D 33 -23.04 -11.07 23.07
CA LYS D 33 -23.37 -12.43 22.67
C LYS D 33 -23.29 -13.35 23.88
N MET D 34 -24.32 -14.17 24.07
CA MET D 34 -24.46 -15.01 25.25
C MET D 34 -24.10 -16.46 24.91
N ASN D 35 -23.69 -17.21 25.93
CA ASN D 35 -23.25 -18.58 25.76
C ASN D 35 -23.81 -19.44 26.88
N TRP D 36 -23.81 -20.75 26.63
CA TRP D 36 -24.10 -21.76 27.65
C TRP D 36 -22.94 -22.75 27.67
N VAL D 37 -22.32 -22.90 28.83
CA VAL D 37 -21.26 -23.88 29.02
C VAL D 37 -21.62 -24.75 30.21
N ARG D 38 -21.06 -25.96 30.23
CA ARG D 38 -21.35 -26.92 31.28
C ARG D 38 -20.07 -27.64 31.69
N GLN D 39 -20.05 -28.15 32.91
CA GLN D 39 -18.92 -28.90 33.46
C GLN D 39 -19.45 -30.20 34.04
N ALA D 40 -19.23 -31.30 33.33
CA ALA D 40 -19.65 -32.60 33.81
C ALA D 40 -18.75 -33.04 34.98
N PRO D 41 -19.23 -33.94 35.83
CA PRO D 41 -18.41 -34.40 36.96
C PRO D 41 -17.13 -35.06 36.47
N GLY D 42 -16.00 -34.55 36.98
CA GLY D 42 -14.71 -35.08 36.59
C GLY D 42 -14.27 -34.70 35.18
N LYS D 43 -14.81 -33.61 34.64
CA LYS D 43 -14.46 -33.15 33.31
C LYS D 43 -14.28 -31.64 33.34
N GLY D 44 -13.71 -31.11 32.26
CA GLY D 44 -13.53 -29.68 32.12
C GLY D 44 -14.76 -28.99 31.57
N LEU D 45 -14.68 -27.66 31.51
CA LEU D 45 -15.77 -26.87 30.97
C LEU D 45 -15.90 -27.09 29.48
N GLU D 46 -17.14 -27.23 29.02
CA GLU D 46 -17.44 -27.52 27.61
C GLU D 46 -18.50 -26.56 27.11
N TRP D 47 -18.22 -25.92 25.98
CA TRP D 47 -19.19 -25.03 25.36
C TRP D 47 -20.36 -25.84 24.81
N VAL D 48 -21.58 -25.34 25.03
CA VAL D 48 -22.79 -26.01 24.63
C VAL D 48 -23.53 -25.26 23.52
N SER D 49 -23.81 -23.98 23.74
CA SER D 49 -24.59 -23.21 22.79
C SER D 49 -24.31 -21.73 22.97
N ASP D 50 -24.48 -20.97 21.89
CA ASP D 50 -24.33 -19.53 21.92
C ASP D 50 -25.41 -18.90 21.05
N ILE D 51 -25.68 -17.62 21.32
CA ILE D 51 -26.71 -16.88 20.58
C ILE D 51 -26.22 -15.45 20.40
N SER D 52 -26.49 -14.90 19.22
CA SER D 52 -25.99 -13.57 18.87
C SER D 52 -26.74 -12.50 19.66
N GLN D 53 -26.39 -11.24 19.38
CA GLN D 53 -27.01 -10.12 20.08
C GLN D 53 -28.50 -10.04 19.81
N SER D 54 -28.91 -10.24 18.55
CA SER D 54 -30.31 -10.15 18.18
C SER D 54 -31.04 -11.49 18.30
N GLY D 55 -30.33 -12.61 18.20
CA GLY D 55 -30.95 -13.91 18.27
C GLY D 55 -31.06 -14.64 16.94
N ALA D 56 -30.59 -14.04 15.85
CA ALA D 56 -30.70 -14.68 14.55
C ALA D 56 -29.69 -15.81 14.42
N SER D 57 -28.42 -15.55 14.76
CA SER D 57 -27.37 -16.55 14.66
C SER D 57 -27.36 -17.40 15.93
N ILE D 58 -27.54 -18.71 15.76
CA ILE D 58 -27.61 -19.66 16.87
C ILE D 58 -26.78 -20.88 16.50
N SER D 59 -25.91 -21.31 17.41
CA SER D 59 -25.05 -22.47 17.18
C SER D 59 -25.10 -23.39 18.39
N TYR D 60 -24.99 -24.69 18.13
CA TYR D 60 -25.00 -25.71 19.17
C TYR D 60 -23.80 -26.62 19.01
N THR D 61 -23.41 -27.25 20.11
CA THR D 61 -22.45 -28.35 20.02
C THR D 61 -23.15 -29.58 19.45
N GLY D 62 -22.35 -30.50 18.92
CA GLY D 62 -22.92 -31.64 18.22
C GLY D 62 -23.75 -32.54 19.10
N SER D 63 -23.32 -32.74 20.35
CA SER D 63 -23.98 -33.69 21.25
C SER D 63 -25.37 -33.25 21.67
N VAL D 64 -25.72 -31.98 21.51
CA VAL D 64 -27.01 -31.46 21.94
C VAL D 64 -27.85 -30.93 20.80
N LYS D 65 -27.36 -30.97 19.56
CA LYS D 65 -28.11 -30.45 18.43
C LYS D 65 -29.39 -31.24 18.22
N GLY D 66 -30.50 -30.54 18.06
CA GLY D 66 -31.80 -31.15 17.91
C GLY D 66 -32.54 -31.39 19.20
N ARG D 67 -31.86 -31.37 20.35
CA ARG D 67 -32.48 -31.57 21.65
C ARG D 67 -32.54 -30.30 22.49
N PHE D 68 -31.52 -29.45 22.42
CA PHE D 68 -31.47 -28.22 23.18
C PHE D 68 -31.91 -27.04 22.31
N THR D 69 -32.54 -26.05 22.94
CA THR D 69 -32.98 -24.84 22.26
C THR D 69 -32.60 -23.65 23.12
N ILE D 70 -31.83 -22.74 22.55
CA ILE D 70 -31.40 -21.53 23.25
C ILE D 70 -32.21 -20.34 22.72
N SER D 71 -32.51 -19.40 23.61
CA SER D 71 -33.25 -18.20 23.23
C SER D 71 -32.96 -17.12 24.26
N ARG D 72 -33.09 -15.87 23.83
CA ARG D 72 -32.86 -14.73 24.69
C ARG D 72 -34.01 -13.75 24.58
N ASP D 73 -34.33 -13.11 25.71
CA ASP D 73 -35.34 -12.05 25.77
C ASP D 73 -34.63 -10.80 26.25
N ASN D 74 -34.27 -9.92 25.31
CA ASN D 74 -33.53 -8.71 25.65
C ASN D 74 -34.34 -7.74 26.50
N ALA D 75 -35.67 -7.84 26.46
CA ALA D 75 -36.50 -6.97 27.29
C ALA D 75 -36.39 -7.36 28.76
N LYS D 76 -36.38 -8.65 29.05
CA LYS D 76 -36.28 -9.14 30.43
C LYS D 76 -34.84 -9.43 30.86
N ASN D 77 -33.88 -9.25 29.97
CA ASN D 77 -32.46 -9.52 30.26
C ASN D 77 -32.27 -10.96 30.76
N THR D 78 -32.85 -11.91 30.03
CA THR D 78 -32.83 -13.30 30.43
C THR D 78 -32.38 -14.17 29.27
N LEU D 79 -31.59 -15.20 29.58
CA LEU D 79 -31.14 -16.20 28.62
C LEU D 79 -31.79 -17.53 28.99
N TYR D 80 -32.34 -18.21 27.99
CA TYR D 80 -33.07 -19.46 28.20
C TYR D 80 -32.38 -20.61 27.50
N LEU D 81 -32.59 -21.81 28.05
CA LEU D 81 -32.07 -23.05 27.45
C LEU D 81 -33.10 -24.15 27.70
N GLN D 82 -33.85 -24.50 26.66
CA GLN D 82 -34.83 -25.57 26.73
C GLN D 82 -34.15 -26.89 26.41
N MET D 83 -34.14 -27.80 27.37
CA MET D 83 -33.46 -29.09 27.24
C MET D 83 -34.51 -30.20 27.18
N ASN D 84 -34.69 -30.77 26.00
CA ASN D 84 -35.65 -31.85 25.77
C ASN D 84 -34.91 -33.17 25.55
N SER D 85 -35.61 -34.26 25.86
CA SER D 85 -35.09 -35.62 25.74
C SER D 85 -33.71 -35.74 26.38
N LEU D 86 -33.64 -35.40 27.66
CA LEU D 86 -32.36 -35.37 28.37
C LEU D 86 -31.82 -36.78 28.57
N LYS D 87 -30.50 -36.90 28.44
CA LYS D 87 -29.78 -38.15 28.63
C LYS D 87 -28.90 -38.06 29.86
N PRO D 88 -28.49 -39.20 30.43
CA PRO D 88 -27.54 -39.16 31.56
C PRO D 88 -26.20 -38.55 31.19
N GLU D 89 -25.89 -38.40 29.91
CA GLU D 89 -24.67 -37.71 29.51
C GLU D 89 -24.76 -36.20 29.72
N ASP D 90 -25.97 -35.67 29.92
CA ASP D 90 -26.19 -34.24 30.10
C ASP D 90 -26.06 -33.80 31.54
N THR D 91 -25.74 -34.71 32.46
CA THR D 91 -25.57 -34.35 33.86
C THR D 91 -24.33 -33.49 34.03
N ALA D 92 -24.53 -32.22 34.38
CA ALA D 92 -23.44 -31.28 34.53
C ALA D 92 -23.96 -30.03 35.24
N VAL D 93 -23.03 -29.14 35.57
CA VAL D 93 -23.36 -27.82 36.10
C VAL D 93 -23.36 -26.84 34.93
N TYR D 94 -24.53 -26.29 34.62
CA TYR D 94 -24.69 -25.45 33.44
C TYR D 94 -24.45 -23.99 33.82
N TYR D 95 -23.48 -23.37 33.15
CA TYR D 95 -23.10 -21.99 33.41
C TYR D 95 -23.59 -21.08 32.30
N CYS D 96 -23.99 -19.87 32.68
CA CYS D 96 -24.38 -18.84 31.74
C CYS D 96 -23.19 -17.90 31.54
N ALA D 97 -22.62 -17.91 30.34
CA ALA D 97 -21.39 -17.19 30.05
C ALA D 97 -21.66 -16.08 29.04
N ARG D 98 -21.10 -14.91 29.32
CA ARG D 98 -21.20 -13.75 28.45
C ARG D 98 -19.87 -13.52 27.74
N CYS D 99 -19.94 -13.10 26.48
CA CYS D 99 -18.74 -12.73 25.76
C CYS D 99 -18.10 -11.50 26.41
N PRO D 100 -16.77 -11.40 26.39
CA PRO D 100 -16.12 -10.34 27.19
C PRO D 100 -16.37 -8.94 26.66
N ALA D 101 -16.35 -8.74 25.35
CA ALA D 101 -16.48 -7.40 24.80
C ALA D 101 -17.74 -7.28 23.96
N PRO D 102 -18.40 -6.12 23.97
CA PRO D 102 -19.59 -5.92 23.16
C PRO D 102 -19.25 -5.61 21.71
N PHE D 103 -20.21 -5.89 20.83
CA PHE D 103 -20.09 -5.67 19.39
C PHE D 103 -18.86 -6.37 18.84
N THR D 104 -18.75 -7.66 19.14
CA THR D 104 -17.61 -8.46 18.73
C THR D 104 -18.10 -9.80 18.19
N ARG D 105 -17.58 -10.19 17.03
CA ARG D 105 -17.92 -11.48 16.46
C ARG D 105 -17.17 -12.61 17.17
N ASP D 106 -15.98 -12.32 17.68
CA ASP D 106 -15.21 -13.31 18.42
C ASP D 106 -15.67 -13.34 19.88
N CYS D 107 -15.57 -14.54 20.48
CA CYS D 107 -15.92 -14.75 21.87
C CYS D 107 -14.81 -15.57 22.51
N PHE D 108 -13.92 -14.91 23.24
CA PHE D 108 -12.73 -15.53 23.79
C PHE D 108 -12.96 -15.96 25.23
N ASP D 109 -12.39 -17.10 25.59
CA ASP D 109 -12.15 -17.52 26.97
C ASP D 109 -13.42 -17.77 27.77
N VAL D 110 -14.54 -18.09 27.11
CA VAL D 110 -15.75 -18.39 27.86
C VAL D 110 -15.67 -19.74 28.56
N THR D 111 -14.77 -20.63 28.11
CA THR D 111 -14.61 -21.95 28.72
C THR D 111 -13.35 -22.04 29.57
N SER D 112 -12.80 -20.91 30.00
CA SER D 112 -11.61 -20.91 30.82
C SER D 112 -11.94 -21.32 32.26
N THR D 113 -10.92 -21.81 32.96
CA THR D 113 -11.11 -22.23 34.34
C THR D 113 -11.59 -21.07 35.21
N THR D 114 -10.95 -19.91 35.06
CA THR D 114 -11.34 -18.69 35.76
C THR D 114 -11.78 -17.67 34.73
N TYR D 115 -13.06 -17.35 34.72
CA TYR D 115 -13.63 -16.38 33.80
C TYR D 115 -14.62 -15.51 34.56
N ALA D 116 -14.47 -14.19 34.43
CA ALA D 116 -15.23 -13.27 35.28
C ALA D 116 -16.69 -13.18 34.87
N TYR D 117 -16.96 -13.13 33.57
CA TYR D 117 -18.32 -12.89 33.09
C TYR D 117 -19.05 -14.22 32.87
N ARG D 118 -19.14 -14.99 33.95
CA ARG D 118 -19.83 -16.27 33.96
C ARG D 118 -20.49 -16.48 35.32
N GLY D 119 -21.68 -17.07 35.31
CA GLY D 119 -22.42 -17.29 36.52
C GLY D 119 -21.85 -18.42 37.35
N GLN D 120 -22.50 -18.66 38.50
CA GLN D 120 -22.07 -19.72 39.40
C GLN D 120 -22.53 -21.10 38.95
N GLY D 121 -23.52 -21.18 38.07
CA GLY D 121 -23.94 -22.44 37.52
C GLY D 121 -25.10 -23.09 38.25
N THR D 122 -25.97 -23.76 37.49
CA THR D 122 -27.08 -24.53 38.05
C THR D 122 -26.85 -26.02 37.80
N GLN D 123 -27.25 -26.84 38.75
CA GLN D 123 -27.02 -28.28 38.69
C GLN D 123 -28.17 -28.96 37.95
N VAL D 124 -27.81 -29.76 36.95
CA VAL D 124 -28.77 -30.56 36.19
C VAL D 124 -28.32 -32.00 36.24
N THR D 125 -29.12 -32.87 36.85
CA THR D 125 -28.79 -34.28 36.98
C THR D 125 -29.88 -35.11 36.32
N VAL D 126 -29.48 -36.03 35.45
CA VAL D 126 -30.40 -36.90 34.71
C VAL D 126 -30.12 -38.33 35.18
N SER D 127 -30.99 -38.85 36.03
CA SER D 127 -30.85 -40.20 36.54
C SER D 127 -32.24 -40.80 36.73
N SER D 128 -32.29 -42.13 36.72
CA SER D 128 -33.55 -42.85 36.89
C SER D 128 -33.88 -43.04 38.37
N CYS E 29 4.43 19.41 -82.89
CA CYS E 29 4.67 20.87 -82.90
C CYS E 29 5.82 21.21 -83.86
N ASN E 30 6.58 22.26 -83.55
CA ASN E 30 7.68 22.70 -84.46
C ASN E 30 9.03 22.36 -83.82
N GLU E 31 9.85 21.57 -84.51
CA GLU E 31 11.22 21.29 -83.97
C GLU E 31 12.21 22.30 -84.57
N THR E 32 12.23 22.41 -85.90
CA THR E 32 13.24 23.30 -86.57
C THR E 32 13.05 24.76 -86.16
N GLY E 33 11.80 25.25 -86.15
CA GLY E 33 11.55 26.66 -85.83
C GLY E 33 11.94 26.99 -84.41
N MET E 34 11.66 26.07 -83.48
CA MET E 34 11.90 26.36 -82.05
C MET E 34 13.40 26.45 -81.74
N LEU E 35 14.27 25.76 -82.51
CA LEU E 35 15.65 25.77 -82.07
C LEU E 35 16.34 27.10 -82.35
N GLU E 36 15.89 27.83 -83.38
CA GLU E 36 16.50 29.13 -83.66
C GLU E 36 15.89 30.22 -82.78
N ARG E 37 14.69 29.98 -82.23
CA ARG E 37 14.16 30.91 -81.23
C ARG E 37 14.88 30.78 -79.90
N LEU E 38 15.67 29.73 -79.73
CA LEU E 38 16.39 29.54 -78.47
C LEU E 38 17.57 30.48 -78.26
N PRO E 39 18.47 30.69 -79.24
CA PRO E 39 19.67 31.51 -78.95
C PRO E 39 19.37 32.94 -78.53
N LEU E 40 18.22 33.50 -78.88
CA LEU E 40 17.86 34.83 -78.42
C LEU E 40 17.98 34.94 -76.89
N CYS E 41 17.24 34.12 -76.17
CA CYS E 41 17.26 34.19 -74.71
C CYS E 41 18.53 33.56 -74.16
N GLY E 42 19.16 32.68 -74.93
CA GLY E 42 20.42 32.08 -74.51
C GLY E 42 21.54 33.10 -74.38
N LYS E 43 21.75 33.90 -75.43
CA LYS E 43 22.77 34.95 -75.35
C LYS E 43 22.32 36.06 -74.40
N ALA E 44 21.00 36.27 -74.29
CA ALA E 44 20.49 37.20 -73.29
C ALA E 44 20.87 36.75 -71.89
N PHE E 45 20.88 35.44 -71.65
CA PHE E 45 21.39 34.93 -70.39
C PHE E 45 22.91 35.09 -70.29
N ALA E 46 23.58 35.20 -71.43
CA ALA E 46 25.04 35.35 -71.44
C ALA E 46 25.51 36.78 -71.18
N ASP E 47 24.59 37.73 -71.05
CA ASP E 47 24.95 39.10 -70.68
C ASP E 47 24.63 39.39 -69.23
N MET E 48 23.50 38.90 -68.72
CA MET E 48 23.21 39.04 -67.29
C MET E 48 24.25 38.33 -66.45
N MET E 49 24.84 37.24 -66.97
CA MET E 49 25.95 36.59 -66.29
C MET E 49 27.21 37.45 -66.29
N GLY E 50 27.31 38.41 -67.22
CA GLY E 50 28.48 39.26 -67.29
C GLY E 50 28.49 40.37 -66.25
N LYS E 51 27.34 40.98 -66.00
CA LYS E 51 27.27 42.06 -65.02
C LYS E 51 27.49 41.53 -63.61
N VAL E 52 26.98 40.34 -63.31
CA VAL E 52 27.18 39.74 -61.99
C VAL E 52 28.62 39.22 -61.90
N ASP E 53 29.12 39.11 -60.67
CA ASP E 53 30.48 38.63 -60.43
C ASP E 53 30.72 37.31 -61.14
N VAL E 54 31.73 37.30 -62.02
CA VAL E 54 32.05 36.10 -62.77
C VAL E 54 32.56 35.01 -61.85
N TRP E 55 33.37 35.39 -60.84
CA TRP E 55 33.90 34.42 -59.90
C TRP E 55 32.82 33.84 -58.99
N LYS E 56 31.69 34.55 -58.83
CA LYS E 56 30.58 34.09 -58.01
C LYS E 56 29.48 33.44 -58.84
N TRP E 57 29.84 32.85 -59.98
CA TRP E 57 28.84 32.22 -60.84
C TRP E 57 28.26 30.97 -60.19
N CYS E 58 29.02 30.31 -59.31
CA CYS E 58 28.58 29.04 -58.75
C CYS E 58 27.44 29.24 -57.76
N ASN E 59 27.53 30.27 -56.93
CA ASN E 59 26.48 30.54 -55.95
C ASN E 59 25.21 30.97 -56.67
N LEU E 60 24.16 30.15 -56.58
CA LEU E 60 22.93 30.44 -57.30
C LEU E 60 22.25 31.69 -56.76
N SER E 61 22.44 31.99 -55.48
CA SER E 61 21.85 33.17 -54.86
C SER E 61 22.33 34.48 -55.48
N GLU E 62 23.40 34.44 -56.26
CA GLU E 62 23.89 35.66 -56.91
C GLU E 62 22.96 36.11 -58.02
N PHE E 63 22.36 35.16 -58.74
CA PHE E 63 21.49 35.46 -59.87
C PHE E 63 20.23 34.60 -59.82
N ILE E 64 19.61 34.52 -58.65
CA ILE E 64 18.45 33.65 -58.47
C ILE E 64 17.29 34.13 -59.34
N VAL E 65 17.13 35.44 -59.49
CA VAL E 65 16.04 35.96 -60.29
C VAL E 65 16.38 35.91 -61.78
N TYR E 66 17.66 36.08 -62.13
CA TYR E 66 18.06 36.06 -63.53
C TYR E 66 18.06 34.64 -64.07
N TYR E 67 18.50 33.66 -63.27
CA TYR E 67 18.42 32.27 -63.69
C TYR E 67 16.96 31.82 -63.79
N GLU E 68 16.10 32.33 -62.91
CA GLU E 68 14.68 32.00 -62.97
C GLU E 68 14.02 32.59 -64.21
N SER E 69 14.27 33.88 -64.49
CA SER E 69 13.67 34.51 -65.65
C SER E 69 14.09 33.81 -66.93
N PHE E 70 15.33 33.30 -66.98
CA PHE E 70 15.77 32.52 -68.13
C PHE E 70 14.94 31.24 -68.27
N THR E 71 14.54 30.64 -67.16
CA THR E 71 13.71 29.45 -67.21
C THR E 71 12.29 29.78 -67.69
N ASN E 72 11.67 30.79 -67.07
CA ASN E 72 10.36 31.24 -67.55
C ASN E 72 10.45 31.74 -68.99
N CYS E 73 11.61 32.29 -69.37
CA CYS E 73 11.84 32.64 -70.76
C CYS E 73 11.79 31.40 -71.66
N THR E 74 12.58 30.38 -71.30
CA THR E 74 12.58 29.14 -72.09
C THR E 74 11.23 28.44 -72.02
N GLU E 75 10.44 28.74 -70.98
CA GLU E 75 9.13 28.12 -70.81
C GLU E 75 8.23 28.35 -72.03
N MET E 76 8.05 29.61 -72.43
CA MET E 76 7.06 29.93 -73.46
C MET E 76 7.63 29.90 -74.88
N GLU E 77 8.96 29.86 -74.98
CA GLU E 77 9.58 29.72 -76.32
C GLU E 77 9.02 28.43 -76.92
N ALA E 78 9.09 27.33 -76.15
CA ALA E 78 8.52 26.05 -76.62
C ALA E 78 7.00 26.21 -76.79
N ASN E 79 6.36 26.95 -75.89
CA ASN E 79 4.88 27.09 -75.95
C ASN E 79 4.43 27.78 -77.24
N VAL E 80 5.18 28.79 -77.72
CA VAL E 80 4.72 29.55 -78.93
C VAL E 80 4.67 28.62 -80.14
N VAL E 81 5.64 27.70 -80.27
CA VAL E 81 5.62 26.72 -81.40
C VAL E 81 4.68 25.58 -81.03
N GLY E 82 4.17 25.56 -79.79
CA GLY E 82 3.19 24.54 -79.37
C GLY E 82 3.83 23.32 -78.72
N CYS E 83 5.16 23.28 -78.64
CA CYS E 83 5.84 22.15 -77.94
C CYS E 83 5.64 22.29 -76.42
N TYR E 84 5.59 21.18 -75.70
CA TYR E 84 5.33 21.25 -74.23
C TYR E 84 6.66 21.23 -73.48
N TRP E 85 6.96 22.29 -72.74
CA TRP E 85 8.20 22.32 -71.89
C TRP E 85 8.00 21.32 -70.75
N PRO E 86 9.00 20.51 -70.32
CA PRO E 86 10.28 20.35 -71.03
C PRO E 86 10.24 19.48 -72.29
N ASN E 87 11.15 19.72 -73.24
CA ASN E 87 11.18 18.95 -74.51
C ASN E 87 12.50 18.17 -74.60
N PRO E 88 12.50 16.91 -75.11
CA PRO E 88 13.71 16.10 -75.17
C PRO E 88 14.88 16.78 -75.88
N LEU E 89 14.59 17.71 -76.80
CA LEU E 89 15.62 18.41 -77.55
C LEU E 89 15.91 19.80 -77.03
N ALA E 90 14.91 20.50 -76.48
CA ALA E 90 15.17 21.78 -75.83
C ALA E 90 15.97 21.62 -74.55
N GLN E 91 15.99 20.41 -73.97
CA GLN E 91 16.83 20.16 -72.81
C GLN E 91 18.31 20.25 -73.18
N GLY E 92 18.68 19.87 -74.40
CA GLY E 92 20.05 19.98 -74.83
C GLY E 92 20.54 21.40 -75.01
N PHE E 93 19.63 22.34 -75.27
CA PHE E 93 20.01 23.74 -75.32
C PHE E 93 20.26 24.29 -73.92
N ILE E 94 19.48 23.82 -72.93
CA ILE E 94 19.76 24.19 -71.55
C ILE E 94 21.02 23.50 -71.06
N THR E 95 21.21 22.22 -71.44
CA THR E 95 22.44 21.52 -71.14
C THR E 95 23.63 22.11 -71.88
N GLY E 96 23.40 22.67 -73.07
CA GLY E 96 24.51 23.25 -73.83
C GLY E 96 25.14 24.45 -73.15
N ILE E 97 24.31 25.32 -72.57
CA ILE E 97 24.86 26.47 -71.84
C ILE E 97 25.31 26.04 -70.45
N HIS E 98 24.74 24.97 -69.92
CA HIS E 98 25.15 24.46 -68.62
C HIS E 98 26.48 23.72 -68.67
N ARG E 99 26.97 23.41 -69.88
CA ARG E 99 28.26 22.73 -70.05
C ARG E 99 29.42 23.71 -70.02
N GLN E 100 29.28 24.84 -70.73
CA GLN E 100 30.37 25.80 -70.81
C GLN E 100 30.36 26.80 -69.67
N PHE E 101 29.18 27.14 -69.14
CA PHE E 101 29.07 28.19 -68.14
C PHE E 101 29.02 27.69 -66.69
N PHE E 102 28.60 26.44 -66.47
CA PHE E 102 28.53 25.87 -65.12
C PHE E 102 29.27 24.53 -65.12
N SER E 103 30.58 24.58 -64.92
CA SER E 103 31.40 23.39 -64.80
C SER E 103 32.43 23.46 -63.70
N ASN E 104 32.71 24.65 -63.16
CA ASN E 104 33.73 24.85 -62.14
C ASN E 104 33.13 24.91 -60.73
N CYS E 105 31.99 24.27 -60.51
CA CYS E 105 31.26 24.34 -59.26
C CYS E 105 31.19 22.98 -58.58
N THR E 106 31.16 22.99 -57.26
CA THR E 106 31.08 21.76 -56.50
C THR E 106 29.70 21.11 -56.68
N VAL E 107 29.70 19.80 -56.94
CA VAL E 107 28.46 19.05 -57.09
C VAL E 107 27.95 18.51 -55.75
N ASP E 108 28.69 18.70 -54.68
CA ASP E 108 28.34 18.11 -53.40
C ASP E 108 27.43 19.02 -52.58
N ARG E 109 26.54 18.40 -51.82
CA ARG E 109 25.63 19.11 -50.93
C ARG E 109 25.24 18.16 -49.81
N VAL E 110 24.26 18.59 -49.01
CA VAL E 110 23.72 17.71 -47.97
C VAL E 110 23.13 16.47 -48.62
N HIS E 111 23.72 15.31 -48.32
CA HIS E 111 23.29 14.08 -48.96
C HIS E 111 22.02 13.53 -48.33
N LEU E 112 21.98 13.49 -47.00
CA LEU E 112 20.81 13.00 -46.24
C LEU E 112 20.45 11.57 -46.67
N GLU E 113 21.38 10.65 -46.42
CA GLU E 113 21.19 9.26 -46.79
C GLU E 113 21.62 8.35 -45.64
N ASP E 114 20.91 7.24 -45.50
CA ASP E 114 21.21 6.29 -44.45
C ASP E 114 22.49 5.52 -44.76
N PRO E 115 23.22 5.10 -43.74
CA PRO E 115 24.43 4.29 -43.98
C PRO E 115 24.07 2.92 -44.52
N PRO E 116 25.04 2.19 -45.08
CA PRO E 116 24.75 0.84 -45.58
C PRO E 116 24.35 -0.10 -44.46
N ASP E 117 23.82 -1.25 -44.86
CA ASP E 117 23.35 -2.24 -43.89
C ASP E 117 24.48 -2.79 -43.04
N GLU E 118 25.70 -2.84 -43.58
CA GLU E 118 26.84 -3.28 -42.78
C GLU E 118 27.10 -2.35 -41.61
N VAL E 119 26.67 -1.10 -41.71
CA VAL E 119 26.80 -0.14 -40.61
C VAL E 119 25.47 0.08 -39.90
N LEU E 120 24.36 0.05 -40.64
CA LEU E 120 23.06 0.37 -40.04
C LEU E 120 22.59 -0.74 -39.11
N ILE E 121 22.76 -2.01 -39.52
CA ILE E 121 22.28 -3.12 -38.70
C ILE E 121 22.98 -3.18 -37.34
N PRO E 122 24.31 -3.09 -37.25
CA PRO E 122 24.93 -3.07 -35.91
C PRO E 122 24.52 -1.89 -35.07
N LEU E 123 24.20 -0.74 -35.69
CA LEU E 123 23.78 0.43 -34.94
C LEU E 123 22.42 0.24 -34.26
N ILE E 124 21.60 -0.69 -34.76
CA ILE E 124 20.29 -0.95 -34.20
C ILE E 124 20.31 -2.18 -33.29
N VAL E 125 21.05 -3.22 -33.68
CA VAL E 125 21.03 -4.48 -32.95
C VAL E 125 21.74 -4.33 -31.60
N ILE E 126 22.89 -3.64 -31.59
CA ILE E 126 23.67 -3.52 -30.35
C ILE E 126 22.89 -2.83 -29.24
N PRO E 127 22.26 -1.66 -29.45
CA PRO E 127 21.47 -1.08 -28.35
C PRO E 127 20.26 -1.92 -27.98
N VAL E 128 19.69 -2.67 -28.93
CA VAL E 128 18.62 -3.60 -28.58
C VAL E 128 19.16 -4.73 -27.72
N VAL E 129 20.32 -5.27 -28.08
CA VAL E 129 20.93 -6.34 -27.29
C VAL E 129 21.26 -5.84 -25.89
N LEU E 130 21.84 -4.64 -25.80
CA LEU E 130 22.19 -4.08 -24.48
C LEU E 130 20.94 -3.80 -23.66
N THR E 131 19.82 -3.50 -24.30
CA THR E 131 18.58 -3.27 -23.56
C THR E 131 18.11 -4.54 -22.86
N VAL E 132 18.10 -5.67 -23.58
CA VAL E 132 17.71 -6.93 -22.98
C VAL E 132 18.71 -7.34 -21.91
N ALA E 133 20.00 -7.09 -22.13
CA ALA E 133 21.01 -7.42 -21.14
C ALA E 133 20.91 -6.51 -19.92
N MET E 134 20.57 -5.24 -20.14
CA MET E 134 20.41 -4.31 -19.02
C MET E 134 19.20 -4.66 -18.17
N ALA E 135 18.12 -5.13 -18.79
CA ALA E 135 16.93 -5.51 -18.02
C ALA E 135 17.20 -6.76 -17.19
N GLY E 136 17.87 -7.76 -17.78
CA GLY E 136 18.20 -8.96 -17.04
C GLY E 136 19.18 -8.68 -15.91
N LEU E 137 20.04 -7.68 -16.07
CA LEU E 137 20.97 -7.31 -15.01
C LEU E 137 20.22 -6.73 -13.81
N VAL E 138 19.15 -5.97 -14.06
CA VAL E 138 18.34 -5.45 -12.96
C VAL E 138 17.63 -6.58 -12.22
N VAL E 139 17.08 -7.54 -12.96
CA VAL E 139 16.42 -8.68 -12.32
C VAL E 139 17.40 -9.49 -11.50
N TRP E 140 18.68 -9.50 -11.89
CA TRP E 140 19.68 -10.30 -11.19
C TRP E 140 20.21 -9.57 -9.95
N ARG E 141 20.60 -8.30 -10.10
CA ARG E 141 21.35 -7.61 -9.07
C ARG E 141 20.51 -6.79 -8.12
N SER E 142 19.22 -6.57 -8.41
CA SER E 142 18.39 -5.78 -7.51
C SER E 142 18.15 -6.51 -6.20
N LYS E 143 17.78 -7.78 -6.27
CA LYS E 143 17.55 -8.58 -5.06
C LYS E 143 18.84 -9.09 -4.45
N ARG E 144 19.94 -9.09 -5.22
CA ARG E 144 21.19 -9.64 -4.71
C ARG E 144 21.76 -8.78 -3.60
N THR E 145 21.69 -7.45 -3.76
CA THR E 145 22.17 -6.54 -2.69
C THR E 145 23.58 -6.92 -2.27
N LYS F 1 10.57 5.63 -43.31
CA LYS F 1 9.41 5.80 -42.45
C LYS F 1 9.49 4.85 -41.25
N CYS F 2 9.21 5.37 -40.06
CA CYS F 2 9.29 4.55 -38.85
C CYS F 2 8.08 3.63 -38.71
N ASN F 3 6.87 4.21 -38.77
CA ASN F 3 5.61 3.47 -38.73
C ASN F 3 5.48 2.61 -37.47
N THR F 4 6.16 3.01 -36.41
CA THR F 4 6.05 2.34 -35.11
C THR F 4 5.14 3.16 -34.20
N ALA F 5 4.55 2.48 -33.21
CA ALA F 5 3.65 3.17 -32.29
C ALA F 5 4.37 4.26 -31.52
N THR F 6 5.63 4.03 -31.15
CA THR F 6 6.40 5.02 -30.40
C THR F 6 6.83 6.20 -31.28
N CYS F 7 6.71 6.08 -32.60
CA CYS F 7 7.02 7.17 -33.53
C CYS F 7 5.81 7.99 -33.89
N ALA F 8 4.66 7.77 -33.24
CA ALA F 8 3.42 8.43 -33.64
C ALA F 8 3.51 9.93 -33.46
N THR F 9 4.01 10.38 -32.31
CA THR F 9 4.12 11.82 -32.06
C THR F 9 5.09 12.46 -33.05
N GLN F 10 6.20 11.79 -33.34
CA GLN F 10 7.18 12.35 -34.27
C GLN F 10 6.61 12.44 -35.68
N ARG F 11 5.79 11.45 -36.07
CA ARG F 11 5.18 11.49 -37.40
C ARG F 11 4.16 12.62 -37.48
N LEU F 12 3.40 12.85 -36.41
CA LEU F 12 2.45 13.96 -36.40
C LEU F 12 3.16 15.30 -36.47
N ALA F 13 4.27 15.45 -35.73
CA ALA F 13 5.02 16.69 -35.77
C ALA F 13 5.66 16.92 -37.14
N ASN F 14 6.21 15.86 -37.74
CA ASN F 14 6.85 15.99 -39.04
C ASN F 14 5.84 16.41 -40.11
N PHE F 15 4.61 15.87 -40.03
CA PHE F 15 3.60 16.22 -41.02
C PHE F 15 3.17 17.68 -40.89
N LEU F 16 2.96 18.14 -39.66
CA LEU F 16 2.47 19.50 -39.45
C LEU F 16 3.52 20.54 -39.78
N VAL F 17 4.81 20.19 -39.61
CA VAL F 17 5.88 21.12 -39.94
C VAL F 17 5.89 21.42 -41.43
N HIS F 18 5.71 20.39 -42.26
CA HIS F 18 5.71 20.60 -43.71
C HIS F 18 4.44 21.30 -44.16
N SER F 19 3.34 21.12 -43.44
CA SER F 19 2.11 21.83 -43.74
C SER F 19 2.12 23.27 -43.20
N SER F 20 3.20 23.68 -42.55
CA SER F 20 3.31 25.00 -41.93
C SER F 20 2.25 25.24 -40.87
N LYS F 21 1.80 24.14 -40.25
CA LYS F 21 0.76 24.15 -39.23
C LYS F 21 -0.52 24.79 -39.76
N ASN F 22 -0.79 24.58 -41.04
CA ASN F 22 -2.01 25.08 -41.65
C ASN F 22 -3.15 24.08 -41.45
N PHE F 23 -4.31 24.57 -41.02
CA PHE F 23 -5.50 23.73 -40.90
C PHE F 23 -6.67 24.25 -41.71
N GLY F 24 -6.52 25.40 -42.36
CA GLY F 24 -7.59 25.98 -43.14
C GLY F 24 -7.71 25.32 -44.50
N PRO F 25 -8.92 25.28 -45.05
CA PRO F 25 -9.11 24.75 -46.40
C PRO F 25 -8.30 25.55 -47.41
N ILE F 26 -7.43 24.86 -48.14
CA ILE F 26 -6.54 25.51 -49.08
C ILE F 26 -7.33 25.98 -50.30
N LEU F 27 -6.84 27.04 -50.94
CA LEU F 27 -7.35 27.46 -52.23
C LEU F 27 -7.27 26.29 -53.22
N PRO F 28 -7.97 26.38 -54.36
CA PRO F 28 -8.03 25.26 -55.31
C PRO F 28 -6.69 24.56 -55.45
N PRO F 29 -6.64 23.26 -55.18
CA PRO F 29 -5.35 22.56 -55.03
C PRO F 29 -4.53 22.59 -56.31
N THR F 30 -3.25 22.27 -56.15
CA THR F 30 -2.33 22.24 -57.27
C THR F 30 -2.80 21.24 -58.32
N ASN F 31 -2.81 21.67 -59.58
CA ASN F 31 -3.16 20.78 -60.67
C ASN F 31 -2.05 19.75 -60.85
N VAL F 32 -2.43 18.47 -60.91
CA VAL F 32 -1.48 17.39 -61.12
C VAL F 32 -1.96 16.53 -62.28
N GLY F 33 -2.72 17.12 -63.19
CA GLY F 33 -3.33 16.41 -64.30
C GLY F 33 -2.48 16.43 -65.54
N SER F 34 -3.14 16.35 -66.70
CA SER F 34 -2.43 16.30 -67.97
C SER F 34 -1.79 17.63 -68.31
N ASN F 35 -2.39 18.73 -67.85
CA ASN F 35 -1.88 20.05 -68.21
C ASN F 35 -0.50 20.32 -67.62
N THR F 36 -0.18 19.69 -66.49
CA THR F 36 1.08 19.95 -65.81
C THR F 36 2.15 18.92 -66.12
N TYR F 37 3.24 18.98 -65.38
CA TYR F 37 4.43 18.10 -65.64
C TYR F 37 4.07 16.68 -65.20
N NH2 F 38 5.00 15.76 -65.42
N TYR G 49 4.56 31.28 -51.70
CA TYR G 49 4.69 30.70 -53.02
C TYR G 49 6.01 31.11 -53.68
N VAL G 50 6.48 32.31 -53.34
CA VAL G 50 7.76 32.77 -53.85
C VAL G 50 8.88 31.90 -53.33
N VAL G 51 8.78 31.44 -52.08
CA VAL G 51 9.78 30.52 -51.54
C VAL G 51 9.68 29.17 -52.24
N GLY G 52 8.49 28.82 -52.72
CA GLY G 52 8.36 27.56 -53.46
C GLY G 52 9.06 27.61 -54.80
N ARG G 53 8.90 28.72 -55.52
CA ARG G 53 9.66 28.90 -56.76
C ARG G 53 11.15 28.93 -56.49
N LYS G 54 11.55 29.36 -55.30
CA LYS G 54 12.96 29.35 -54.92
C LYS G 54 13.50 27.92 -54.86
N LYS G 55 12.81 27.03 -54.15
CA LYS G 55 13.30 25.66 -54.03
C LYS G 55 13.12 24.89 -55.34
N MET G 56 12.20 25.33 -56.19
CA MET G 56 12.04 24.70 -57.49
C MET G 56 13.18 25.05 -58.43
N MET G 57 13.69 26.28 -58.37
CA MET G 57 14.72 26.70 -59.32
C MET G 57 16.07 26.07 -59.00
N ASP G 58 16.43 25.98 -57.71
CA ASP G 58 17.69 25.36 -57.35
C ASP G 58 17.67 23.87 -57.67
N ALA G 59 16.50 23.24 -57.58
CA ALA G 59 16.37 21.84 -57.97
C ALA G 59 16.66 21.65 -59.45
N GLN G 60 16.26 22.61 -60.28
CA GLN G 60 16.58 22.55 -61.70
C GLN G 60 18.08 22.72 -61.93
N TYR G 61 18.70 23.66 -61.21
CA TYR G 61 20.13 23.86 -61.32
C TYR G 61 20.90 22.65 -60.80
N LYS G 62 20.40 22.02 -59.73
CA LYS G 62 21.05 20.82 -59.21
C LYS G 62 20.83 19.62 -60.13
N CYS G 63 19.72 19.59 -60.86
CA CYS G 63 19.46 18.47 -61.75
C CYS G 63 20.37 18.50 -62.97
N TYR G 64 20.46 19.65 -63.65
CA TYR G 64 21.41 19.79 -64.75
C TYR G 64 22.84 19.64 -64.24
N ASP G 65 23.07 19.98 -62.97
CA ASP G 65 24.34 19.66 -62.32
C ASP G 65 24.50 18.15 -62.18
N ARG G 66 23.41 17.43 -61.89
CA ARG G 66 23.50 15.99 -61.67
C ARG G 66 23.66 15.24 -62.98
N MET G 67 22.88 15.62 -64.00
CA MET G 67 22.98 14.94 -65.29
C MET G 67 24.36 15.12 -65.90
N GLN G 68 25.02 16.24 -65.60
CA GLN G 68 26.38 16.44 -66.07
C GLN G 68 27.37 15.58 -65.30
N GLN G 69 27.22 15.52 -63.97
CA GLN G 69 28.19 14.81 -63.14
C GLN G 69 28.00 13.30 -63.21
N LEU G 70 26.76 12.85 -63.39
CA LEU G 70 26.50 11.43 -63.44
C LEU G 70 27.18 10.81 -64.66
N PRO G 71 27.84 9.66 -64.50
CA PRO G 71 28.43 9.00 -65.66
C PRO G 71 27.36 8.48 -66.61
N ALA G 72 27.77 8.18 -67.84
CA ALA G 72 26.86 7.65 -68.83
C ALA G 72 26.27 6.32 -68.36
N TYR G 73 25.10 5.98 -68.90
CA TYR G 73 24.44 4.74 -68.54
C TYR G 73 25.29 3.55 -68.96
N GLN G 74 25.51 2.63 -68.02
CA GLN G 74 26.42 1.52 -68.25
C GLN G 74 25.76 0.37 -69.01
N GLY G 75 24.60 -0.08 -68.53
CA GLY G 75 23.85 -1.13 -69.20
C GLY G 75 23.54 -0.79 -70.64
N GLU G 76 23.81 -1.72 -71.56
CA GLU G 76 23.61 -1.44 -72.97
C GLU G 76 22.14 -1.58 -73.38
N GLY G 77 21.33 -2.26 -72.58
CA GLY G 77 19.93 -2.44 -72.87
C GLY G 77 19.17 -1.13 -72.97
N PRO G 78 18.00 -1.17 -73.59
CA PRO G 78 17.21 0.06 -73.76
C PRO G 78 16.88 0.71 -72.44
N TYR G 79 16.89 2.04 -72.42
CA TYR G 79 16.73 2.78 -71.18
C TYR G 79 16.06 4.12 -71.47
N CYS G 80 15.46 4.68 -70.43
CA CYS G 80 14.84 6.00 -70.49
C CYS G 80 15.86 7.07 -70.13
N ASN G 81 15.92 8.10 -70.96
CA ASN G 81 17.00 9.06 -70.94
C ASN G 81 16.90 9.91 -69.66
N ARG G 82 18.04 10.39 -69.17
CA ARG G 82 18.00 11.25 -67.99
C ARG G 82 17.26 12.54 -68.33
N THR G 83 16.27 12.87 -67.50
CA THR G 83 15.32 13.93 -67.81
C THR G 83 15.01 14.77 -66.57
N TRP G 84 14.77 16.05 -66.79
CA TRP G 84 14.26 16.94 -65.75
C TRP G 84 12.86 17.39 -66.16
N ASP G 85 11.84 16.87 -65.48
CA ASP G 85 10.52 17.45 -65.63
C ASP G 85 10.45 18.78 -64.88
N GLY G 86 9.32 19.45 -64.98
CA GLY G 86 9.20 20.78 -64.41
C GLY G 86 9.52 20.82 -62.92
N TRP G 87 9.31 19.71 -62.22
CA TRP G 87 9.38 19.70 -60.76
C TRP G 87 10.50 18.84 -60.20
N LEU G 88 10.74 17.66 -60.77
CA LEU G 88 11.69 16.72 -60.19
C LEU G 88 12.71 16.26 -61.23
N CYS G 89 13.82 15.75 -60.72
CA CYS G 89 14.91 15.25 -61.55
C CYS G 89 14.87 13.72 -61.59
N TRP G 90 14.97 13.15 -62.78
CA TRP G 90 14.92 11.71 -62.98
C TRP G 90 16.19 11.24 -63.66
N ASP G 91 16.82 10.21 -63.09
CA ASP G 91 18.02 9.65 -63.68
C ASP G 91 17.64 8.61 -64.74
N ASP G 92 18.67 8.04 -65.37
CA ASP G 92 18.45 7.00 -66.36
C ASP G 92 17.86 5.76 -65.69
N THR G 93 16.78 5.24 -66.27
CA THR G 93 16.10 4.07 -65.74
C THR G 93 15.89 3.04 -66.84
N PRO G 94 15.96 1.76 -66.51
CA PRO G 94 15.74 0.72 -67.52
C PRO G 94 14.30 0.74 -68.02
N ALA G 95 14.01 -0.18 -68.95
CA ALA G 95 12.69 -0.29 -69.53
C ALA G 95 11.78 -1.14 -68.66
N GLY G 96 10.51 -0.76 -68.62
CA GLY G 96 9.51 -1.54 -67.91
C GLY G 96 9.50 -1.36 -66.41
N VAL G 97 10.27 -0.41 -65.88
CA VAL G 97 10.29 -0.15 -64.44
C VAL G 97 9.72 1.24 -64.19
N LEU G 98 8.97 1.36 -63.09
CA LEU G 98 8.31 2.60 -62.71
C LEU G 98 9.08 3.19 -61.53
N SER G 99 9.77 4.29 -61.79
CA SER G 99 10.60 4.91 -60.76
C SER G 99 9.75 5.55 -59.68
N TYR G 100 10.26 5.56 -58.46
CA TYR G 100 9.59 6.16 -57.31
C TYR G 100 10.49 7.22 -56.70
N GLN G 101 9.95 8.42 -56.52
CA GLN G 101 10.65 9.53 -55.91
C GLN G 101 9.73 10.26 -54.94
N PHE G 102 10.33 10.85 -53.91
CA PHE G 102 9.55 11.55 -52.91
C PHE G 102 8.96 12.83 -53.48
N CYS G 103 7.80 13.21 -52.94
CA CYS G 103 7.07 14.36 -53.47
C CYS G 103 7.80 15.66 -53.14
N PRO G 104 7.80 16.63 -54.05
CA PRO G 104 8.46 17.91 -53.75
C PRO G 104 7.74 18.69 -52.66
N ASP G 105 8.41 19.75 -52.21
CA ASP G 105 7.85 20.64 -51.19
C ASP G 105 7.61 22.03 -51.75
N TYR G 106 7.10 22.11 -52.98
CA TYR G 106 6.93 23.38 -53.66
C TYR G 106 5.59 24.05 -53.38
N PHE G 107 4.63 23.31 -52.83
CA PHE G 107 3.28 23.82 -52.67
C PHE G 107 2.74 23.43 -51.30
N PRO G 108 1.79 24.21 -50.76
CA PRO G 108 1.29 23.91 -49.41
C PRO G 108 0.51 22.60 -49.32
N ASP G 109 -0.16 22.18 -50.39
CA ASP G 109 -0.94 20.96 -50.37
C ASP G 109 -0.13 19.72 -50.70
N PHE G 110 1.15 19.86 -51.01
CA PHE G 110 1.99 18.72 -51.36
C PHE G 110 2.57 18.08 -50.10
N ASP G 111 2.39 16.77 -49.99
CA ASP G 111 2.91 16.03 -48.84
C ASP G 111 4.21 15.34 -49.23
N PRO G 112 5.35 15.74 -48.66
CA PRO G 112 6.62 15.08 -49.02
C PRO G 112 6.68 13.61 -48.66
N SER G 113 5.81 13.14 -47.77
CA SER G 113 5.78 11.72 -47.44
C SER G 113 5.36 10.88 -48.63
N GLU G 114 4.54 11.43 -49.52
CA GLU G 114 4.03 10.68 -50.66
C GLU G 114 5.11 10.49 -51.72
N LYS G 115 4.78 9.70 -52.73
CA LYS G 115 5.73 9.31 -53.77
C LYS G 115 5.30 9.83 -55.12
N VAL G 116 6.29 10.02 -55.99
CA VAL G 116 6.07 10.42 -57.38
C VAL G 116 6.53 9.28 -58.27
N THR G 117 5.70 8.90 -59.23
CA THR G 117 5.96 7.75 -60.09
C THR G 117 6.09 8.20 -61.54
N LYS G 118 7.06 7.61 -62.25
CA LYS G 118 7.26 7.83 -63.67
C LYS G 118 7.59 6.49 -64.32
N TYR G 119 6.93 6.19 -65.43
CA TYR G 119 7.03 4.89 -66.07
C TYR G 119 7.89 4.98 -67.33
N CYS G 120 8.67 3.93 -67.57
CA CYS G 120 9.52 3.84 -68.74
C CYS G 120 8.98 2.78 -69.69
N ASP G 121 8.74 3.16 -70.95
CA ASP G 121 8.27 2.22 -71.95
C ASP G 121 9.34 1.18 -72.25
N GLU G 122 8.89 -0.01 -72.66
CA GLU G 122 9.84 -1.05 -73.05
C GLU G 122 10.55 -0.68 -74.34
N LYS G 123 9.94 0.16 -75.16
CA LYS G 123 10.61 0.70 -76.33
C LYS G 123 11.78 1.61 -75.99
N GLY G 124 11.78 2.20 -74.79
CA GLY G 124 12.85 3.08 -74.35
C GLY G 124 12.48 4.53 -74.17
N VAL G 125 11.20 4.89 -74.34
CA VAL G 125 10.74 6.27 -74.19
C VAL G 125 9.97 6.38 -72.88
N TRP G 126 9.85 7.62 -72.40
CA TRP G 126 9.12 7.86 -71.16
C TRP G 126 7.62 7.68 -71.38
N PHE G 127 6.89 7.59 -70.27
CA PHE G 127 5.45 7.39 -70.33
C PHE G 127 4.76 8.62 -70.94
N LYS G 128 3.80 8.37 -71.82
CA LYS G 128 3.05 9.42 -72.50
C LYS G 128 1.62 9.44 -71.98
N HIS G 129 1.14 10.61 -71.59
CA HIS G 129 -0.23 10.74 -71.12
C HIS G 129 -1.21 10.57 -72.29
N PRO G 130 -2.25 9.76 -72.14
CA PRO G 130 -3.11 9.44 -73.29
C PRO G 130 -3.95 10.61 -73.78
N GLU G 131 -4.33 11.52 -72.89
CA GLU G 131 -5.27 12.58 -73.27
C GLU G 131 -4.62 13.56 -74.24
N ASN G 132 -3.36 13.91 -74.00
CA ASN G 132 -2.69 14.94 -74.78
C ASN G 132 -1.41 14.51 -75.46
N ASN G 133 -1.03 13.22 -75.37
CA ASN G 133 0.21 12.72 -75.96
C ASN G 133 1.42 13.50 -75.46
N ARG G 134 1.58 13.53 -74.14
CA ARG G 134 2.61 14.33 -73.50
C ARG G 134 3.39 13.48 -72.51
N THR G 135 4.70 13.68 -72.49
CA THR G 135 5.55 13.10 -71.46
C THR G 135 5.10 13.58 -70.09
N TRP G 136 4.61 12.67 -69.26
CA TRP G 136 3.94 13.02 -68.03
C TRP G 136 4.48 12.18 -66.88
N SER G 137 4.74 12.84 -65.75
CA SER G 137 5.09 12.18 -64.51
C SER G 137 3.93 12.28 -63.53
N ASN G 138 3.66 11.20 -62.81
CA ASN G 138 2.46 11.08 -61.99
C ASN G 138 2.71 11.73 -60.63
N TYR G 139 2.07 12.87 -60.39
CA TYR G 139 2.11 13.55 -59.10
C TYR G 139 0.78 13.49 -58.36
N THR G 140 -0.07 12.51 -58.68
CA THR G 140 -1.43 12.49 -58.14
C THR G 140 -1.41 12.30 -56.62
N MET G 141 -0.62 11.34 -56.14
CA MET G 141 -0.61 11.02 -54.71
C MET G 141 -0.10 12.15 -53.84
N CYS G 142 0.48 13.20 -54.43
CA CYS G 142 1.05 14.29 -53.63
C CYS G 142 -0.01 15.01 -52.81
N ASN G 143 -1.11 15.41 -53.46
CA ASN G 143 -2.14 16.20 -52.81
C ASN G 143 -3.53 15.54 -52.92
N ALA G 144 -3.57 14.24 -53.24
CA ALA G 144 -4.86 13.58 -53.40
C ALA G 144 -5.60 13.46 -52.08
N PHE G 145 -4.87 13.20 -50.99
CA PHE G 145 -5.48 13.00 -49.68
C PHE G 145 -4.96 13.99 -48.64
N THR G 146 -4.30 15.06 -49.07
CA THR G 146 -3.78 16.04 -48.11
C THR G 146 -4.88 16.74 -47.31
N PRO G 147 -5.97 17.24 -47.91
CA PRO G 147 -6.98 17.93 -47.09
C PRO G 147 -7.63 17.06 -46.03
N GLU G 148 -7.73 15.75 -46.26
CA GLU G 148 -8.30 14.87 -45.26
C GLU G 148 -7.28 14.51 -44.19
N LYS G 149 -6.02 14.32 -44.58
CA LYS G 149 -4.96 14.09 -43.60
C LYS G 149 -4.76 15.33 -42.74
N LEU G 150 -4.86 16.52 -43.35
CA LEU G 150 -4.71 17.76 -42.59
C LEU G 150 -5.85 17.95 -41.61
N LYS G 151 -7.05 17.50 -41.96
CA LYS G 151 -8.18 17.57 -41.04
C LYS G 151 -7.96 16.63 -39.86
N ASN G 152 -7.43 15.44 -40.11
CA ASN G 152 -7.20 14.49 -39.02
C ASN G 152 -6.03 14.91 -38.15
N ALA G 153 -4.99 15.49 -38.75
CA ALA G 153 -3.84 15.94 -37.97
C ALA G 153 -4.20 17.13 -37.10
N TYR G 154 -5.22 17.89 -37.49
CA TYR G 154 -5.70 18.98 -36.65
C TYR G 154 -6.29 18.44 -35.35
N VAL G 155 -7.04 17.34 -35.43
CA VAL G 155 -7.62 16.74 -34.24
C VAL G 155 -6.54 16.12 -33.36
N LEU G 156 -5.58 15.42 -33.98
CA LEU G 156 -4.53 14.76 -33.21
C LEU G 156 -3.63 15.78 -32.52
N TYR G 157 -3.48 16.97 -33.11
CA TYR G 157 -2.65 18.00 -32.50
C TYR G 157 -3.22 18.44 -31.16
N TYR G 158 -4.50 18.80 -31.13
CA TYR G 158 -5.10 19.27 -29.88
C TYR G 158 -5.37 18.10 -28.93
N LEU G 159 -5.54 16.91 -29.48
CA LEU G 159 -5.60 15.71 -28.62
C LEU G 159 -4.29 15.54 -27.87
N ALA G 160 -3.17 15.84 -28.52
CA ALA G 160 -1.87 15.76 -27.85
C ALA G 160 -1.70 16.89 -26.85
N ILE G 161 -2.14 18.10 -27.20
CA ILE G 161 -2.01 19.24 -26.30
C ILE G 161 -2.85 19.04 -25.05
N VAL G 162 -4.11 18.60 -25.22
CA VAL G 162 -4.99 18.42 -24.08
C VAL G 162 -4.60 17.20 -23.27
N GLY G 163 -4.18 16.12 -23.92
CA GLY G 163 -3.77 14.92 -23.19
C GLY G 163 -2.55 15.17 -22.32
N HIS G 164 -1.54 15.84 -22.88
CA HIS G 164 -0.33 16.10 -22.11
C HIS G 164 -0.58 17.18 -21.06
N SER G 165 -1.47 18.13 -21.35
CA SER G 165 -1.83 19.15 -20.37
C SER G 165 -2.56 18.53 -19.18
N LEU G 166 -3.54 17.67 -19.45
CA LEU G 166 -4.25 16.99 -18.36
C LEU G 166 -3.33 16.04 -17.61
N SER G 167 -2.37 15.44 -18.31
CA SER G 167 -1.42 14.55 -17.65
C SER G 167 -0.54 15.30 -16.67
N ILE G 168 -0.03 16.47 -17.09
CA ILE G 168 0.81 17.27 -16.20
C ILE G 168 0.04 17.69 -14.97
N PHE G 169 -1.22 18.10 -15.14
CA PHE G 169 -2.01 18.58 -14.01
C PHE G 169 -2.23 17.48 -12.97
N THR G 170 -2.60 16.28 -13.43
CA THR G 170 -2.90 15.20 -12.49
C THR G 170 -1.63 14.61 -11.89
N LEU G 171 -0.56 14.52 -12.68
CA LEU G 171 0.67 13.91 -12.18
C LEU G 171 1.38 14.83 -11.18
N VAL G 172 1.30 16.14 -11.39
CA VAL G 172 1.88 17.08 -10.42
C VAL G 172 1.13 16.98 -9.10
N ILE G 173 -0.20 16.87 -9.16
CA ILE G 173 -0.98 16.65 -7.94
C ILE G 173 -0.67 15.30 -7.35
N SER G 174 -0.55 14.27 -8.19
CA SER G 174 -0.21 12.93 -7.71
C SER G 174 1.18 12.91 -7.09
N LEU G 175 2.14 13.56 -7.74
CA LEU G 175 3.49 13.64 -7.16
C LEU G 175 3.48 14.44 -5.86
N GLY G 176 2.61 15.45 -5.78
CA GLY G 176 2.50 16.23 -4.55
C GLY G 176 1.85 15.46 -3.42
N ILE G 177 1.01 14.48 -3.74
CA ILE G 177 0.40 13.66 -2.70
C ILE G 177 1.43 12.69 -2.12
N PHE G 178 2.22 12.05 -2.98
CA PHE G 178 3.21 11.09 -2.51
C PHE G 178 4.36 11.79 -1.79
N VAL G 179 4.64 13.05 -2.15
CA VAL G 179 5.69 13.79 -1.47
C VAL G 179 5.22 14.28 -0.10
N PHE G 180 4.01 14.85 -0.06
CA PHE G 180 3.52 15.44 1.18
C PHE G 180 3.22 14.38 2.24
N PHE G 181 2.50 13.33 1.86
CA PHE G 181 2.08 12.29 2.80
C PHE G 181 3.21 11.28 2.93
N ARG G 182 3.96 11.36 4.04
CA ARG G 182 5.10 10.47 4.23
C ARG G 182 4.66 9.05 4.55
N SER G 183 3.43 8.87 5.05
CA SER G 183 2.97 7.53 5.42
C SER G 183 2.86 6.63 4.20
N LEU G 184 2.52 7.20 3.05
CA LEU G 184 2.40 6.41 1.82
C LEU G 184 3.75 5.95 1.30
N GLY G 185 4.84 6.47 1.84
CA GLY G 185 6.14 6.18 1.27
C GLY G 185 6.52 4.71 1.42
N CYS G 186 7.05 4.16 0.33
CA CYS G 186 7.57 2.80 0.28
C CYS G 186 8.38 2.67 -1.00
N GLN G 187 8.89 1.47 -1.25
CA GLN G 187 9.70 1.26 -2.45
C GLN G 187 8.87 1.35 -3.71
N ARG G 188 7.62 0.86 -3.66
CA ARG G 188 6.74 0.97 -4.81
C ARG G 188 6.43 2.43 -5.12
N VAL G 189 6.17 3.23 -4.09
CA VAL G 189 5.86 4.64 -4.30
C VAL G 189 7.08 5.42 -4.77
N THR G 190 8.27 5.04 -4.29
CA THR G 190 9.49 5.69 -4.74
C THR G 190 9.68 5.54 -6.24
N LEU G 191 9.45 4.33 -6.76
CA LEU G 191 9.51 4.13 -8.20
C LEU G 191 8.37 4.83 -8.92
N HIS G 192 7.21 4.96 -8.26
CA HIS G 192 6.09 5.69 -8.86
C HIS G 192 6.42 7.17 -9.02
N LYS G 193 7.09 7.76 -8.02
CA LYS G 193 7.49 9.16 -8.12
C LYS G 193 8.38 9.39 -9.33
N ASN G 194 9.35 8.50 -9.55
CA ASN G 194 10.22 8.63 -10.71
C ASN G 194 9.45 8.40 -12.00
N MET G 195 8.55 7.42 -12.02
CA MET G 195 7.71 7.20 -13.19
C MET G 195 6.87 8.43 -13.49
N PHE G 196 6.29 9.04 -12.45
CA PHE G 196 5.47 10.24 -12.66
C PHE G 196 6.30 11.39 -13.21
N LEU G 197 7.57 11.49 -12.79
CA LEU G 197 8.40 12.60 -13.22
C LEU G 197 8.76 12.50 -14.70
N THR G 198 9.00 11.28 -15.20
CA THR G 198 9.26 11.11 -16.61
C THR G 198 8.07 11.54 -17.45
N TYR G 199 6.85 11.18 -17.01
CA TYR G 199 5.65 11.61 -17.72
C TYR G 199 5.53 13.13 -17.74
N ILE G 200 5.81 13.78 -16.59
CA ILE G 200 5.67 15.23 -16.51
C ILE G 200 6.69 15.91 -17.43
N LEU G 201 7.94 15.47 -17.37
CA LEU G 201 8.98 16.10 -18.18
C LEU G 201 8.79 15.81 -19.66
N ASN G 202 8.43 14.56 -20.00
CA ASN G 202 8.15 14.22 -21.39
C ASN G 202 6.98 15.03 -21.93
N SER G 203 5.95 15.24 -21.11
CA SER G 203 4.79 16.01 -21.57
C SER G 203 5.14 17.48 -21.75
N MET G 204 5.97 18.03 -20.87
CA MET G 204 6.36 19.43 -20.99
C MET G 204 7.19 19.66 -22.26
N ILE G 205 8.09 18.73 -22.58
CA ILE G 205 8.92 18.88 -23.77
C ILE G 205 8.09 18.71 -25.04
N ILE G 206 7.13 17.79 -25.01
CA ILE G 206 6.27 17.59 -26.18
C ILE G 206 5.43 18.82 -26.43
N ILE G 207 4.90 19.43 -25.38
CA ILE G 207 4.10 20.65 -25.55
C ILE G 207 4.96 21.77 -26.11
N ILE G 208 6.19 21.90 -25.64
CA ILE G 208 7.10 22.92 -26.17
C ILE G 208 7.43 22.65 -27.63
N HIS G 209 7.67 21.38 -27.98
CA HIS G 209 7.94 21.04 -29.36
C HIS G 209 6.75 21.32 -30.26
N LEU G 210 5.54 21.02 -29.77
CA LEU G 210 4.33 21.20 -30.58
C LEU G 210 3.94 22.67 -30.67
N VAL G 211 4.16 23.44 -29.61
CA VAL G 211 3.72 24.83 -29.60
C VAL G 211 4.75 25.74 -30.25
N GLU G 212 6.04 25.50 -29.98
CA GLU G 212 7.10 26.41 -30.41
C GLU G 212 7.69 26.02 -31.75
N VAL G 213 8.14 24.77 -31.89
CA VAL G 213 8.87 24.38 -33.09
C VAL G 213 7.93 24.12 -34.26
N VAL G 214 6.83 23.41 -33.99
CA VAL G 214 5.97 22.95 -35.08
C VAL G 214 5.32 24.10 -35.86
N PRO G 215 4.71 25.10 -35.22
CA PRO G 215 4.09 26.17 -36.03
C PRO G 215 5.11 27.11 -36.65
N ASN G 216 6.24 27.36 -35.98
CA ASN G 216 7.23 28.31 -36.45
C ASN G 216 7.98 27.73 -37.64
N GLY G 217 7.50 28.02 -38.85
CA GLY G 217 8.15 27.50 -40.04
C GLY G 217 9.47 28.16 -40.34
N GLU G 218 9.59 29.45 -40.01
CA GLU G 218 10.85 30.15 -40.25
C GLU G 218 11.96 29.62 -39.35
N LEU G 219 11.61 29.08 -38.18
CA LEU G 219 12.61 28.50 -37.31
C LEU G 219 13.21 27.23 -37.91
N VAL G 220 12.37 26.40 -38.53
CA VAL G 220 12.87 25.17 -39.15
C VAL G 220 13.78 25.49 -40.32
N ARG G 221 13.44 26.52 -41.10
CA ARG G 221 14.26 26.89 -42.25
C ARG G 221 15.62 27.43 -41.81
N ARG G 222 15.66 28.18 -40.71
CA ARG G 222 16.94 28.66 -40.21
C ARG G 222 17.77 27.54 -39.61
N ASP G 223 17.12 26.51 -39.08
CA ASP G 223 17.74 25.33 -38.49
C ASP G 223 18.77 25.72 -37.44
N PRO G 224 18.36 26.29 -36.31
CA PRO G 224 19.32 26.61 -35.24
C PRO G 224 19.66 25.35 -34.44
N VAL G 225 20.82 25.41 -33.79
CA VAL G 225 21.26 24.29 -32.97
C VAL G 225 20.33 24.10 -31.79
N SER G 226 19.70 25.17 -31.31
CA SER G 226 18.72 25.05 -30.24
C SER G 226 17.56 24.14 -30.63
N CYS G 227 17.28 24.03 -31.93
CA CYS G 227 16.25 23.11 -32.39
C CYS G 227 16.71 21.67 -32.25
N LYS G 228 17.97 21.38 -32.62
CA LYS G 228 18.49 20.03 -32.48
C LYS G 228 18.78 19.68 -31.03
N ILE G 229 19.02 20.69 -30.18
CA ILE G 229 19.22 20.42 -28.76
C ILE G 229 17.91 20.02 -28.12
N LEU G 230 16.82 20.71 -28.46
CA LEU G 230 15.51 20.33 -27.95
C LEU G 230 15.10 18.93 -28.39
N HIS G 231 15.49 18.54 -29.61
CA HIS G 231 15.16 17.21 -30.10
C HIS G 231 15.90 16.14 -29.31
N PHE G 232 17.17 16.38 -28.98
CA PHE G 232 17.94 15.43 -28.19
C PHE G 232 17.30 15.23 -26.81
N PHE G 233 16.94 16.33 -26.14
CA PHE G 233 16.26 16.21 -24.86
C PHE G 233 14.89 15.58 -25.01
N HIS G 234 14.22 15.82 -26.14
CA HIS G 234 12.94 15.16 -26.39
C HIS G 234 13.10 13.66 -26.51
N GLN G 235 14.12 13.22 -27.26
CA GLN G 235 14.35 11.78 -27.42
C GLN G 235 14.82 11.14 -26.12
N TYR G 236 15.64 11.85 -25.35
CA TYR G 236 16.12 11.31 -24.08
C TYR G 236 14.99 11.12 -23.10
N MET G 237 14.15 12.14 -22.91
CA MET G 237 13.05 12.04 -21.98
C MET G 237 11.98 11.07 -22.48
N MET G 238 11.82 10.96 -23.79
CA MET G 238 10.93 9.94 -24.34
C MET G 238 11.43 8.54 -24.01
N ALA G 239 12.74 8.30 -24.18
CA ALA G 239 13.31 6.99 -23.88
C ALA G 239 13.33 6.72 -22.38
N CYS G 240 13.52 7.75 -21.56
CA CYS G 240 13.44 7.57 -20.11
C CYS G 240 12.02 7.17 -19.69
N ASN G 241 11.02 7.72 -20.39
CA ASN G 241 9.64 7.39 -20.07
C ASN G 241 9.35 5.92 -20.31
N TYR G 242 9.81 5.38 -21.45
CA TYR G 242 9.55 3.98 -21.75
C TYR G 242 10.38 3.06 -20.86
N PHE G 243 11.62 3.42 -20.58
CA PHE G 243 12.47 2.57 -19.75
C PHE G 243 12.04 2.57 -18.29
N TRP G 244 11.37 3.62 -17.83
CA TRP G 244 10.79 3.58 -16.49
C TRP G 244 9.52 2.76 -16.43
N MET G 245 8.82 2.61 -17.56
CA MET G 245 7.77 1.59 -17.63
C MET G 245 8.36 0.20 -17.47
N LEU G 246 9.53 -0.04 -18.07
CA LEU G 246 10.23 -1.30 -17.87
C LEU G 246 10.66 -1.47 -16.42
N CYS G 247 11.11 -0.39 -15.78
CA CYS G 247 11.48 -0.46 -14.37
C CYS G 247 10.29 -0.87 -13.51
N GLU G 248 9.10 -0.34 -13.80
CA GLU G 248 7.90 -0.75 -13.07
C GLU G 248 7.59 -2.21 -13.33
N GLY G 249 7.79 -2.68 -14.57
CA GLY G 249 7.52 -4.07 -14.88
C GLY G 249 8.51 -5.01 -14.23
N ILE G 250 9.78 -4.64 -14.20
CA ILE G 250 10.80 -5.48 -13.56
C ILE G 250 10.54 -5.57 -12.06
N TYR G 251 10.23 -4.44 -11.42
CA TYR G 251 10.01 -4.45 -9.98
C TYR G 251 8.78 -5.26 -9.62
N LEU G 252 7.69 -5.11 -10.39
CA LEU G 252 6.48 -5.88 -10.13
C LEU G 252 6.71 -7.36 -10.34
N HIS G 253 7.48 -7.73 -11.38
CA HIS G 253 7.75 -9.13 -11.65
C HIS G 253 8.63 -9.74 -10.55
N THR G 254 9.57 -8.96 -10.01
CA THR G 254 10.41 -9.45 -8.94
C THR G 254 9.61 -9.64 -7.64
N LEU G 255 8.66 -8.74 -7.38
CA LEU G 255 7.85 -8.85 -6.18
C LEU G 255 6.95 -10.08 -6.21
N ILE G 256 6.33 -10.35 -7.35
CA ILE G 256 5.29 -11.38 -7.42
C ILE G 256 5.85 -12.74 -7.77
N VAL G 257 6.84 -12.80 -8.66
CA VAL G 257 7.27 -14.05 -9.27
C VAL G 257 8.61 -14.52 -8.70
N VAL G 258 9.66 -13.72 -8.86
CA VAL G 258 11.03 -14.20 -8.65
C VAL G 258 11.42 -14.14 -7.17
N ALA G 259 11.55 -12.93 -6.63
CA ALA G 259 12.02 -12.78 -5.23
C ALA G 259 10.88 -12.30 -4.33
N VAL G 260 9.92 -13.19 -4.05
CA VAL G 260 8.74 -12.80 -3.23
C VAL G 260 9.17 -12.41 -1.81
N PHE G 261 10.05 -13.19 -1.20
CA PHE G 261 10.46 -12.93 0.20
C PHE G 261 11.18 -11.59 0.33
N THR G 262 12.02 -11.24 -0.65
CA THR G 262 12.82 -9.99 -0.53
C THR G 262 11.86 -8.81 -0.42
N GLU G 263 12.05 -7.95 0.58
CA GLU G 263 11.11 -6.81 0.79
C GLU G 263 11.84 -5.49 0.45
N LYS G 264 13.17 -5.49 0.52
CA LYS G 264 13.94 -4.27 0.14
C LYS G 264 14.94 -4.63 -0.96
N GLN G 265 14.95 -3.85 -2.05
CA GLN G 265 15.90 -4.07 -3.16
C GLN G 265 16.78 -2.83 -3.30
N ARG G 266 17.93 -2.94 -3.98
CA ARG G 266 18.76 -1.77 -4.23
C ARG G 266 18.18 -1.05 -5.45
N LEU G 267 17.54 0.10 -5.22
CA LEU G 267 16.91 0.83 -6.30
C LEU G 267 17.90 1.54 -7.21
N ARG G 268 19.19 1.39 -6.97
CA ARG G 268 20.18 2.04 -7.82
C ARG G 268 20.15 1.49 -9.24
N TRP G 269 19.79 0.21 -9.41
CA TRP G 269 19.73 -0.36 -10.74
C TRP G 269 18.52 0.15 -11.53
N TYR G 270 17.45 0.52 -10.83
CA TYR G 270 16.31 1.11 -11.52
C TYR G 270 16.60 2.54 -11.94
N TYR G 271 17.30 3.30 -11.09
CA TYR G 271 17.71 4.65 -11.46
C TYR G 271 18.65 4.63 -12.67
N LEU G 272 19.54 3.64 -12.73
CA LEU G 272 20.47 3.55 -13.85
C LEU G 272 19.76 3.12 -15.12
N LEU G 273 18.78 2.23 -15.00
CA LEU G 273 18.07 1.76 -16.18
C LEU G 273 17.09 2.81 -16.69
N GLY G 274 16.46 3.55 -15.77
CA GLY G 274 15.44 4.51 -16.15
C GLY G 274 15.98 5.86 -16.58
N TRP G 275 17.01 6.35 -15.90
CA TRP G 275 17.57 7.67 -16.18
C TRP G 275 18.90 7.60 -16.93
N GLY G 276 19.70 6.57 -16.70
CA GLY G 276 21.05 6.52 -17.25
C GLY G 276 21.18 5.82 -18.58
N PHE G 277 20.64 4.61 -18.68
CA PHE G 277 20.73 3.87 -19.93
C PHE G 277 20.12 4.57 -21.13
N PRO G 278 18.99 5.29 -21.03
CA PRO G 278 18.46 6.00 -22.21
C PRO G 278 19.45 6.96 -22.85
N LEU G 279 20.51 7.36 -22.14
CA LEU G 279 21.54 8.20 -22.75
C LEU G 279 22.33 7.47 -23.82
N VAL G 280 22.37 6.14 -23.79
CA VAL G 280 23.17 5.36 -24.73
C VAL G 280 22.53 5.37 -26.13
N PRO G 281 21.26 4.97 -26.30
CA PRO G 281 20.70 4.99 -27.65
C PRO G 281 20.45 6.40 -28.16
N THR G 282 20.25 7.37 -27.26
CA THR G 282 20.05 8.75 -27.70
C THR G 282 21.34 9.35 -28.21
N THR G 283 22.47 9.02 -27.59
CA THR G 283 23.75 9.55 -28.04
C THR G 283 24.18 8.92 -29.34
N ILE G 284 24.06 7.60 -29.47
CA ILE G 284 24.42 6.91 -30.71
C ILE G 284 23.60 7.45 -31.88
N HIS G 285 22.30 7.65 -31.65
CA HIS G 285 21.46 8.23 -32.70
C HIS G 285 21.89 9.65 -33.04
N ALA G 286 22.17 10.46 -32.01
CA ALA G 286 22.54 11.85 -32.26
C ALA G 286 23.84 11.95 -33.06
N ILE G 287 24.78 11.04 -32.79
CA ILE G 287 26.05 11.06 -33.52
C ILE G 287 25.83 10.63 -34.97
N THR G 288 25.09 9.55 -35.18
CA THR G 288 24.81 9.10 -36.54
C THR G 288 23.90 10.06 -37.28
N ARG G 289 23.06 10.81 -36.56
CA ARG G 289 22.21 11.79 -37.20
C ARG G 289 23.01 12.99 -37.70
N ALA G 290 23.93 13.49 -36.88
CA ALA G 290 24.77 14.62 -37.26
C ALA G 290 25.82 14.25 -38.30
N VAL G 291 25.88 13.00 -38.75
CA VAL G 291 26.88 12.55 -39.71
C VAL G 291 26.23 12.07 -41.01
N TYR G 292 25.16 11.30 -40.92
CA TYR G 292 24.54 10.69 -42.10
C TYR G 292 23.27 11.41 -42.54
N PHE G 293 22.36 11.70 -41.61
CA PHE G 293 21.06 12.29 -41.93
C PHE G 293 20.86 13.52 -41.04
N ASN G 294 21.39 14.66 -41.48
CA ASN G 294 21.36 15.89 -40.70
C ASN G 294 20.40 16.85 -41.38
N ASP G 295 19.12 16.74 -41.04
CA ASP G 295 18.08 17.59 -41.59
C ASP G 295 17.76 18.73 -40.61
N ASN G 296 16.83 19.59 -41.02
CA ASN G 296 16.46 20.74 -40.19
C ASN G 296 15.68 20.26 -38.97
N CYS G 297 16.22 20.54 -37.79
CA CYS G 297 15.64 20.21 -36.49
C CYS G 297 15.52 18.70 -36.25
N TRP G 298 16.13 17.87 -37.11
CA TRP G 298 16.03 16.42 -37.00
C TRP G 298 14.58 15.96 -36.96
N LEU G 299 13.74 16.62 -37.76
CA LEU G 299 12.31 16.33 -37.78
C LEU G 299 11.94 15.18 -38.69
N SER G 300 12.84 14.73 -39.55
CA SER G 300 12.52 13.68 -40.51
C SER G 300 12.29 12.35 -39.81
N VAL G 301 11.26 11.64 -40.25
CA VAL G 301 11.00 10.28 -39.79
C VAL G 301 11.33 9.23 -40.83
N GLU G 302 11.81 9.63 -42.01
CA GLU G 302 12.09 8.67 -43.07
C GLU G 302 13.37 7.89 -42.78
N THR G 303 14.31 8.50 -42.06
CA THR G 303 15.59 7.86 -41.81
C THR G 303 15.42 6.63 -40.92
N HIS G 304 16.09 5.54 -41.29
CA HIS G 304 16.09 4.34 -40.46
C HIS G 304 16.94 4.50 -39.21
N LEU G 305 17.65 5.61 -39.06
CA LEU G 305 18.41 5.86 -37.85
C LEU G 305 17.52 6.03 -36.63
N LEU G 306 16.22 6.28 -36.83
CA LEU G 306 15.32 6.42 -35.70
C LEU G 306 15.20 5.11 -34.91
N TYR G 307 15.44 3.98 -35.57
CA TYR G 307 15.36 2.69 -34.89
C TYR G 307 16.50 2.46 -33.92
N ILE G 308 17.50 3.33 -33.89
CA ILE G 308 18.53 3.26 -32.86
C ILE G 308 17.93 3.56 -31.49
N ILE G 309 16.87 4.34 -31.46
CA ILE G 309 16.16 4.67 -30.22
C ILE G 309 14.88 3.87 -30.07
N HIS G 310 14.08 3.81 -31.15
CA HIS G 310 12.81 3.11 -31.10
C HIS G 310 12.95 1.60 -31.17
N GLY G 311 14.12 1.10 -31.56
CA GLY G 311 14.41 -0.32 -31.49
C GLY G 311 14.52 -0.80 -30.05
N PRO G 312 15.47 -0.22 -29.30
CA PRO G 312 15.58 -0.57 -27.88
C PRO G 312 14.30 -0.32 -27.10
N VAL G 313 13.53 0.72 -27.45
CA VAL G 313 12.29 1.00 -26.75
C VAL G 313 11.29 -0.14 -26.95
N MET G 314 11.16 -0.61 -28.20
CA MET G 314 10.26 -1.72 -28.47
C MET G 314 10.73 -2.98 -27.76
N ALA G 315 12.05 -3.19 -27.67
CA ALA G 315 12.58 -4.35 -26.96
C ALA G 315 12.24 -4.29 -25.48
N ALA G 316 12.30 -3.09 -24.88
CA ALA G 316 11.95 -2.95 -23.47
C ALA G 316 10.46 -3.18 -23.24
N LEU G 317 9.62 -2.81 -24.20
CA LEU G 317 8.18 -2.99 -24.04
C LEU G 317 7.75 -4.42 -24.31
N VAL G 318 8.50 -5.16 -25.13
CA VAL G 318 8.20 -6.57 -25.35
C VAL G 318 8.53 -7.37 -24.10
N VAL G 319 9.64 -7.03 -23.43
CA VAL G 319 9.97 -7.67 -22.15
C VAL G 319 8.86 -7.41 -21.14
N ASN G 320 8.29 -6.20 -21.14
CA ASN G 320 7.17 -5.90 -20.27
C ASN G 320 5.96 -6.75 -20.58
N PHE G 321 5.75 -7.08 -21.86
CA PHE G 321 4.62 -7.90 -22.24
C PHE G 321 4.75 -9.31 -21.65
N PHE G 322 5.96 -9.85 -21.64
CA PHE G 322 6.16 -11.18 -21.06
C PHE G 322 6.11 -11.15 -19.54
N PHE G 323 6.43 -10.00 -18.93
CA PHE G 323 6.20 -9.85 -17.50
C PHE G 323 4.71 -9.87 -17.19
N LEU G 324 3.91 -9.18 -18.00
CA LEU G 324 2.47 -9.13 -17.77
C LEU G 324 1.84 -10.51 -17.90
N LEU G 325 2.28 -11.30 -18.88
CA LEU G 325 1.73 -12.64 -19.06
C LEU G 325 2.03 -13.51 -17.84
N ASN G 326 3.25 -13.43 -17.32
CA ASN G 326 3.61 -14.22 -16.15
C ASN G 326 2.87 -13.76 -14.91
N ILE G 327 2.69 -12.45 -14.77
CA ILE G 327 1.96 -11.90 -13.62
C ILE G 327 0.50 -12.33 -13.66
N VAL G 328 -0.12 -12.28 -14.84
CA VAL G 328 -1.50 -12.72 -14.97
C VAL G 328 -1.62 -14.21 -14.73
N ARG G 329 -0.60 -14.97 -15.15
CA ARG G 329 -0.60 -16.42 -14.90
C ARG G 329 -0.56 -16.72 -13.41
N VAL G 330 0.28 -15.98 -12.66
CA VAL G 330 0.35 -16.18 -11.22
C VAL G 330 -0.97 -15.78 -10.55
N LEU G 331 -1.56 -14.67 -11.01
CA LEU G 331 -2.81 -14.20 -10.42
C LEU G 331 -3.95 -15.17 -10.67
N VAL G 332 -4.04 -15.73 -11.88
CA VAL G 332 -5.09 -16.70 -12.18
C VAL G 332 -4.90 -17.95 -11.34
N THR G 333 -3.64 -18.37 -11.14
CA THR G 333 -3.36 -19.53 -10.29
C THR G 333 -3.81 -19.28 -8.86
N LYS G 334 -3.66 -18.05 -8.36
CA LYS G 334 -4.09 -17.73 -7.01
C LYS G 334 -5.60 -17.86 -6.85
N MET G 335 -6.36 -17.43 -7.86
CA MET G 335 -7.81 -17.48 -7.76
C MET G 335 -8.34 -18.89 -7.93
N ARG G 336 -7.58 -19.77 -8.58
CA ARG G 336 -7.99 -21.17 -8.71
C ARG G 336 -7.72 -21.96 -7.42
N GLU G 337 -6.65 -21.63 -6.71
CA GLU G 337 -6.35 -22.32 -5.46
C GLU G 337 -7.37 -22.01 -4.39
N THR G 338 -7.94 -20.80 -4.41
CA THR G 338 -9.01 -20.42 -3.50
C THR G 338 -10.38 -20.84 -4.00
N HIS G 339 -10.45 -21.58 -5.11
CA HIS G 339 -11.69 -22.10 -5.65
C HIS G 339 -12.69 -20.97 -5.96
N GLU G 340 -12.20 -19.94 -6.64
CA GLU G 340 -13.06 -18.86 -7.09
C GLU G 340 -13.87 -19.30 -8.31
N ALA G 341 -15.06 -18.73 -8.44
CA ALA G 341 -15.91 -19.05 -9.58
C ALA G 341 -15.26 -18.58 -10.88
N GLU G 342 -15.53 -19.32 -11.95
CA GLU G 342 -14.90 -19.01 -13.24
C GLU G 342 -15.35 -17.65 -13.76
N SER G 343 -16.58 -17.24 -13.43
CA SER G 343 -17.07 -15.94 -13.89
C SER G 343 -16.30 -14.80 -13.25
N HIS G 344 -16.10 -14.87 -11.93
CA HIS G 344 -15.39 -13.79 -11.24
C HIS G 344 -13.90 -13.84 -11.52
N MET G 345 -13.36 -15.02 -11.81
CA MET G 345 -11.95 -15.11 -12.17
C MET G 345 -11.64 -14.33 -13.45
N TYR G 346 -12.54 -14.40 -14.44
CA TYR G 346 -12.32 -13.68 -15.68
C TYR G 346 -12.42 -12.18 -15.47
N LEU G 347 -13.37 -11.73 -14.64
CA LEU G 347 -13.52 -10.30 -14.39
C LEU G 347 -12.33 -9.75 -13.62
N LYS G 348 -11.79 -10.54 -12.68
CA LYS G 348 -10.63 -10.11 -11.91
C LYS G 348 -9.33 -10.21 -12.70
N ALA G 349 -9.27 -11.06 -13.73
CA ALA G 349 -8.09 -11.16 -14.57
C ALA G 349 -8.05 -10.06 -15.62
N VAL G 350 -9.21 -9.65 -16.14
CA VAL G 350 -9.25 -8.55 -17.09
C VAL G 350 -8.99 -7.23 -16.39
N LYS G 351 -9.53 -7.06 -15.18
CA LYS G 351 -9.31 -5.83 -14.43
C LYS G 351 -7.83 -5.65 -14.09
N ALA G 352 -7.18 -6.71 -13.63
CA ALA G 352 -5.76 -6.64 -13.32
C ALA G 352 -4.93 -6.33 -14.56
N THR G 353 -5.31 -6.91 -15.71
CA THR G 353 -4.59 -6.64 -16.95
C THR G 353 -4.82 -5.20 -17.40
N MET G 354 -6.03 -4.70 -17.26
CA MET G 354 -6.35 -3.37 -17.77
C MET G 354 -5.67 -2.26 -16.96
N ILE G 355 -5.45 -2.47 -15.67
CA ILE G 355 -4.76 -1.45 -14.88
C ILE G 355 -3.24 -1.57 -15.03
N LEU G 356 -2.74 -2.69 -15.53
CA LEU G 356 -1.31 -2.85 -15.78
C LEU G 356 -0.90 -2.41 -17.18
N VAL G 357 -1.86 -2.27 -18.10
CA VAL G 357 -1.52 -1.84 -19.46
C VAL G 357 -0.94 -0.43 -19.49
N PRO G 358 -1.57 0.59 -18.90
CA PRO G 358 -0.95 1.92 -18.93
C PRO G 358 0.31 2.03 -18.11
N LEU G 359 0.49 1.18 -17.10
CA LEU G 359 1.72 1.22 -16.31
C LEU G 359 2.90 0.66 -17.09
N LEU G 360 2.69 -0.42 -17.83
CA LEU G 360 3.75 -1.11 -18.54
C LEU G 360 3.83 -0.74 -20.02
N GLY G 361 2.93 0.11 -20.50
CA GLY G 361 2.93 0.49 -21.91
C GLY G 361 2.65 -0.65 -22.85
N ILE G 362 1.70 -1.52 -22.49
CA ILE G 362 1.40 -2.68 -23.32
C ILE G 362 0.76 -2.28 -24.64
N GLN G 363 0.07 -1.13 -24.66
CA GLN G 363 -0.60 -0.69 -25.88
C GLN G 363 0.37 -0.45 -27.03
N PHE G 364 1.66 -0.24 -26.73
CA PHE G 364 2.66 -0.13 -27.77
C PHE G 364 3.06 -1.47 -28.36
N VAL G 365 2.84 -2.57 -27.64
CA VAL G 365 3.22 -3.88 -28.11
C VAL G 365 2.10 -4.55 -28.90
N VAL G 366 0.86 -4.42 -28.43
CA VAL G 366 -0.25 -5.06 -29.11
C VAL G 366 -0.61 -4.34 -30.40
N PHE G 367 -0.33 -3.04 -30.47
CA PHE G 367 -0.57 -2.22 -31.67
C PHE G 367 0.74 -1.54 -32.07
N PRO G 368 1.74 -2.30 -32.52
CA PRO G 368 3.04 -1.71 -32.80
C PRO G 368 3.23 -1.22 -34.22
N TRP G 369 2.35 -1.58 -35.16
CA TRP G 369 2.51 -1.27 -36.56
C TRP G 369 1.27 -0.54 -37.06
N ARG G 370 1.47 0.62 -37.66
CA ARG G 370 0.34 1.34 -38.24
C ARG G 370 -0.06 0.69 -39.56
N PRO G 371 -1.34 0.37 -39.75
CA PRO G 371 -1.75 -0.29 -40.99
C PRO G 371 -1.67 0.66 -42.18
N SER G 372 -1.41 0.07 -43.35
CA SER G 372 -1.36 0.88 -44.58
C SER G 372 -2.75 1.20 -45.11
N ASN G 373 -3.76 0.43 -44.74
CA ASN G 373 -5.13 0.75 -45.12
C ASN G 373 -5.54 2.08 -44.49
N LYS G 374 -6.16 2.94 -45.29
CA LYS G 374 -6.38 4.32 -44.85
C LYS G 374 -7.49 4.45 -43.82
N MET G 375 -8.56 3.65 -43.95
CA MET G 375 -9.64 3.74 -42.97
C MET G 375 -9.25 3.07 -41.66
N LEU G 376 -8.53 1.94 -41.73
CA LEU G 376 -7.99 1.35 -40.52
C LEU G 376 -6.85 2.18 -39.94
N GLY G 377 -6.12 2.90 -40.80
CA GLY G 377 -5.07 3.78 -40.31
C GLY G 377 -5.63 4.98 -39.56
N LYS G 378 -6.79 5.48 -40.00
CA LYS G 378 -7.44 6.58 -39.29
C LYS G 378 -7.92 6.14 -37.92
N ILE G 379 -8.48 4.93 -37.82
CA ILE G 379 -8.89 4.41 -36.52
C ILE G 379 -7.67 4.19 -35.63
N TYR G 380 -6.58 3.69 -36.21
CA TYR G 380 -5.35 3.47 -35.45
C TYR G 380 -4.80 4.77 -34.89
N ASP G 381 -4.88 5.85 -35.67
CA ASP G 381 -4.34 7.12 -35.22
C ASP G 381 -5.10 7.66 -34.02
N TYR G 382 -6.43 7.62 -34.07
CA TYR G 382 -7.21 8.16 -32.96
C TYR G 382 -7.07 7.30 -31.71
N VAL G 383 -6.96 5.99 -31.86
CA VAL G 383 -6.83 5.10 -30.72
C VAL G 383 -5.45 5.29 -30.07
N MET G 384 -4.39 5.17 -30.86
CA MET G 384 -3.05 5.18 -30.30
C MET G 384 -2.68 6.55 -29.73
N HIS G 385 -3.00 7.62 -30.46
CA HIS G 385 -2.70 8.97 -29.95
C HIS G 385 -3.44 9.23 -28.65
N SER G 386 -4.68 8.76 -28.54
CA SER G 386 -5.41 8.88 -27.27
C SER G 386 -4.69 8.13 -26.16
N LEU G 387 -4.27 6.90 -26.43
CA LEU G 387 -3.58 6.10 -25.43
C LEU G 387 -2.18 6.61 -25.13
N ILE G 388 -1.55 7.30 -26.08
CA ILE G 388 -0.19 7.79 -25.87
C ILE G 388 -0.21 9.08 -25.06
N HIS G 389 -1.01 10.06 -25.48
CA HIS G 389 -1.00 11.37 -24.86
C HIS G 389 -1.76 11.42 -23.54
N PHE G 390 -2.62 10.45 -23.27
CA PHE G 390 -3.34 10.37 -22.01
C PHE G 390 -2.80 9.30 -21.07
N GLN G 391 -1.66 8.69 -21.41
CA GLN G 391 -1.13 7.62 -20.57
C GLN G 391 -0.74 8.14 -19.19
N GLY G 392 -0.13 9.33 -19.13
CA GLY G 392 0.22 9.89 -17.84
C GLY G 392 -0.99 10.16 -16.97
N PHE G 393 -2.10 10.58 -17.58
CA PHE G 393 -3.32 10.80 -16.83
C PHE G 393 -3.90 9.49 -16.32
N PHE G 394 -3.82 8.42 -17.14
CA PHE G 394 -4.33 7.13 -16.71
C PHE G 394 -3.52 6.58 -15.54
N VAL G 395 -2.19 6.72 -15.59
CA VAL G 395 -1.34 6.20 -14.53
C VAL G 395 -1.58 6.97 -13.24
N ALA G 396 -1.69 8.30 -13.31
CA ALA G 396 -1.96 9.08 -12.12
C ALA G 396 -3.32 8.76 -11.52
N THR G 397 -4.30 8.41 -12.36
CA THR G 397 -5.63 8.12 -11.86
C THR G 397 -5.69 6.74 -11.20
N ILE G 398 -5.10 5.74 -11.85
CA ILE G 398 -5.19 4.37 -11.36
C ILE G 398 -4.35 4.19 -10.09
N TYR G 399 -3.14 4.73 -10.10
CA TYR G 399 -2.16 4.40 -9.06
C TYR G 399 -2.07 5.45 -7.96
N CYS G 400 -2.70 6.61 -8.13
CA CYS G 400 -2.74 7.60 -7.05
C CYS G 400 -4.17 7.92 -6.61
N PHE G 401 -5.06 8.29 -7.55
CA PHE G 401 -6.38 8.76 -7.17
C PHE G 401 -7.29 7.61 -6.75
N CYS G 402 -7.33 6.54 -7.53
CA CYS G 402 -8.15 5.38 -7.21
C CYS G 402 -7.47 4.41 -6.26
N ASN G 403 -6.24 4.68 -5.86
CA ASN G 403 -5.55 3.83 -4.89
C ASN G 403 -6.23 3.94 -3.53
N ASN G 404 -6.68 2.80 -3.00
CA ASN G 404 -7.44 2.83 -1.74
C ASN G 404 -6.59 3.32 -0.58
N GLU G 405 -5.29 2.99 -0.58
CA GLU G 405 -4.41 3.45 0.49
C GLU G 405 -4.26 4.97 0.45
N VAL G 406 -4.22 5.55 -0.74
CA VAL G 406 -4.12 7.01 -0.85
C VAL G 406 -5.43 7.66 -0.42
N GLN G 407 -6.56 7.05 -0.76
CA GLN G 407 -7.85 7.63 -0.42
C GLN G 407 -8.07 7.67 1.08
N THR G 408 -7.79 6.56 1.77
CA THR G 408 -7.99 6.51 3.22
C THR G 408 -7.04 7.46 3.93
N THR G 409 -5.82 7.60 3.43
CA THR G 409 -4.85 8.50 4.06
C THR G 409 -5.24 9.95 3.86
N VAL G 410 -5.63 10.32 2.65
CA VAL G 410 -6.00 11.71 2.38
C VAL G 410 -7.29 12.08 3.11
N LYS G 411 -8.24 11.15 3.17
CA LYS G 411 -9.50 11.43 3.85
C LYS G 411 -9.28 11.63 5.34
N ARG G 412 -8.30 10.93 5.92
CA ARG G 412 -8.03 11.09 7.35
C ARG G 412 -7.36 12.43 7.64
N GLN G 413 -6.30 12.76 6.89
CA GLN G 413 -5.60 14.02 7.12
C GLN G 413 -6.49 15.22 6.82
N TRP G 414 -7.41 15.09 5.86
CA TRP G 414 -8.35 16.16 5.59
C TRP G 414 -9.38 16.29 6.70
N ALA G 415 -9.81 15.15 7.27
CA ALA G 415 -10.77 15.18 8.36
C ALA G 415 -10.16 15.81 9.61
N GLN G 416 -8.86 15.58 9.85
CA GLN G 416 -8.20 16.20 10.99
C GLN G 416 -8.05 17.70 10.78
N PHE G 417 -7.81 18.12 9.54
CA PHE G 417 -7.67 19.54 9.22
C PHE G 417 -9.03 20.17 8.94
O01 D6M H . -1.08 27.88 -27.79
C02 D6M H . -1.33 26.79 -28.18
N03 D6M H . -1.53 26.55 -29.59
C04 D6M H . -1.40 27.65 -30.54
C05 D6M H . -0.33 27.31 -31.57
C06 D6M H . -0.84 26.34 -32.64
C07 D6M H . -0.58 26.86 -34.06
O08 D6M H . -0.57 28.02 -34.27
C09 D6M H . -2.74 27.88 -31.23
O10 D6M H . -2.88 28.87 -32.02
O11 D6M H . -3.70 27.11 -31.02
C12 D6M H . -1.46 25.63 -27.18
C13 D6M H . -1.50 26.10 -25.73
C14 D6M H . -0.49 25.36 -24.86
C15 D6M H . -1.16 24.63 -23.69
C16 D6M H . -0.33 24.71 -22.41
C17 D6M H . -1.17 24.38 -21.17
C18 D6M H . -0.35 23.77 -20.04
C19 D6M H . -1.10 23.78 -18.71
C20 D6M H . -0.50 22.83 -17.69
C21 D6M H . -0.87 23.20 -16.25
C22 D6M H . -0.45 22.13 -15.25
C23 D6M H . 0.04 22.74 -13.93
C24 D6M H . -0.06 21.74 -12.78
C25 D6M H . -0.97 22.23 -11.65
C26 D6M H . -0.61 23.65 -11.19
C1 NAG I . 19.04 10.51 -75.25
C2 NAG I . 18.86 9.32 -76.20
C3 NAG I . 19.80 9.43 -77.40
C4 NAG I . 19.65 10.79 -78.07
C5 NAG I . 19.82 11.91 -77.04
C6 NAG I . 19.57 13.28 -77.62
C7 NAG I . 18.06 7.26 -75.14
C8 NAG I . 16.68 7.71 -75.48
N2 NAG I . 19.07 8.06 -75.51
O3 NAG I . 19.50 8.40 -78.33
O4 NAG I . 20.64 10.95 -79.09
O5 NAG I . 18.87 11.73 -75.97
O6 NAG I . 20.42 13.52 -78.73
O7 NAG I . 18.27 6.20 -74.55
C1 NAG J . -0.44 9.98 -78.99
C2 NAG J . -1.59 10.74 -79.69
C3 NAG J . -2.60 9.75 -80.31
C4 NAG J . -1.89 8.71 -81.16
C5 NAG J . -0.86 8.00 -80.31
C6 NAG J . -0.08 6.95 -81.08
C7 NAG J . -3.12 12.58 -79.10
C8 NAG J . -3.73 13.37 -77.97
N2 NAG J . -2.28 11.61 -78.74
O3 NAG J . -3.54 10.46 -81.11
O4 NAG J . -2.83 7.76 -81.65
O5 NAG J . 0.09 8.97 -79.85
O6 NAG J . 0.27 7.43 -82.37
O7 NAG J . -3.38 12.81 -80.27
C1 NAG K . -1.26 7.94 -61.18
C2 NAG K . -1.93 7.00 -62.17
C3 NAG K . -3.33 6.65 -61.69
C4 NAG K . -3.29 6.09 -60.27
C5 NAG K . -2.57 7.08 -59.35
C6 NAG K . -2.38 6.56 -57.95
C7 NAG K . -1.47 7.01 -64.59
C8 NAG K . -1.63 7.76 -65.87
N2 NAG K . -1.99 7.59 -63.50
O3 NAG K . -3.90 5.67 -62.57
O4 NAG K . -4.60 5.87 -59.78
O5 NAG K . -1.26 7.35 -59.88
O6 NAG K . -1.00 6.48 -57.60
O7 NAG K . -0.90 5.92 -64.52
C1 PLM L . 12.22 -2.74 -41.90
O1 PLM L . 13.35 -2.31 -41.57
O2 PLM L . 12.01 -3.39 -42.94
C2 PLM L . 11.04 -2.46 -40.99
C3 PLM L . 11.13 -3.01 -39.60
C4 PLM L . 12.10 -2.24 -38.72
C5 PLM L . 12.15 -2.71 -37.28
C6 PLM L . 10.79 -2.78 -36.61
C7 PLM L . 10.84 -2.98 -35.12
C8 PLM L . 11.62 -4.19 -34.66
C9 PLM L . 11.53 -4.47 -33.19
CA PLM L . 12.37 -5.64 -32.72
CB PLM L . 12.15 -6.02 -31.28
CC PLM L . 12.97 -7.19 -30.82
CD PLM L . 12.60 -7.72 -29.45
CE PLM L . 13.43 -8.90 -29.00
CF PLM L . 12.99 -9.52 -27.70
CG PLM L . 13.03 -8.59 -26.52
C1 PLM M . 9.18 -5.17 -42.70
O1 PLM M . 9.22 -5.13 -43.94
O2 PLM M . 9.98 -5.83 -42.00
C2 PLM M . 8.09 -4.40 -41.98
C3 PLM M . 7.96 -4.69 -40.52
C4 PLM M . 6.56 -5.10 -40.13
C5 PLM M . 6.32 -5.14 -38.64
C6 PLM M . 4.94 -5.58 -38.25
C7 PLM M . 4.90 -6.41 -36.99
C8 PLM M . 4.68 -5.61 -35.72
C9 PLM M . 5.28 -4.24 -35.74
CA PLM M . 6.79 -4.22 -35.79
CB PLM M . 7.44 -3.90 -34.46
CC PLM M . 8.08 -5.09 -33.79
CD PLM M . 7.86 -5.13 -32.29
CE PLM M . 6.44 -5.43 -31.89
CF PLM M . 6.31 -6.57 -30.91
CG PLM M . 7.37 -7.62 -31.10
C1 PLM N . -0.73 -3.90 -42.81
O1 PLM N . -1.08 -5.02 -43.24
O2 PLM N . -0.51 -2.92 -43.56
C2 PLM N . -0.54 -3.72 -41.32
C3 PLM N . -0.89 -4.92 -40.49
C4 PLM N . -0.67 -4.70 -39.01
C5 PLM N . -1.07 -5.87 -38.14
C6 PLM N . -0.31 -7.14 -38.43
C7 PLM N . 1.16 -7.07 -38.13
C8 PLM N . 1.49 -6.87 -36.67
C9 PLM N . 0.87 -7.91 -35.76
CA PLM N . 1.26 -7.79 -34.31
CB PLM N . 0.59 -8.79 -33.41
CC PLM N . 1.11 -8.79 -31.98
CD PLM N . 2.56 -9.15 -31.86
CE PLM N . 3.08 -9.15 -30.44
CF PLM N . 4.53 -9.54 -30.32
CG PLM N . 5.04 -9.56 -28.90
C1 PLM O . -3.27 -18.96 -17.88
O1 PLM O . -4.25 -19.72 -17.77
O2 PLM O . -2.37 -18.85 -17.03
C2 PLM O . -3.16 -18.12 -19.15
C3 PLM O . -3.12 -16.65 -18.91
C4 PLM O . -3.09 -15.85 -20.20
C5 PLM O . -3.05 -14.35 -20.01
C6 PLM O . -3.15 -13.56 -21.29
C7 PLM O . -3.15 -12.07 -21.08
C8 PLM O . -3.35 -11.26 -22.35
C9 PLM O . -3.37 -9.77 -22.12
CA PLM O . -3.72 -8.95 -23.34
CB PLM O . -3.80 -7.47 -23.08
CC PLM O . -4.31 -6.65 -24.24
CD PLM O . -4.43 -5.17 -23.94
CE PLM O . -5.03 -4.35 -25.06
CF PLM O . -5.17 -2.89 -24.74
CG PLM O . -5.83 -2.09 -25.84
C1 PLM P . 28.97 18.67 -40.41
O1 PLM P . 29.96 17.93 -40.28
O2 PLM P . 28.46 18.98 -41.51
C2 PLM P . 28.32 19.22 -39.14
C3 PLM P . 27.85 18.16 -38.19
C4 PLM P . 27.19 18.76 -36.95
C5 PLM P . 25.95 19.59 -37.24
C6 PLM P . 25.27 20.12 -36.01
C7 PLM P . 24.86 19.05 -35.03
C8 PLM P . 24.22 19.59 -33.77
C9 PLM P . 23.97 18.54 -32.72
CA PLM P . 23.47 19.09 -31.40
CB PLM P . 23.40 18.07 -30.29
CC PLM P . 23.06 18.66 -28.95
CD PLM P . 23.20 17.70 -27.79
CE PLM P . 23.01 18.33 -26.44
CF PLM P . 23.25 17.42 -25.27
CG PLM P . 23.09 18.12 -23.93
C1 PLM Q . 31.94 12.52 -34.42
O1 PLM Q . 32.67 12.55 -33.41
O2 PLM Q . 32.25 11.89 -35.46
C2 PLM Q . 30.63 13.25 -34.39
C3 PLM Q . 30.74 14.74 -34.27
C4 PLM Q . 29.40 15.43 -34.14
C5 PLM Q . 28.63 15.04 -32.90
C6 PLM Q . 27.32 15.75 -32.72
C7 PLM Q . 26.61 15.42 -31.43
C8 PLM Q . 27.42 15.73 -30.20
C9 PLM Q . 26.77 15.32 -28.89
CA PLM Q . 26.38 13.86 -28.85
CB PLM Q . 26.06 13.35 -27.46
CC PLM Q . 27.22 13.38 -26.51
CD PLM Q . 26.99 12.64 -25.21
CE PLM Q . 25.84 13.17 -24.38
CF PLM Q . 26.04 14.58 -23.88
CG PLM Q . 24.92 15.05 -23.00
C1 PLM R . 24.50 30.63 -29.73
O1 PLM R . 24.21 31.00 -30.88
O2 PLM R . 25.25 31.26 -28.96
C2 PLM R . 23.90 29.32 -29.22
C3 PLM R . 22.41 29.30 -29.21
C4 PLM R . 21.83 28.00 -28.67
C5 PLM R . 22.20 27.69 -27.24
C6 PLM R . 21.39 26.56 -26.64
C7 PLM R . 19.90 26.83 -26.63
C8 PLM R . 19.06 25.68 -26.15
C9 PLM R . 17.58 25.92 -26.29
CA PLM R . 16.69 24.73 -25.97
CB PLM R . 16.69 24.32 -24.52
CC PLM R . 15.67 23.26 -24.19
CD PLM R . 15.56 22.94 -22.72
CE PLM R . 14.46 21.96 -22.39
CF PLM R . 14.29 21.66 -20.93
CG PLM R . 13.15 20.72 -20.63
C1 PLM S . -14.29 7.42 -37.59
O1 PLM S . -14.13 8.62 -37.30
O2 PLM S . -15.02 7.03 -38.52
C2 PLM S . -13.55 6.38 -36.76
C3 PLM S . -13.87 6.41 -35.30
C4 PLM S . -13.14 5.33 -34.52
C5 PLM S . -13.46 5.28 -33.05
C6 PLM S . -13.08 6.54 -32.29
C7 PLM S . -13.39 6.48 -30.81
C8 PLM S . -12.67 5.36 -30.09
C9 PLM S . -11.18 5.39 -30.23
CA PLM S . -10.50 6.56 -29.56
CB PLM S . -10.22 6.37 -28.10
CC PLM S . -9.26 5.24 -27.79
CD PLM S . -8.76 5.20 -26.37
CE PLM S . -9.84 5.05 -25.32
CF PLM S . -9.30 5.02 -23.92
CG PLM S . -10.36 4.81 -22.87
C4 P42 T . -12.47 19.67 -38.97
C5 P42 T . -11.10 20.27 -38.83
C6 P42 T . -11.64 22.50 -39.68
C7 P42 T . -9.33 21.79 -39.62
C8 P42 T . -10.86 20.80 -41.22
CBX P42 T . -11.55 13.48 -17.50
CBV P42 T . -11.39 13.13 -18.96
CBS P42 T . -10.42 12.00 -19.21
CBH P42 T . -10.25 11.63 -20.67
CAQ P42 T . -9.27 10.51 -20.91
CAP P42 T . -9.13 10.14 -22.36
CAO P42 T . -10.41 9.67 -23.01
CAN P42 T . -10.36 9.58 -24.51
CAM P42 T . -10.04 10.90 -25.19
CAL P42 T . -10.35 10.91 -26.67
CAK P42 T . -11.78 10.61 -27.00
CAJ P42 T . -12.17 10.84 -28.44
CAI P42 T . -11.37 10.06 -29.44
CAH P42 T . -11.90 10.16 -30.86
CAG P42 T . -11.96 11.56 -31.40
CAF P42 T . -12.76 11.70 -32.67
CAE P42 T . -12.77 13.10 -33.23
CAD P42 T . -13.78 13.28 -34.35
OAA P42 T . -13.54 12.32 -35.38
OAC P42 T . -13.65 14.60 -34.84
CAB P42 T . -13.81 15.61 -33.83
CBE P42 T . -12.95 16.80 -34.20
CBK P42 T . -13.55 17.70 -35.26
OBL P42 T . -13.76 16.96 -36.49
PBM P42 T . -13.99 17.81 -37.85
OBF P42 T . -15.15 18.73 -37.64
OBU P42 T . -13.98 16.84 -39.00
OBN P42 T . -12.64 18.69 -37.91
OBD P42 T . -12.71 17.59 -33.03
CBC P42 T . -13.69 18.54 -32.64
OBJ P42 T . -14.88 17.94 -32.18
CBB P42 T . -13.07 19.35 -31.52
CBA P42 T . -11.71 19.86 -31.95
CAZ P42 T . -10.86 20.36 -30.82
CAY P42 T . -10.66 19.35 -29.72
CAX P42 T . -10.03 18.05 -30.16
CAW P42 T . -10.03 16.98 -29.10
CAV P42 T . -9.29 17.36 -27.84
CAU P42 T . -9.46 16.39 -26.70
CAT P42 T . -10.88 16.22 -26.24
CAS P42 T . -11.05 15.29 -25.07
CAR P42 T . -10.23 15.65 -23.86
CBI P42 T . -10.48 14.78 -22.65
CBT P42 T . -11.87 14.90 -22.09
CBW P42 T . -12.23 16.27 -21.57
CBY P42 T . -11.34 16.74 -20.45
N P42 T . -10.73 21.34 -39.84
CAA Y01 U . 15.83 18.21 -20.24
CBA Y01 U . 16.94 17.64 -19.37
CAB Y01 U . 18.11 18.60 -19.30
CAN Y01 U . 16.42 17.29 -17.98
CAJ Y01 U . 17.38 16.57 -17.08
CAO Y01 U . 16.82 16.33 -15.69
CBB Y01 U . 17.63 15.38 -14.79
CAC Y01 U . 19.01 15.96 -14.51
CBE Y01 U . 16.83 15.06 -13.52
CAP Y01 U . 15.32 14.85 -13.83
CAQ Y01 U . 14.85 13.67 -12.96
CBG Y01 U . 15.90 13.62 -11.87
CBI Y01 U . 17.22 13.83 -12.64
CAE Y01 U . 17.57 12.63 -13.53
CAU Y01 U . 18.30 14.06 -11.58
CAS Y01 U . 18.40 12.87 -10.61
CBF Y01 U . 17.07 12.56 -9.91
CBD Y01 U . 15.91 12.43 -10.92
CAK Y01 U . 14.58 12.33 -10.19
CAI Y01 U . 14.66 11.41 -9.00
CAZ Y01 U . 15.77 10.90 -8.51
CAV Y01 U . 15.73 9.88 -7.39
CBH Y01 U . 17.16 11.33 -8.97
CAD Y01 U . 17.82 10.12 -9.66
CAT Y01 U . 17.97 11.72 -7.71
CAR Y01 U . 17.93 10.67 -6.59
CBC Y01 U . 16.51 10.35 -6.19
OAW Y01 U . 16.51 9.28 -5.20
CAY Y01 U . 15.40 9.03 -4.50
OAG Y01 U . 15.11 7.94 -4.10
CAM Y01 U . 14.62 10.28 -4.20
CAL Y01 U . 13.18 10.12 -3.73
CAX Y01 U . 12.98 9.27 -2.49
OAH Y01 U . 13.61 9.58 -1.45
OAF Y01 U . 12.20 8.30 -2.56
CAA Y01 V . 20.45 14.40 -21.45
CBA Y01 V . 20.67 15.39 -20.31
CAB Y01 V . 22.06 16.01 -20.40
CAN Y01 V . 20.45 14.74 -18.96
CAJ Y01 V . 21.39 13.61 -18.64
CAO Y01 V . 21.53 13.37 -17.18
CBB Y01 V . 22.68 12.42 -16.78
CAC Y01 V . 23.99 12.93 -17.37
CBE Y01 V . 22.75 12.27 -15.25
CAP Y01 V . 22.13 13.48 -14.50
CAQ Y01 V . 21.70 12.95 -13.12
CBG Y01 V . 22.24 11.53 -13.08
CBI Y01 V . 22.11 11.04 -14.54
CAE Y01 V . 20.65 10.86 -14.97
CAU Y01 V . 22.88 9.72 -14.63
CAS Y01 V . 22.36 8.69 -13.63
CBF Y01 V . 22.38 9.20 -12.17
CBD Y01 V . 21.68 10.57 -12.04
CAK Y01 V . 21.90 11.12 -10.63
CAI Y01 V . 21.78 10.07 -9.58
CAZ Y01 V . 21.58 8.79 -9.82
CAV Y01 V . 21.20 7.83 -8.71
CBH Y01 V . 21.75 8.16 -11.20
CAD Y01 V . 20.38 7.69 -11.70
CAT Y01 V . 22.71 6.95 -11.05
CAR Y01 V . 22.33 5.99 -9.91
CBC Y01 V . 22.22 6.72 -8.59
OAW Y01 V . 21.75 5.79 -7.58
CAY Y01 V . 21.90 6.10 -6.29
OAG Y01 V . 22.24 7.17 -5.90
CAM Y01 V . 21.59 4.93 -5.40
CAL Y01 V . 20.43 5.06 -4.43
CAX Y01 V . 20.16 3.82 -3.60
OAH Y01 V . 20.24 3.91 -2.37
OAF Y01 V . 19.87 2.76 -4.20
#